data_7PM2
#
_entry.id   7PM2
#
_cell.length_a   1.00
_cell.length_b   1.00
_cell.length_c   1.00
_cell.angle_alpha   90.00
_cell.angle_beta   90.00
_cell.angle_gamma   90.00
#
_symmetry.space_group_name_H-M   'P 1'
#
loop_
_entity.id
_entity.type
_entity.pdbx_description
1 polymer 'Myosin light chain 6B'
2 polymer 'Unconventional myosin-Va'
3 polymer 'Actin, alpha skeletal muscle'
4 non-polymer "ADENOSINE-5'-DIPHOSPHATE"
5 non-polymer 'PHOSPHATE ION'
6 non-polymer 'MAGNESIUM ION'
7 non-polymer Jasplakinolide
#
loop_
_entity_poly.entity_id
_entity_poly.type
_entity_poly.pdbx_seq_one_letter_code
_entity_poly.pdbx_strand_id
1 'polypeptide(L)'
;MIEFNKDQLEEFKEAFELFDRVGDGKILYSQCGDVMRALGQNPTNAEVLKVLGNPKSDELKSRRVDFETFLPMLQAVAKN
RGQGTYEDYLEGFRVFDKEGNGKVMGAELRHVLTTLGEKMTEEEVETVLAGHEDSNGCINYEAFLKHILSV
;
B
2 'polypeptide(L)'
;MAASELYTKYARVWIPDPEEVWKSAELLKDYKPGDKVLQLRLEEGKDLEYCLDPKTKELPPLRNPDILVGENDLTALSYL
HEPAVLHNLKVRFIDSKLIYTYCGIVLVAINPYEQLPIYGEDIINAYSGQNMGDMDPHIFAVAEEAYKQMARDERNQSII
VSGESGAGKTVSAKYAMRYFATVSGSASEANVEEKVLASNPIMESIGNAKTTRNDNSSRFGKYIEIGFDKRYRIIGANMR
TYLLEKSRVVFQAEEERNYHIFYQLCASAALPEFKTLRLGNANYFHYTKQGGSPVIDGIDDAKEMVNTRQACTLLGISDS
YQMGIFRILAGILHLGNVEFASRDSDSCAIPPKHDPLTIFCDLMGVDYEEMAHWLCHRKLATATETYIKPISKLHAINAR
DALAKHIYANLFNWIVDHVNKALHSTVKQHSFIGVLDIYGFETFEINSFEQFCINYANEKLQQQFNMHVFKLEQEEYMKE
QIPWTLIDFYDNQPCINLIEAKMGVLDLLDEECKMPKGSDDTWAQKLYNTHLNKCALFEKPRLSNKAFIIKHFADKVEYQ
CEGFLEKNKDTVYEEQIKVLKSSKKFKLLPELFQDEEKAISPTSATPSGRVPLSRTPVKPAKARPGQTSKEHKKTVGHQF
RNSLHLLMETLNATTPHYVRCIKPNDFKFPFTFDEKRAVQQLRACGVLETIRISAAGFPSRWTYQEFFSRYRVLMKQKDV
LSDRKQTCKNVLEKLILDKDKYQFGKTKIFFRAGQVAYLEKIRADKLRAACIRIQKTIRGWLMRKKYMRMRR
;
A
3 'polypeptide(L)'
;MCDEDETTALVCDNGSGLVKAGFAGDDAPRAVFPSIVGRPRHQGVMVGMGQKDSYVGDEAQSKRGILTLKYPIE(HIC)G
IITNWDDMEKIWHHTFYNELRVAPEEHPTLLTEAPLNPKANREKMTQIMFETFNVPAMYVAIQAVLSLYASGRTTGIVLD
SGDGVTHNVPIYEGYALPHAIMRLDLAGRDLTDYLMKILTERGYSFVTTAEREIVRDIKEKLCYVALDFENEMATAASSS
SLEKSYELPDGQVITIGNERFRCPETLFQPSFIGMESAGIHETTYNSIMKCDIDIRKDLYANNVMSGGTTMYPGIADRMQ
KEITALAPSTMKIKIIAPPERKYSVWIGGSILASLSTFQQMWITKQEYDEAGPSIVHRKCF
;
C
#
loop_
_chem_comp.id
_chem_comp.type
_chem_comp.name
_chem_comp.formula
9UE non-polymer Jasplakinolide 'C36 H45 Br N4 O6'
ADP non-polymer ADENOSINE-5'-DIPHOSPHATE 'C10 H15 N5 O10 P2'
MG non-polymer 'MAGNESIUM ION' 'Mg 2'
PO4 non-polymer 'PHOSPHATE ION' 'O4 P -3'
#
# COMPACT_ATOMS: atom_id res chain seq x y z
N PHE A 4 -10.54 16.78 -80.97
CA PHE A 4 -10.54 15.78 -82.03
C PHE A 4 -11.02 16.39 -83.34
N ASN A 5 -10.30 16.09 -84.42
CA ASN A 5 -10.66 16.50 -85.77
C ASN A 5 -11.62 15.52 -86.42
N LYS A 6 -12.12 15.91 -87.60
CA LYS A 6 -13.10 15.10 -88.33
C LYS A 6 -12.60 13.68 -88.57
N ASP A 7 -11.34 13.51 -88.95
CA ASP A 7 -10.83 12.16 -89.17
C ASP A 7 -10.86 11.35 -87.88
N GLN A 8 -10.36 11.96 -86.81
CA GLN A 8 -10.40 11.32 -85.49
C GLN A 8 -11.84 11.06 -85.08
N LEU A 9 -12.71 12.06 -85.27
CA LEU A 9 -14.11 11.88 -84.91
C LEU A 9 -14.77 10.76 -85.70
N GLU A 10 -14.35 10.55 -86.95
CA GLU A 10 -14.93 9.48 -87.77
C GLU A 10 -14.45 8.12 -87.27
N GLU A 11 -13.16 8.00 -86.98
CA GLU A 11 -12.64 6.74 -86.47
C GLU A 11 -13.26 6.42 -85.11
N PHE A 12 -13.39 7.44 -84.27
CA PHE A 12 -13.94 7.25 -82.94
C PHE A 12 -15.42 6.91 -83.04
N LYS A 13 -16.15 7.53 -83.97
CA LYS A 13 -17.57 7.24 -84.11
C LYS A 13 -17.76 5.81 -84.58
N GLU A 14 -16.92 5.37 -85.53
CA GLU A 14 -17.02 3.98 -86.00
C GLU A 14 -16.80 3.02 -84.85
N ALA A 15 -15.76 3.30 -84.04
CA ALA A 15 -15.49 2.48 -82.87
C ALA A 15 -16.68 2.48 -81.92
N PHE A 16 -17.22 3.67 -81.65
CA PHE A 16 -18.39 3.80 -80.80
C PHE A 16 -19.54 2.95 -81.31
N GLU A 17 -19.76 2.96 -82.63
CA GLU A 17 -20.87 2.18 -83.17
C GLU A 17 -20.61 0.69 -83.04
N LEU A 18 -19.34 0.28 -83.10
CA LEU A 18 -19.04 -1.12 -82.84
C LEU A 18 -19.44 -1.52 -81.43
N PHE A 19 -19.39 -0.59 -80.47
CA PHE A 19 -19.76 -0.88 -79.10
C PHE A 19 -21.26 -0.72 -78.84
N ASP A 20 -22.01 -0.22 -79.81
CA ASP A 20 -23.46 -0.08 -79.64
C ASP A 20 -24.10 -1.45 -79.82
N ARG A 21 -24.55 -2.03 -78.71
CA ARG A 21 -25.14 -3.37 -78.72
C ARG A 21 -26.67 -3.35 -78.76
N VAL A 22 -27.28 -2.18 -78.96
CA VAL A 22 -28.73 -2.07 -78.99
C VAL A 22 -29.25 -1.46 -80.28
N GLY A 23 -28.40 -0.84 -81.09
CA GLY A 23 -28.82 -0.24 -82.34
C GLY A 23 -29.38 1.16 -82.28
N ASP A 24 -29.49 1.77 -81.11
CA ASP A 24 -30.04 3.12 -80.99
C ASP A 24 -28.99 4.20 -81.16
N GLY A 25 -27.78 3.84 -81.60
CA GLY A 25 -26.70 4.79 -81.76
C GLY A 25 -26.07 5.25 -80.47
N LYS A 26 -26.26 4.50 -79.39
CA LYS A 26 -25.81 4.90 -78.06
C LYS A 26 -25.03 3.75 -77.43
N ILE A 27 -24.21 4.08 -76.44
CA ILE A 27 -23.61 3.09 -75.57
C ILE A 27 -24.08 3.37 -74.14
N LEU A 28 -23.84 2.42 -73.25
CA LEU A 28 -24.08 2.66 -71.85
C LEU A 28 -22.94 3.46 -71.24
N TYR A 29 -23.25 4.17 -70.14
CA TYR A 29 -22.19 4.79 -69.34
C TYR A 29 -21.10 3.80 -68.97
N SER A 30 -21.49 2.58 -68.58
CA SER A 30 -20.50 1.60 -68.12
C SER A 30 -19.58 1.15 -69.24
N GLN A 31 -19.99 1.32 -70.50
CA GLN A 31 -19.12 1.01 -71.62
C GLN A 31 -18.24 2.19 -72.02
N CYS A 32 -18.54 3.41 -71.54
CA CYS A 32 -17.79 4.58 -71.97
C CYS A 32 -16.29 4.40 -71.68
N GLY A 33 -15.97 3.97 -70.47
CA GLY A 33 -14.58 3.70 -70.12
C GLY A 33 -13.94 2.67 -71.03
N ASP A 34 -14.69 1.61 -71.34
CA ASP A 34 -14.20 0.55 -72.21
C ASP A 34 -13.89 1.11 -73.59
N VAL A 35 -14.75 1.99 -74.09
CA VAL A 35 -14.54 2.59 -75.40
C VAL A 35 -13.32 3.50 -75.35
N MET A 36 -13.17 4.26 -74.28
CA MET A 36 -12.02 5.13 -74.13
C MET A 36 -10.73 4.33 -74.15
N ARG A 37 -10.72 3.19 -73.46
CA ARG A 37 -9.53 2.34 -73.46
C ARG A 37 -9.29 1.74 -74.84
N ALA A 38 -10.34 1.32 -75.53
CA ALA A 38 -10.19 0.84 -76.89
C ALA A 38 -9.68 1.94 -77.81
N LEU A 39 -9.91 3.20 -77.46
CA LEU A 39 -9.47 4.35 -78.25
C LEU A 39 -8.15 4.93 -77.76
N GLY A 40 -7.46 4.24 -76.87
CA GLY A 40 -6.14 4.64 -76.43
C GLY A 40 -6.06 5.32 -75.08
N GLN A 41 -7.17 5.59 -74.42
CA GLN A 41 -7.12 6.17 -73.09
C GLN A 41 -6.89 5.10 -72.04
N ASN A 42 -6.29 5.48 -70.92
CA ASN A 42 -6.09 4.57 -69.79
C ASN A 42 -6.62 5.18 -68.50
N PRO A 43 -7.92 5.45 -68.40
CA PRO A 43 -8.43 6.06 -67.17
C PRO A 43 -8.65 5.05 -66.05
N THR A 44 -8.48 5.52 -64.82
CA THR A 44 -8.80 4.70 -63.66
C THR A 44 -10.31 4.62 -63.50
N ASN A 45 -10.78 3.63 -62.73
CA ASN A 45 -12.20 3.59 -62.44
C ASN A 45 -12.66 4.86 -61.75
N ALA A 46 -11.80 5.42 -60.88
CA ALA A 46 -12.13 6.66 -60.19
C ALA A 46 -12.29 7.81 -61.18
N GLU A 47 -11.34 7.92 -62.12
CA GLU A 47 -11.41 8.96 -63.15
C GLU A 47 -12.65 8.79 -64.01
N VAL A 48 -13.00 7.55 -64.34
CA VAL A 48 -14.19 7.31 -65.14
C VAL A 48 -15.44 7.74 -64.39
N LEU A 49 -15.55 7.37 -63.11
CA LEU A 49 -16.72 7.79 -62.36
C LEU A 49 -16.77 9.30 -62.18
N LYS A 50 -15.61 9.94 -62.02
CA LYS A 50 -15.57 11.39 -61.88
C LYS A 50 -16.05 12.09 -63.14
N VAL A 51 -15.52 11.70 -64.31
CA VAL A 51 -15.98 12.30 -65.55
C VAL A 51 -17.42 11.92 -65.87
N LEU A 52 -17.89 10.78 -65.36
CA LEU A 52 -19.30 10.44 -65.54
C LEU A 52 -20.22 11.18 -64.57
N GLY A 53 -19.66 11.81 -63.54
CA GLY A 53 -20.47 12.54 -62.59
C GLY A 53 -20.90 11.70 -61.41
N ASN A 54 -20.10 10.69 -61.06
CA ASN A 54 -20.40 9.70 -60.03
C ASN A 54 -21.84 9.20 -60.22
N PRO A 55 -22.14 8.52 -61.33
CA PRO A 55 -23.51 8.10 -61.59
C PRO A 55 -23.98 7.04 -60.59
N LYS A 56 -25.30 6.99 -60.40
CA LYS A 56 -25.85 5.93 -59.59
C LYS A 56 -25.93 4.63 -60.40
N SER A 57 -26.00 3.51 -59.67
CA SER A 57 -26.07 2.18 -60.26
C SER A 57 -27.08 2.07 -61.41
N ASP A 58 -28.27 2.66 -61.23
CA ASP A 58 -29.34 2.49 -62.20
C ASP A 58 -28.99 3.14 -63.54
N GLU A 59 -28.52 4.38 -63.50
CA GLU A 59 -28.19 5.01 -64.76
C GLU A 59 -26.87 4.49 -65.30
N LEU A 60 -25.98 4.03 -64.43
CA LEU A 60 -24.75 3.41 -64.94
C LEU A 60 -25.07 2.15 -65.72
N LYS A 61 -26.10 1.41 -65.31
CA LYS A 61 -26.36 0.14 -65.95
C LYS A 61 -27.39 0.24 -67.09
N SER A 62 -28.18 1.31 -67.15
CA SER A 62 -29.26 1.33 -68.15
C SER A 62 -29.42 2.63 -68.90
N ARG A 63 -28.92 3.76 -68.41
CA ARG A 63 -29.01 5.02 -69.13
C ARG A 63 -28.05 5.02 -70.32
N ARG A 64 -28.54 5.45 -71.48
CA ARG A 64 -27.78 5.41 -72.73
C ARG A 64 -27.52 6.83 -73.24
N VAL A 65 -26.30 7.04 -73.75
CA VAL A 65 -25.86 8.33 -74.27
C VAL A 65 -25.34 8.13 -75.69
N ASP A 66 -25.64 9.08 -76.57
CA ASP A 66 -25.10 9.08 -77.91
C ASP A 66 -23.68 9.64 -77.95
N PHE A 67 -23.09 9.55 -79.14
CA PHE A 67 -21.70 9.96 -79.33
C PHE A 67 -21.47 11.41 -78.95
N GLU A 68 -22.45 12.29 -79.20
CA GLU A 68 -22.22 13.72 -79.02
C GLU A 68 -22.02 14.06 -77.56
N THR A 69 -22.71 13.36 -76.65
CA THR A 69 -22.55 13.60 -75.23
C THR A 69 -21.31 12.89 -74.69
N PHE A 70 -21.00 11.72 -75.26
CA PHE A 70 -19.80 10.98 -74.90
C PHE A 70 -18.53 11.77 -75.21
N LEU A 71 -18.52 12.49 -76.33
CA LEU A 71 -17.28 13.10 -76.81
C LEU A 71 -16.63 14.02 -75.77
N PRO A 72 -17.32 15.01 -75.19
CA PRO A 72 -16.69 15.81 -74.13
C PRO A 72 -16.08 14.97 -73.02
N MET A 73 -16.69 13.83 -72.69
CA MET A 73 -16.15 12.96 -71.64
C MET A 73 -14.83 12.33 -72.08
N LEU A 74 -14.78 11.83 -73.32
CA LEU A 74 -13.53 11.32 -73.86
C LEU A 74 -12.45 12.40 -73.84
N GLN A 75 -12.79 13.61 -74.30
CA GLN A 75 -11.85 14.72 -74.25
C GLN A 75 -11.33 14.94 -72.83
N ALA A 76 -12.26 15.01 -71.86
CA ALA A 76 -11.89 15.33 -70.49
C ALA A 76 -10.95 14.28 -69.91
N VAL A 77 -11.23 13.00 -70.19
CA VAL A 77 -10.33 11.93 -69.77
C VAL A 77 -8.98 12.08 -70.45
N ALA A 78 -8.98 12.39 -71.75
CA ALA A 78 -7.73 12.54 -72.48
C ALA A 78 -6.88 13.67 -71.93
N LYS A 79 -7.51 14.75 -71.49
CA LYS A 79 -6.78 15.88 -70.93
C LYS A 79 -6.60 15.74 -69.43
N TYR A 86 7.23 7.72 -68.14
CA TYR A 86 7.72 6.36 -68.33
C TYR A 86 8.53 5.92 -67.13
N GLU A 87 9.22 6.87 -66.50
CA GLU A 87 10.10 6.54 -65.38
C GLU A 87 9.31 6.07 -64.16
N ASP A 88 8.11 6.62 -63.95
CA ASP A 88 7.26 6.13 -62.88
C ASP A 88 6.77 4.71 -63.18
N TYR A 89 6.43 4.43 -64.45
CA TYR A 89 5.97 3.08 -64.77
C TYR A 89 7.08 2.06 -64.50
N LEU A 90 8.32 2.46 -64.79
CA LEU A 90 9.44 1.56 -64.56
C LEU A 90 9.67 1.36 -63.07
N GLU A 91 9.66 2.45 -62.30
CA GLU A 91 9.88 2.29 -60.86
C GLU A 91 8.75 1.47 -60.24
N GLY A 92 7.51 1.70 -60.70
CA GLY A 92 6.39 0.87 -60.28
C GLY A 92 6.61 -0.61 -60.50
N PHE A 93 7.21 -0.97 -61.63
CA PHE A 93 7.57 -2.38 -61.82
C PHE A 93 8.78 -2.78 -60.99
N ARG A 94 9.70 -1.86 -60.74
CA ARG A 94 10.89 -2.14 -59.95
C ARG A 94 10.54 -2.35 -58.49
N VAL A 95 9.34 -1.95 -58.11
CA VAL A 95 8.80 -2.26 -56.78
C VAL A 95 8.80 -3.75 -56.53
N PHE A 96 8.44 -4.55 -57.53
CA PHE A 96 8.24 -5.97 -57.34
C PHE A 96 9.45 -6.78 -57.78
N ASP A 97 10.56 -6.12 -58.09
CA ASP A 97 11.77 -6.79 -58.51
C ASP A 97 12.34 -7.63 -57.38
N GLY A 100 16.75 -7.85 -56.62
CA GLY A 100 16.74 -6.86 -57.68
C GLY A 100 17.33 -7.38 -58.98
N ASN A 101 17.02 -8.62 -59.33
CA ASN A 101 17.60 -9.27 -60.50
C ASN A 101 16.74 -9.11 -61.76
N GLY A 102 15.77 -8.20 -61.74
CA GLY A 102 14.97 -7.93 -62.91
C GLY A 102 13.83 -8.89 -63.17
N LYS A 103 13.43 -9.66 -62.16
CA LYS A 103 12.36 -10.64 -62.30
C LYS A 103 11.27 -10.34 -61.29
N VAL A 104 10.12 -11.01 -61.46
CA VAL A 104 9.01 -10.90 -60.53
C VAL A 104 8.32 -12.25 -60.47
N MET A 105 8.07 -12.75 -59.25
CA MET A 105 7.30 -13.98 -59.10
C MET A 105 5.93 -13.84 -59.76
N GLY A 106 5.48 -14.90 -60.42
CA GLY A 106 4.14 -14.88 -60.97
C GLY A 106 3.06 -14.90 -59.90
N ALA A 107 3.29 -15.68 -58.84
CA ALA A 107 2.36 -15.73 -57.72
C ALA A 107 2.21 -14.37 -57.05
N GLU A 108 3.31 -13.65 -56.84
CA GLU A 108 3.23 -12.37 -56.16
C GLU A 108 2.55 -11.31 -57.03
N LEU A 109 2.91 -11.23 -58.31
CA LEU A 109 2.21 -10.31 -59.20
C LEU A 109 0.73 -10.62 -59.27
N ARG A 110 0.37 -11.90 -59.34
CA ARG A 110 -1.03 -12.30 -59.35
C ARG A 110 -1.73 -11.85 -58.08
N HIS A 111 -1.10 -12.08 -56.92
CA HIS A 111 -1.68 -11.68 -55.65
C HIS A 111 -1.90 -10.18 -55.58
N VAL A 112 -0.90 -9.39 -55.97
CA VAL A 112 -1.04 -7.95 -55.80
C VAL A 112 -2.07 -7.39 -56.78
N LEU A 113 -2.13 -7.94 -58.00
CA LEU A 113 -3.09 -7.45 -58.97
C LEU A 113 -4.51 -7.87 -58.62
N THR A 114 -4.69 -9.00 -57.94
CA THR A 114 -6.01 -9.46 -57.53
C THR A 114 -6.41 -9.05 -56.11
N THR A 115 -5.53 -8.42 -55.34
CA THR A 115 -5.83 -8.08 -53.96
C THR A 115 -5.61 -6.62 -53.57
N LEU A 116 -4.83 -5.85 -54.33
CA LEU A 116 -4.66 -4.44 -54.02
C LEU A 116 -5.28 -3.57 -55.10
N GLY A 117 -5.45 -2.30 -54.75
CA GLY A 117 -5.92 -1.30 -55.69
C GLY A 117 -7.34 -1.58 -56.15
N GLU A 118 -7.57 -1.41 -57.45
CA GLU A 118 -8.88 -1.68 -58.04
C GLU A 118 -8.87 -3.13 -58.52
N LYS A 119 -9.13 -4.03 -57.57
CA LYS A 119 -8.87 -5.45 -57.76
C LYS A 119 -9.55 -5.99 -59.01
N MET A 120 -8.79 -6.75 -59.79
CA MET A 120 -9.29 -7.43 -60.97
C MET A 120 -9.57 -8.89 -60.65
N THR A 121 -10.23 -9.55 -61.59
CA THR A 121 -10.48 -10.98 -61.47
C THR A 121 -9.23 -11.78 -61.81
N GLU A 122 -9.19 -13.01 -61.29
CA GLU A 122 -8.10 -13.93 -61.58
C GLU A 122 -8.01 -14.28 -63.07
N GLU A 123 -9.15 -14.26 -63.76
CA GLU A 123 -9.16 -14.61 -65.19
C GLU A 123 -8.56 -13.50 -66.03
N GLU A 124 -8.86 -12.24 -65.71
CA GLU A 124 -8.22 -11.13 -66.39
C GLU A 124 -6.70 -11.18 -66.22
N VAL A 125 -6.24 -11.45 -64.99
CA VAL A 125 -4.82 -11.46 -64.72
C VAL A 125 -4.17 -12.64 -65.44
N GLU A 126 -4.86 -13.80 -65.47
CA GLU A 126 -4.31 -14.95 -66.16
C GLU A 126 -4.20 -14.65 -67.65
N THR A 127 -5.19 -13.94 -68.19
CA THR A 127 -5.24 -13.66 -69.61
C THR A 127 -4.08 -12.75 -70.00
N VAL A 128 -3.88 -11.66 -69.25
CA VAL A 128 -2.81 -10.74 -69.59
C VAL A 128 -1.45 -11.37 -69.30
N LEU A 129 -1.35 -12.23 -68.28
CA LEU A 129 -0.08 -12.83 -67.89
C LEU A 129 0.28 -14.06 -68.71
N ALA A 130 -0.66 -14.58 -69.51
CA ALA A 130 -0.42 -15.80 -70.27
C ALA A 130 0.73 -15.60 -71.26
N GLY A 131 1.72 -16.47 -71.16
CA GLY A 131 2.87 -16.44 -72.05
C GLY A 131 3.98 -15.50 -71.65
N HIS A 132 3.83 -14.75 -70.56
CA HIS A 132 4.82 -13.77 -70.15
C HIS A 132 5.73 -14.26 -69.03
N GLU A 133 5.37 -15.35 -68.35
CA GLU A 133 6.18 -15.90 -67.28
C GLU A 133 7.00 -17.08 -67.81
N ASP A 134 8.19 -17.25 -67.25
CA ASP A 134 9.09 -18.30 -67.72
C ASP A 134 8.87 -19.56 -66.88
N SER A 135 9.81 -20.51 -66.96
CA SER A 135 9.62 -21.78 -66.27
C SER A 135 9.77 -21.64 -64.76
N ASN A 136 10.70 -20.80 -64.32
CA ASN A 136 10.79 -20.45 -62.90
C ASN A 136 9.58 -19.67 -62.41
N GLY A 137 8.80 -19.08 -63.30
CA GLY A 137 7.72 -18.21 -62.90
C GLY A 137 8.24 -16.81 -62.65
N CYS A 138 9.04 -16.30 -63.57
CA CYS A 138 9.58 -14.95 -63.46
C CYS A 138 9.24 -14.17 -64.72
N ILE A 139 8.93 -12.89 -64.53
CA ILE A 139 8.56 -11.99 -65.62
C ILE A 139 9.64 -10.93 -65.78
N ASN A 140 10.16 -10.80 -66.99
CA ASN A 140 10.98 -9.64 -67.36
C ASN A 140 10.04 -8.44 -67.44
N TYR A 141 10.15 -7.54 -66.46
CA TYR A 141 9.15 -6.49 -66.35
C TYR A 141 9.37 -5.36 -67.35
N GLU A 142 10.60 -5.13 -67.80
CA GLU A 142 10.80 -4.14 -68.85
C GLU A 142 10.14 -4.60 -70.14
N ALA A 143 10.25 -5.89 -70.46
CA ALA A 143 9.60 -6.43 -71.65
C ALA A 143 8.09 -6.49 -71.47
N PHE A 144 7.61 -6.89 -70.30
CA PHE A 144 6.17 -6.90 -70.06
C PHE A 144 5.62 -5.49 -70.13
N LEU A 145 6.39 -4.50 -69.70
CA LEU A 145 5.91 -3.12 -69.69
C LEU A 145 5.85 -2.62 -71.12
N LYS A 146 6.90 -2.88 -71.91
CA LYS A 146 6.88 -2.48 -73.31
C LYS A 146 5.68 -3.12 -74.00
N HIS A 147 5.42 -4.39 -73.68
CA HIS A 147 4.30 -5.12 -74.26
C HIS A 147 2.98 -4.43 -73.94
N ILE A 148 2.76 -4.09 -72.67
CA ILE A 148 1.50 -3.47 -72.28
C ILE A 148 1.41 -2.02 -72.71
N LEU A 149 2.52 -1.41 -73.14
CA LEU A 149 2.50 -0.03 -73.62
C LEU A 149 2.35 0.03 -75.13
N SER A 150 2.60 -1.07 -75.84
CA SER A 150 2.55 -1.10 -77.30
C SER A 150 1.19 -0.69 -77.83
N GLU B 5 -2.24 14.38 -42.93
CA GLU B 5 -1.98 13.76 -41.65
C GLU B 5 -2.34 12.28 -41.65
N LEU B 6 -2.08 11.63 -40.50
CA LEU B 6 -2.34 10.21 -40.37
C LEU B 6 -3.79 9.86 -40.70
N TYR B 7 -4.72 10.70 -40.29
CA TYR B 7 -6.16 10.44 -40.47
C TYR B 7 -6.56 10.82 -41.88
N THR B 8 -6.59 9.83 -42.76
CA THR B 8 -7.04 9.98 -44.14
C THR B 8 -8.40 9.29 -44.32
N LYS B 9 -8.93 9.41 -45.53
CA LYS B 9 -9.87 8.42 -46.02
C LYS B 9 -9.30 7.02 -45.91
N TYR B 10 -10.17 6.06 -45.62
CA TYR B 10 -9.82 4.64 -45.61
C TYR B 10 -8.77 4.32 -44.54
N ALA B 11 -8.83 5.06 -43.43
CA ALA B 11 -8.06 4.82 -42.22
C ALA B 11 -9.04 4.63 -41.07
N ARG B 12 -8.60 3.94 -40.01
CA ARG B 12 -9.52 3.34 -39.06
C ARG B 12 -9.21 3.80 -37.65
N VAL B 13 -10.28 3.91 -36.85
CA VAL B 13 -10.23 4.46 -35.49
C VAL B 13 -11.13 3.63 -34.58
N TRP B 14 -11.04 3.91 -33.28
CA TRP B 14 -11.84 3.25 -32.26
C TRP B 14 -12.75 4.27 -31.60
N ILE B 15 -13.89 3.82 -31.09
CA ILE B 15 -14.80 4.71 -30.37
C ILE B 15 -15.34 4.05 -29.11
N PRO B 16 -15.78 4.86 -28.15
CA PRO B 16 -16.34 4.35 -26.89
C PRO B 16 -17.74 3.76 -27.08
N ASP B 17 -18.02 2.65 -26.39
CA ASP B 17 -19.35 2.05 -26.51
C ASP B 17 -19.79 1.40 -25.21
N PRO B 18 -21.11 1.38 -24.94
CA PRO B 18 -21.63 0.92 -23.65
C PRO B 18 -21.30 -0.51 -23.25
N GLU B 19 -21.17 -1.43 -24.20
CA GLU B 19 -21.13 -2.85 -23.89
C GLU B 19 -19.76 -3.47 -24.10
N GLU B 20 -18.92 -2.82 -24.88
CA GLU B 20 -17.52 -3.17 -25.04
C GLU B 20 -16.81 -1.84 -25.19
N VAL B 21 -15.57 -1.76 -24.71
CA VAL B 21 -15.04 -0.43 -24.40
C VAL B 21 -14.67 0.31 -25.67
N TRP B 22 -14.03 -0.36 -26.63
CA TRP B 22 -13.72 0.31 -27.88
C TRP B 22 -14.29 -0.48 -29.05
N LYS B 23 -14.68 0.25 -30.11
CA LYS B 23 -15.25 -0.35 -31.31
C LYS B 23 -14.58 0.24 -32.54
N SER B 24 -14.35 -0.59 -33.55
CA SER B 24 -13.61 -0.17 -34.72
C SER B 24 -14.51 0.55 -35.71
N ALA B 25 -13.92 1.52 -36.42
CA ALA B 25 -14.64 2.34 -37.38
C ALA B 25 -13.66 2.80 -38.45
N GLU B 26 -14.18 3.41 -39.51
CA GLU B 26 -13.34 3.95 -40.57
C GLU B 26 -13.74 5.38 -40.89
N LEU B 27 -12.75 6.21 -41.19
CA LEU B 27 -12.97 7.56 -41.72
C LEU B 27 -13.36 7.53 -43.19
N LEU B 28 -14.47 8.19 -43.52
CA LEU B 28 -14.97 8.29 -44.88
C LEU B 28 -14.40 9.47 -45.64
N LYS B 29 -13.93 10.49 -44.92
CA LYS B 29 -13.34 11.69 -45.50
C LYS B 29 -12.06 11.97 -44.74
N ASP B 30 -11.14 12.73 -45.33
CA ASP B 30 -10.02 13.24 -44.56
C ASP B 30 -10.50 14.12 -43.41
N TYR B 31 -9.72 14.11 -42.34
CA TYR B 31 -9.76 15.17 -41.33
C TYR B 31 -9.21 16.46 -41.90
N LYS B 32 -9.82 17.58 -41.52
CA LYS B 32 -9.15 18.87 -41.59
C LYS B 32 -9.72 19.75 -40.50
N PRO B 33 -8.92 20.65 -39.89
CA PRO B 33 -9.37 21.52 -38.80
C PRO B 33 -10.75 22.13 -38.97
N LYS B 36 -17.16 20.34 -34.82
CA LYS B 36 -16.40 19.52 -35.76
C LYS B 36 -16.86 18.07 -35.76
N VAL B 37 -16.84 17.46 -36.95
CA VAL B 37 -17.54 16.21 -37.21
C VAL B 37 -16.59 15.26 -37.92
N LEU B 38 -16.78 13.97 -37.67
CA LEU B 38 -16.00 12.91 -38.29
C LEU B 38 -16.96 11.87 -38.85
N GLN B 39 -16.62 11.30 -39.99
CA GLN B 39 -17.60 10.64 -40.86
C GLN B 39 -17.19 9.18 -40.96
N LEU B 40 -18.04 8.31 -40.43
CA LEU B 40 -17.58 7.02 -39.95
C LEU B 40 -18.51 5.90 -40.38
N ARG B 41 -17.90 4.74 -40.59
CA ARG B 41 -18.57 3.54 -41.07
C ARG B 41 -18.24 2.45 -40.07
N LEU B 42 -19.18 1.54 -39.83
CA LEU B 42 -19.07 0.59 -38.73
C LEU B 42 -19.25 -0.82 -39.27
N GLU B 43 -18.22 -1.64 -39.07
CA GLU B 43 -18.24 -3.05 -39.44
C GLU B 43 -19.39 -3.80 -38.79
N LYS B 46 -24.18 0.24 -40.23
CA LYS B 46 -24.59 1.49 -39.63
C LYS B 46 -23.52 2.55 -39.89
N ASP B 47 -23.95 3.82 -39.97
CA ASP B 47 -23.05 4.94 -40.14
C ASP B 47 -23.32 6.02 -39.10
N LEU B 48 -22.26 6.74 -38.75
CA LEU B 48 -22.15 7.49 -37.51
C LEU B 48 -21.46 8.81 -37.83
N GLU B 49 -21.81 9.86 -37.07
CA GLU B 49 -20.91 11.00 -36.91
C GLU B 49 -20.37 11.05 -35.50
N TYR B 50 -19.04 11.12 -35.40
CA TYR B 50 -18.31 11.20 -34.15
C TYR B 50 -17.64 12.55 -34.03
N CYS B 51 -17.80 13.21 -32.88
CA CYS B 51 -17.75 14.66 -32.82
C CYS B 51 -16.88 15.06 -31.63
N LEU B 52 -16.19 16.19 -31.77
CA LEU B 52 -14.93 16.42 -31.07
C LEU B 52 -14.96 17.73 -30.31
N ASP B 53 -14.28 17.73 -29.18
CA ASP B 53 -14.47 18.74 -28.14
C ASP B 53 -13.12 18.86 -27.43
N PRO B 54 -12.91 19.93 -26.63
CA PRO B 54 -11.67 19.93 -25.85
C PRO B 54 -11.44 18.67 -25.02
N LYS B 57 -8.67 20.33 -27.24
CA LYS B 57 -9.11 19.54 -28.38
C LYS B 57 -8.39 18.20 -28.42
N GLU B 58 -9.10 17.15 -28.85
CA GLU B 58 -8.59 15.80 -28.76
C GLU B 58 -9.14 14.97 -29.92
N LEU B 59 -8.35 14.00 -30.34
CA LEU B 59 -8.62 13.17 -31.51
C LEU B 59 -8.55 11.71 -31.08
N PRO B 60 -9.32 10.83 -31.73
CA PRO B 60 -9.51 9.47 -31.17
C PRO B 60 -8.25 8.63 -31.28
N PRO B 61 -8.25 7.44 -30.65
CA PRO B 61 -7.19 6.46 -30.92
C PRO B 61 -7.23 5.94 -32.36
N LEU B 62 -6.05 5.87 -32.97
CA LEU B 62 -5.90 5.54 -34.38
C LEU B 62 -5.42 4.10 -34.49
N ARG B 63 -6.11 3.31 -35.32
CA ARG B 63 -5.86 1.87 -35.35
C ARG B 63 -4.54 1.55 -36.04
N ASN B 64 -3.80 0.62 -35.44
CA ASN B 64 -2.52 0.18 -35.96
C ASN B 64 -2.67 -0.45 -37.34
N PRO B 65 -1.64 -0.34 -38.19
CA PRO B 65 -1.60 -1.15 -39.41
C PRO B 65 -1.65 -2.63 -39.08
N ASP B 66 -2.11 -3.42 -40.05
CA ASP B 66 -2.61 -4.75 -39.74
C ASP B 66 -1.52 -5.82 -39.69
N ILE B 67 -0.27 -5.50 -40.05
CA ILE B 67 0.76 -6.52 -39.92
C ILE B 67 1.11 -6.74 -38.45
N LEU B 68 1.04 -5.68 -37.65
CA LEU B 68 1.61 -5.68 -36.31
C LEU B 68 0.70 -6.43 -35.33
N VAL B 69 -0.60 -6.31 -35.50
CA VAL B 69 -1.56 -7.04 -34.69
C VAL B 69 -1.23 -8.53 -34.71
N GLY B 70 -1.13 -9.11 -33.52
CA GLY B 70 -0.83 -10.51 -33.34
C GLY B 70 0.63 -10.90 -33.27
N GLU B 71 1.56 -9.96 -33.42
CA GLU B 71 2.94 -10.26 -33.09
C GLU B 71 3.08 -10.54 -31.59
N ASN B 72 4.18 -11.21 -31.23
CA ASN B 72 4.36 -11.79 -29.90
C ASN B 72 4.35 -10.76 -28.77
N ASP B 73 4.46 -9.48 -29.07
CA ASP B 73 4.96 -8.52 -28.08
C ASP B 73 4.21 -7.21 -28.30
N LEU B 74 3.44 -6.80 -27.29
CA LEU B 74 2.60 -5.61 -27.43
C LEU B 74 3.41 -4.37 -27.76
N THR B 75 4.66 -4.28 -27.28
CA THR B 75 5.48 -3.12 -27.59
C THR B 75 5.81 -3.01 -29.07
N ALA B 76 5.80 -4.13 -29.80
CA ALA B 76 5.97 -4.07 -31.25
C ALA B 76 4.94 -3.16 -31.91
N LEU B 77 3.76 -3.00 -31.31
CA LEU B 77 2.74 -2.14 -31.87
C LEU B 77 3.19 -0.69 -31.87
N SER B 78 2.81 0.05 -32.90
CA SER B 78 3.21 1.45 -33.00
C SER B 78 2.29 2.39 -32.24
N TYR B 79 0.99 2.20 -32.36
CA TYR B 79 0.02 2.98 -31.57
C TYR B 79 -0.31 2.20 -30.31
N LEU B 80 0.38 2.52 -29.21
CA LEU B 80 0.16 1.81 -27.96
C LEU B 80 -0.89 2.56 -27.15
N HIS B 81 -2.02 1.90 -26.92
CA HIS B 81 -3.15 2.49 -26.21
C HIS B 81 -4.09 1.35 -25.85
N GLU B 82 -5.07 1.65 -24.99
CA GLU B 82 -5.98 0.62 -24.51
C GLU B 82 -6.61 -0.20 -25.63
N PRO B 83 -7.14 0.40 -26.70
CA PRO B 83 -7.79 -0.42 -27.73
C PRO B 83 -6.88 -1.44 -28.38
N ALA B 84 -5.64 -1.05 -28.69
CA ALA B 84 -4.70 -1.97 -29.33
C ALA B 84 -4.37 -3.15 -28.42
N VAL B 85 -4.08 -2.86 -27.17
CA VAL B 85 -3.79 -3.90 -26.18
C VAL B 85 -4.97 -4.87 -26.05
N LEU B 86 -6.16 -4.31 -25.86
CA LEU B 86 -7.38 -5.11 -25.86
C LEU B 86 -7.45 -5.98 -27.11
N HIS B 87 -7.27 -5.38 -28.28
CA HIS B 87 -7.50 -6.10 -29.53
C HIS B 87 -6.52 -7.24 -29.68
N ASN B 88 -5.24 -6.96 -29.46
CA ASN B 88 -4.19 -7.93 -29.70
C ASN B 88 -4.27 -9.09 -28.70
N LEU B 89 -4.61 -8.80 -27.44
CA LEU B 89 -4.88 -9.89 -26.51
C LEU B 89 -6.10 -10.68 -26.94
N LYS B 90 -7.15 -10.01 -27.39
CA LYS B 90 -8.37 -10.72 -27.78
C LYS B 90 -8.07 -11.70 -28.92
N VAL B 91 -7.39 -11.21 -29.96
CA VAL B 91 -7.14 -12.02 -31.15
C VAL B 91 -6.07 -13.08 -30.93
N ARG B 92 -5.23 -12.96 -29.89
CA ARG B 92 -4.55 -14.16 -29.42
C ARG B 92 -5.49 -15.13 -28.72
N PHE B 93 -6.28 -14.65 -27.75
CA PHE B 93 -6.95 -15.58 -26.85
C PHE B 93 -8.09 -16.33 -27.54
N ILE B 94 -9.04 -15.62 -28.15
CA ILE B 94 -10.17 -16.31 -28.76
C ILE B 94 -9.79 -16.97 -30.08
N ASP B 95 -9.16 -16.23 -30.99
CA ASP B 95 -8.94 -16.75 -32.33
C ASP B 95 -7.78 -17.73 -32.40
N SER B 96 -6.62 -17.34 -31.86
CA SER B 96 -5.43 -18.17 -31.92
C SER B 96 -5.42 -19.26 -30.87
N LYS B 97 -6.03 -19.01 -29.71
CA LYS B 97 -5.88 -19.84 -28.52
C LYS B 97 -4.41 -19.99 -28.15
N LEU B 98 -3.66 -18.91 -28.32
CA LEU B 98 -2.41 -18.68 -27.60
C LEU B 98 -2.75 -17.81 -26.40
N ILE B 99 -2.25 -18.20 -25.24
CA ILE B 99 -2.69 -17.58 -23.99
C ILE B 99 -1.61 -16.75 -23.32
N TYR B 100 -0.35 -16.88 -23.72
CA TYR B 100 0.73 -16.12 -23.11
C TYR B 100 1.19 -15.03 -24.06
N THR B 101 1.61 -13.91 -23.49
CA THR B 101 1.92 -12.72 -24.26
C THR B 101 3.01 -11.96 -23.52
N TYR B 102 3.82 -11.20 -24.26
CA TYR B 102 4.83 -10.36 -23.65
C TYR B 102 4.44 -8.90 -23.76
N CYS B 103 4.72 -8.15 -22.71
CA CYS B 103 4.79 -6.70 -22.76
C CYS B 103 6.06 -6.33 -22.04
N GLY B 104 6.92 -5.56 -22.70
CA GLY B 104 8.26 -5.42 -22.16
C GLY B 104 8.84 -6.79 -21.85
N ILE B 105 9.35 -6.94 -20.63
CA ILE B 105 9.67 -8.26 -20.09
C ILE B 105 8.47 -8.98 -19.48
N VAL B 106 7.36 -8.27 -19.26
CA VAL B 106 6.31 -8.66 -18.33
C VAL B 106 5.35 -9.65 -18.99
N LEU B 107 5.45 -10.93 -18.64
CA LEU B 107 4.71 -11.96 -19.35
C LEU B 107 3.25 -11.89 -18.88
N VAL B 108 2.34 -11.67 -19.82
CA VAL B 108 0.92 -11.73 -19.52
C VAL B 108 0.45 -13.17 -19.69
N ALA B 109 -0.47 -13.60 -18.83
CA ALA B 109 -1.11 -14.90 -19.00
C ALA B 109 -2.60 -14.75 -18.78
N ILE B 110 -3.39 -15.19 -19.76
CA ILE B 110 -4.83 -15.02 -19.74
C ILE B 110 -5.42 -16.40 -19.48
N ASN B 111 -5.95 -16.60 -18.28
CA ASN B 111 -6.26 -17.96 -17.85
C ASN B 111 -7.39 -18.59 -18.66
N PRO B 112 -7.13 -19.64 -19.44
CA PRO B 112 -8.23 -20.46 -19.94
C PRO B 112 -8.75 -21.33 -18.81
N TYR B 113 -10.06 -21.55 -18.79
CA TYR B 113 -10.52 -22.56 -17.86
C TYR B 113 -10.42 -23.95 -18.47
N GLU B 114 -10.45 -24.03 -19.80
CA GLU B 114 -10.11 -25.25 -20.54
C GLU B 114 -8.62 -25.56 -20.40
N GLN B 115 -8.28 -26.74 -19.89
CA GLN B 115 -6.88 -27.11 -19.76
C GLN B 115 -6.30 -27.42 -21.13
N LEU B 116 -4.98 -27.29 -21.26
CA LEU B 116 -4.35 -27.30 -22.57
C LEU B 116 -3.11 -28.20 -22.62
N PRO B 117 -2.70 -28.61 -23.82
CA PRO B 117 -1.51 -29.48 -23.94
C PRO B 117 -0.20 -28.82 -23.55
N ILE B 118 -0.07 -27.50 -23.76
CA ILE B 118 1.21 -26.82 -23.87
C ILE B 118 2.10 -26.98 -22.64
N TYR B 119 1.53 -27.31 -21.50
CA TYR B 119 2.30 -27.62 -20.30
C TYR B 119 3.05 -28.95 -20.42
N GLY B 120 2.67 -29.83 -21.33
CA GLY B 120 3.30 -31.13 -21.50
C GLY B 120 4.82 -31.14 -21.69
N GLU B 121 5.43 -32.23 -21.22
CA GLU B 121 6.84 -32.25 -20.82
C GLU B 121 7.82 -32.02 -21.98
N ASP B 122 7.45 -32.34 -23.22
CA ASP B 122 8.36 -32.12 -24.34
C ASP B 122 8.81 -30.67 -24.40
N ILE B 123 7.86 -29.75 -24.25
CA ILE B 123 8.14 -28.35 -24.54
C ILE B 123 9.20 -27.85 -23.56
N ILE B 124 9.28 -28.46 -22.37
CA ILE B 124 10.33 -28.12 -21.41
C ILE B 124 11.68 -28.29 -22.07
N ASN B 125 11.88 -29.45 -22.71
CA ASN B 125 13.15 -29.75 -23.37
C ASN B 125 13.37 -28.78 -24.52
N ALA B 126 12.29 -28.45 -25.22
CA ALA B 126 12.39 -27.60 -26.40
C ALA B 126 12.83 -26.18 -26.05
N TYR B 127 12.31 -25.60 -24.96
CA TYR B 127 12.79 -24.29 -24.53
C TYR B 127 14.22 -24.30 -24.02
N SER B 128 14.62 -25.37 -23.32
CA SER B 128 15.67 -25.28 -22.31
C SER B 128 16.95 -24.63 -22.83
N GLY B 129 17.28 -24.83 -24.11
CA GLY B 129 18.46 -24.20 -24.67
C GLY B 129 18.30 -22.79 -25.22
N GLN B 130 17.07 -22.36 -25.48
CA GLN B 130 16.82 -21.25 -26.39
C GLN B 130 16.85 -19.91 -25.65
N ASN B 131 17.18 -18.85 -26.39
CA ASN B 131 17.25 -17.51 -25.81
C ASN B 131 15.86 -16.88 -25.70
N MET B 132 15.81 -15.79 -24.92
CA MET B 132 14.56 -15.19 -24.46
C MET B 132 13.60 -14.90 -25.60
N GLY B 133 14.08 -14.24 -26.65
CA GLY B 133 13.21 -13.79 -27.73
C GLY B 133 12.90 -14.77 -28.82
N ASP B 134 13.49 -15.96 -28.79
CA ASP B 134 13.57 -16.82 -29.96
C ASP B 134 12.37 -17.74 -30.11
N MET B 135 11.38 -17.64 -29.23
CA MET B 135 10.25 -18.57 -29.21
C MET B 135 8.95 -17.80 -29.10
N ASP B 136 7.85 -18.50 -29.37
CA ASP B 136 6.56 -18.13 -28.82
C ASP B 136 6.62 -18.07 -27.30
N PRO B 137 6.11 -17.02 -26.68
CA PRO B 137 6.22 -16.90 -25.22
C PRO B 137 5.37 -17.93 -24.50
N HIS B 138 5.88 -18.34 -23.34
CA HIS B 138 5.22 -19.33 -22.49
C HIS B 138 5.84 -19.21 -21.11
N ILE B 139 5.17 -19.78 -20.10
CA ILE B 139 5.68 -19.62 -18.74
C ILE B 139 7.05 -20.28 -18.61
N PHE B 140 7.25 -21.38 -19.33
CA PHE B 140 8.58 -21.96 -19.38
C PHE B 140 9.59 -21.02 -19.98
N ALA B 141 9.17 -20.09 -20.84
CA ALA B 141 10.11 -19.10 -21.36
C ALA B 141 10.58 -18.13 -20.29
N VAL B 142 9.78 -17.91 -19.25
CA VAL B 142 10.25 -17.18 -18.07
C VAL B 142 11.19 -18.04 -17.23
N ALA B 143 10.76 -19.27 -16.90
CA ALA B 143 11.66 -20.12 -16.12
C ALA B 143 12.98 -20.35 -16.84
N GLU B 144 12.93 -20.44 -18.16
CA GLU B 144 14.11 -20.59 -19.01
C GLU B 144 15.12 -19.49 -18.76
N GLU B 145 14.62 -18.26 -18.61
CA GLU B 145 15.52 -17.17 -18.27
C GLU B 145 16.02 -17.32 -16.85
N ALA B 146 15.11 -17.53 -15.89
CA ALA B 146 15.54 -17.44 -14.49
C ALA B 146 16.60 -18.50 -14.21
N TYR B 147 16.31 -19.73 -14.63
CA TYR B 147 17.25 -20.85 -14.49
C TYR B 147 18.51 -20.71 -15.34
N LYS B 148 18.45 -20.05 -16.50
CA LYS B 148 19.70 -19.78 -17.19
C LYS B 148 20.52 -18.76 -16.41
N GLN B 149 19.88 -17.67 -16.00
CA GLN B 149 20.56 -16.55 -15.38
C GLN B 149 21.28 -16.99 -14.12
N MET B 150 20.67 -17.92 -13.38
CA MET B 150 21.31 -18.46 -12.18
C MET B 150 22.58 -19.24 -12.48
N ALA B 151 22.67 -19.90 -13.64
CA ALA B 151 23.96 -20.46 -14.05
C ALA B 151 24.90 -19.36 -14.55
N ARG B 152 24.42 -18.51 -15.47
CA ARG B 152 25.27 -17.54 -16.14
C ARG B 152 25.96 -16.63 -15.14
N ASP B 153 25.25 -16.23 -14.09
CA ASP B 153 25.80 -15.37 -13.06
C ASP B 153 25.36 -15.91 -11.70
N GLU B 154 26.07 -15.48 -10.66
CA GLU B 154 25.78 -15.93 -9.30
C GLU B 154 24.34 -15.67 -8.89
N ARG B 155 23.84 -14.48 -9.17
CA ARG B 155 22.77 -13.92 -8.34
C ARG B 155 21.51 -14.78 -8.38
N ASN B 156 20.83 -14.85 -7.23
CA ASN B 156 19.51 -15.45 -7.13
C ASN B 156 18.49 -14.73 -8.01
N GLN B 157 17.46 -15.48 -8.40
CA GLN B 157 16.44 -15.01 -9.32
C GLN B 157 15.10 -15.25 -8.67
N SER B 158 14.15 -14.35 -8.91
CA SER B 158 12.78 -14.54 -8.42
C SER B 158 11.75 -14.21 -9.48
N ILE B 159 10.60 -14.86 -9.35
CA ILE B 159 9.47 -14.75 -10.26
C ILE B 159 8.29 -14.21 -9.47
N ILE B 160 7.57 -13.25 -10.05
CA ILE B 160 6.54 -12.52 -9.33
C ILE B 160 5.23 -12.61 -10.09
N VAL B 161 4.15 -12.94 -9.38
CA VAL B 161 2.88 -13.31 -9.98
C VAL B 161 1.79 -12.48 -9.33
N SER B 162 0.90 -11.90 -10.14
CA SER B 162 -0.07 -10.94 -9.65
C SER B 162 -1.39 -11.14 -10.38
N GLY B 163 -2.48 -10.93 -9.66
CA GLY B 163 -3.80 -11.05 -10.24
C GLY B 163 -4.83 -11.29 -9.17
N GLU B 164 -6.08 -11.37 -9.61
CA GLU B 164 -7.12 -11.88 -8.71
C GLU B 164 -6.85 -13.35 -8.46
N SER B 165 -7.24 -13.84 -7.28
CA SER B 165 -6.91 -15.22 -6.94
C SER B 165 -7.63 -16.24 -7.79
N GLY B 166 -8.61 -15.82 -8.60
CA GLY B 166 -9.26 -16.64 -9.59
C GLY B 166 -8.53 -16.80 -10.90
N ALA B 167 -7.30 -16.29 -11.03
CA ALA B 167 -6.71 -16.05 -12.34
C ALA B 167 -5.54 -16.97 -12.66
N GLY B 168 -5.39 -18.08 -11.95
CA GLY B 168 -4.38 -19.05 -12.33
C GLY B 168 -2.99 -18.85 -11.76
N LYS B 169 -2.83 -18.07 -10.68
CA LYS B 169 -1.49 -17.86 -10.12
C LYS B 169 -0.85 -19.19 -9.74
N THR B 170 -1.59 -20.03 -9.00
CA THR B 170 -0.98 -21.23 -8.46
C THR B 170 -0.70 -22.27 -9.54
N VAL B 171 -1.56 -22.34 -10.57
CA VAL B 171 -1.22 -23.12 -11.76
C VAL B 171 0.07 -22.63 -12.41
N SER B 172 0.30 -21.32 -12.42
CA SER B 172 1.54 -20.79 -12.97
C SER B 172 2.73 -21.16 -12.10
N ALA B 173 2.57 -21.14 -10.78
CA ALA B 173 3.66 -21.54 -9.90
C ALA B 173 3.95 -23.02 -10.03
N LYS B 174 2.89 -23.84 -10.08
CA LYS B 174 3.03 -25.27 -10.21
C LYS B 174 3.82 -25.65 -11.45
N TYR B 175 3.43 -25.11 -12.62
CA TYR B 175 4.22 -25.38 -13.81
C TYR B 175 5.61 -24.75 -13.76
N ALA B 176 5.75 -23.59 -13.09
CA ALA B 176 7.07 -23.01 -12.94
C ALA B 176 7.99 -23.95 -12.19
N MET B 177 7.43 -24.72 -11.27
CA MET B 177 8.26 -25.63 -10.48
C MET B 177 8.52 -26.91 -11.27
N ARG B 178 7.48 -27.42 -11.95
CA ARG B 178 7.64 -28.60 -12.79
C ARG B 178 8.81 -28.42 -13.74
N TYR B 179 8.89 -27.24 -14.39
CA TYR B 179 9.98 -26.98 -15.32
C TYR B 179 11.35 -27.12 -14.66
N PHE B 180 11.51 -26.57 -13.45
CA PHE B 180 12.77 -26.74 -12.76
C PHE B 180 13.04 -28.21 -12.44
N ALA B 181 12.03 -28.91 -11.95
CA ALA B 181 12.22 -30.29 -11.53
C ALA B 181 12.64 -31.18 -12.68
N THR B 182 12.07 -30.96 -13.86
CA THR B 182 12.47 -31.70 -15.05
C THR B 182 13.81 -31.25 -15.64
N VAL B 183 14.12 -29.95 -15.64
CA VAL B 183 15.44 -29.53 -16.09
C VAL B 183 16.54 -29.99 -15.15
N SER B 184 16.24 -30.12 -13.86
CA SER B 184 17.17 -30.74 -12.93
C SER B 184 17.29 -32.24 -13.16
N GLY B 185 16.35 -32.84 -13.91
CA GLY B 185 16.41 -34.26 -14.17
C GLY B 185 16.21 -35.13 -12.96
N SER B 186 15.73 -34.56 -11.86
CA SER B 186 16.00 -35.06 -10.53
C SER B 186 14.77 -35.53 -9.77
N ALA B 187 13.56 -35.29 -10.30
CA ALA B 187 12.33 -35.53 -9.54
C ALA B 187 12.24 -36.96 -9.04
N SER B 188 12.79 -37.92 -9.78
CA SER B 188 12.80 -39.30 -9.31
C SER B 188 13.64 -39.46 -8.05
N GLU B 189 14.68 -38.62 -7.90
CA GLU B 189 15.56 -38.75 -6.75
C GLU B 189 14.87 -38.25 -5.48
N ALA B 190 14.28 -37.06 -5.54
CA ALA B 190 13.26 -36.64 -4.60
C ALA B 190 12.37 -35.63 -5.30
N ASN B 191 11.11 -35.56 -4.85
CA ASN B 191 10.19 -34.53 -5.29
C ASN B 191 9.76 -33.67 -4.11
N VAL B 192 10.13 -32.39 -4.16
CA VAL B 192 9.42 -31.36 -3.40
C VAL B 192 8.08 -31.03 -4.05
N GLU B 193 8.00 -31.13 -5.38
CA GLU B 193 6.83 -30.65 -6.11
C GLU B 193 5.53 -31.27 -5.59
N GLU B 194 5.54 -32.57 -5.31
CA GLU B 194 4.35 -33.17 -4.72
C GLU B 194 4.02 -32.52 -3.38
N LYS B 195 5.06 -32.19 -2.60
CA LYS B 195 4.85 -31.77 -1.23
C LYS B 195 4.45 -30.30 -1.18
N VAL B 196 5.15 -29.47 -1.97
CA VAL B 196 4.72 -28.09 -2.21
C VAL B 196 3.25 -28.04 -2.64
N LEU B 197 2.87 -28.89 -3.61
CA LEU B 197 1.49 -28.82 -4.09
C LEU B 197 0.49 -29.41 -3.10
N ALA B 198 0.88 -30.39 -2.30
CA ALA B 198 0.02 -30.88 -1.23
C ALA B 198 -0.02 -29.96 -0.01
N SER B 199 0.87 -28.97 0.04
CA SER B 199 0.78 -27.96 1.08
C SER B 199 -0.37 -27.00 0.86
N ASN B 200 -0.77 -26.81 -0.40
CA ASN B 200 -1.68 -25.73 -0.74
C ASN B 200 -2.99 -25.70 0.04
N PRO B 201 -3.71 -26.81 0.27
CA PRO B 201 -4.98 -26.69 0.99
C PRO B 201 -4.86 -26.10 2.40
N ILE B 202 -3.77 -26.36 3.12
CA ILE B 202 -3.64 -25.86 4.48
C ILE B 202 -3.51 -24.34 4.47
N MET B 203 -2.59 -23.83 3.65
CA MET B 203 -2.36 -22.40 3.57
C MET B 203 -3.49 -21.66 2.88
N GLU B 204 -4.19 -22.31 1.94
CA GLU B 204 -5.46 -21.75 1.49
C GLU B 204 -6.44 -21.62 2.65
N SER B 205 -6.49 -22.63 3.52
CA SER B 205 -7.51 -22.65 4.56
C SER B 205 -7.27 -21.57 5.61
N ILE B 206 -6.03 -21.47 6.11
CA ILE B 206 -5.70 -20.36 7.01
C ILE B 206 -5.65 -19.04 6.26
N GLY B 207 -5.18 -19.07 5.01
CA GLY B 207 -4.86 -17.86 4.28
C GLY B 207 -6.01 -17.05 3.70
N ASN B 208 -7.09 -17.71 3.31
CA ASN B 208 -8.02 -17.09 2.37
C ASN B 208 -9.34 -16.70 3.02
N ALA B 209 -10.08 -15.89 2.28
CA ALA B 209 -11.37 -15.39 2.70
C ALA B 209 -12.29 -15.27 1.49
N LYS B 210 -13.56 -14.99 1.76
CA LYS B 210 -14.54 -14.67 0.73
C LYS B 210 -14.74 -13.16 0.70
N THR B 211 -14.17 -12.51 -0.31
CA THR B 211 -14.39 -11.08 -0.51
C THR B 211 -15.62 -10.88 -1.41
N THR B 212 -16.10 -9.65 -1.45
CA THR B 212 -17.28 -9.32 -2.27
C THR B 212 -17.11 -9.67 -3.74
N ARG B 213 -16.02 -9.22 -4.37
CA ARG B 213 -15.89 -9.48 -5.80
C ARG B 213 -15.38 -10.86 -6.18
N ASN B 214 -14.73 -11.60 -5.29
CA ASN B 214 -14.68 -13.03 -5.53
C ASN B 214 -14.57 -13.82 -4.24
N ASP B 215 -15.13 -15.02 -4.28
CA ASP B 215 -14.97 -16.01 -3.23
C ASP B 215 -13.61 -16.68 -3.35
N ASN B 216 -13.11 -17.17 -2.21
CA ASN B 216 -11.75 -17.68 -2.09
C ASN B 216 -10.71 -16.65 -2.56
N SER B 217 -10.86 -15.42 -2.09
CA SER B 217 -9.80 -14.43 -2.18
C SER B 217 -8.70 -14.78 -1.20
N SER B 218 -7.45 -14.65 -1.62
CA SER B 218 -6.32 -14.81 -0.71
C SER B 218 -5.87 -13.46 -0.17
N ARG B 219 -5.46 -13.46 1.10
CA ARG B 219 -5.23 -12.22 1.83
C ARG B 219 -3.78 -12.06 2.27
N PHE B 220 -2.85 -12.83 1.74
CA PHE B 220 -1.48 -12.77 2.22
C PHE B 220 -0.51 -13.03 1.09
N GLY B 221 0.67 -12.41 1.19
CA GLY B 221 1.72 -12.63 0.21
C GLY B 221 2.46 -13.91 0.56
N LYS B 222 2.66 -14.76 -0.44
CA LYS B 222 3.13 -16.12 -0.21
C LYS B 222 4.32 -16.39 -1.12
N TYR B 223 5.45 -16.74 -0.51
CA TYR B 223 6.72 -16.79 -1.21
C TYR B 223 7.38 -18.12 -0.93
N ILE B 224 7.89 -18.76 -1.97
CA ILE B 224 8.42 -20.11 -1.90
C ILE B 224 9.80 -20.12 -2.50
N GLU B 225 10.77 -20.65 -1.76
CA GLU B 225 12.18 -20.47 -2.06
C GLU B 225 12.79 -21.84 -2.21
N ILE B 226 13.49 -22.05 -3.33
CA ILE B 226 13.82 -23.39 -3.78
C ILE B 226 15.33 -23.46 -3.92
N GLY B 227 15.94 -24.39 -3.21
CA GLY B 227 17.38 -24.47 -3.18
C GLY B 227 17.87 -25.38 -4.28
N PHE B 228 19.07 -25.11 -4.76
CA PHE B 228 19.69 -25.98 -5.74
C PHE B 228 21.00 -26.56 -5.21
N ASP B 229 21.39 -27.69 -5.81
CA ASP B 229 22.72 -28.22 -5.65
C ASP B 229 23.74 -27.28 -6.29
N LYS B 230 24.99 -27.43 -5.88
CA LYS B 230 26.09 -26.90 -6.68
C LYS B 230 26.03 -27.42 -8.11
N ARG B 231 25.40 -28.58 -8.31
CA ARG B 231 25.11 -29.10 -9.64
C ARG B 231 23.88 -28.46 -10.27
N TYR B 232 23.11 -27.69 -9.48
CA TYR B 232 21.81 -27.15 -9.88
C TYR B 232 20.75 -28.22 -10.14
N ARG B 233 20.85 -29.37 -9.50
CA ARG B 233 19.62 -30.12 -9.31
C ARG B 233 18.89 -29.57 -8.08
N ILE B 234 17.58 -29.78 -8.04
CA ILE B 234 16.83 -29.32 -6.87
C ILE B 234 17.34 -30.04 -5.63
N ILE B 235 17.52 -29.29 -4.56
CA ILE B 235 17.71 -29.87 -3.24
C ILE B 235 16.39 -29.99 -2.48
N GLY B 236 15.64 -28.91 -2.43
CA GLY B 236 14.58 -28.76 -1.45
C GLY B 236 13.93 -27.41 -1.60
N ALA B 237 12.87 -27.20 -0.82
CA ALA B 237 12.10 -25.97 -0.90
C ALA B 237 11.80 -25.43 0.49
N ASN B 238 11.88 -24.11 0.62
CA ASN B 238 11.60 -23.41 1.86
C ASN B 238 10.47 -22.43 1.56
N MET B 239 9.54 -22.28 2.50
CA MET B 239 8.53 -21.24 2.39
C MET B 239 8.80 -20.04 3.29
N ARG B 240 8.12 -18.94 2.94
CA ARG B 240 7.96 -17.77 3.77
C ARG B 240 6.58 -17.20 3.49
N THR B 241 6.09 -16.36 4.40
CA THR B 241 4.86 -15.63 4.13
C THR B 241 4.94 -14.23 4.72
N TYR B 242 4.23 -13.31 4.08
CA TYR B 242 4.29 -11.89 4.39
C TYR B 242 2.89 -11.32 4.29
N LEU B 243 2.73 -10.11 4.82
CA LEU B 243 1.56 -9.28 4.56
C LEU B 243 0.26 -10.00 4.86
N LEU B 244 0.20 -10.68 6.01
CA LEU B 244 -1.07 -11.29 6.38
C LEU B 244 -2.04 -10.21 6.85
N GLU B 245 -3.30 -10.39 6.48
CA GLU B 245 -4.39 -9.52 6.95
C GLU B 245 -4.80 -9.98 8.35
N LYS B 246 -4.38 -9.24 9.38
CA LYS B 246 -4.85 -9.54 10.72
C LYS B 246 -6.21 -8.91 11.02
N SER B 247 -6.58 -7.84 10.33
CA SER B 247 -7.80 -7.13 10.68
C SER B 247 -9.04 -7.98 10.48
N ARG B 248 -8.98 -8.94 9.55
CA ARG B 248 -10.19 -9.68 9.19
C ARG B 248 -10.67 -10.58 10.31
N VAL B 249 -9.75 -11.14 11.10
CA VAL B 249 -10.09 -12.15 12.10
C VAL B 249 -11.21 -11.69 13.02
N VAL B 250 -11.27 -10.39 13.33
CA VAL B 250 -12.22 -9.87 14.30
C VAL B 250 -13.28 -8.97 13.69
N PHE B 251 -13.12 -8.53 12.45
CA PHE B 251 -14.08 -7.59 11.87
C PHE B 251 -14.17 -7.80 10.38
N GLN B 252 -15.39 -7.71 9.85
CA GLN B 252 -15.68 -8.16 8.50
C GLN B 252 -16.77 -7.27 7.91
N ALA B 253 -16.64 -6.96 6.63
CA ALA B 253 -17.70 -6.24 5.94
C ALA B 253 -18.80 -7.19 5.49
N GLU B 254 -19.98 -6.63 5.25
CA GLU B 254 -21.11 -7.40 4.76
C GLU B 254 -20.76 -8.11 3.45
N GLU B 255 -21.27 -9.32 3.28
CA GLU B 255 -20.92 -10.23 2.19
C GLU B 255 -19.48 -10.72 2.24
N GLU B 256 -18.78 -10.55 3.36
CA GLU B 256 -17.50 -11.22 3.53
C GLU B 256 -17.59 -12.23 4.68
N ARG B 257 -16.71 -13.21 4.63
CA ARG B 257 -16.52 -14.17 5.70
C ARG B 257 -15.17 -13.97 6.38
N ASN B 258 -15.05 -14.57 7.56
CA ASN B 258 -13.78 -14.79 8.22
C ASN B 258 -13.04 -15.92 7.52
N TYR B 259 -11.76 -16.07 7.87
CA TYR B 259 -10.92 -17.08 7.23
C TYR B 259 -11.59 -18.45 7.26
N HIS B 260 -11.48 -19.16 6.14
CA HIS B 260 -12.33 -20.32 5.87
C HIS B 260 -12.35 -21.36 6.97
N ILE B 261 -11.24 -21.53 7.71
CA ILE B 261 -11.21 -22.60 8.70
C ILE B 261 -12.30 -22.43 9.75
N PHE B 262 -12.58 -21.20 10.17
CA PHE B 262 -13.58 -21.05 11.23
C PHE B 262 -14.91 -21.66 10.80
N TYR B 263 -15.24 -21.52 9.52
CA TYR B 263 -16.48 -22.09 9.01
C TYR B 263 -16.35 -23.59 8.78
N GLN B 264 -15.26 -24.05 8.18
CA GLN B 264 -15.09 -25.49 8.02
C GLN B 264 -15.12 -26.22 9.36
N LEU B 265 -14.64 -25.56 10.41
CA LEU B 265 -14.75 -26.07 11.78
C LEU B 265 -16.18 -26.08 12.27
N CYS B 266 -16.88 -24.95 12.16
CA CYS B 266 -18.25 -24.89 12.68
C CYS B 266 -19.16 -25.88 11.95
N ALA B 267 -18.94 -26.08 10.65
CA ALA B 267 -19.71 -27.07 9.91
C ALA B 267 -19.56 -28.47 10.50
N SER B 268 -18.43 -28.75 11.13
CA SER B 268 -18.15 -30.07 11.67
C SER B 268 -18.62 -30.25 13.12
N ALA B 269 -19.29 -29.26 13.70
CA ALA B 269 -19.77 -29.36 15.06
C ALA B 269 -20.53 -30.66 15.31
N ALA B 270 -21.26 -31.15 14.30
CA ALA B 270 -22.01 -32.39 14.47
C ALA B 270 -21.12 -33.57 14.81
N LEU B 271 -19.85 -33.54 14.40
CA LEU B 271 -19.03 -34.73 14.48
C LEU B 271 -18.58 -34.97 15.92
N PRO B 272 -18.58 -36.23 16.38
CA PRO B 272 -18.13 -36.52 17.74
C PRO B 272 -16.64 -36.31 17.93
N GLU B 273 -15.87 -36.31 16.84
CA GLU B 273 -14.44 -36.04 16.93
C GLU B 273 -14.14 -34.75 17.65
N PHE B 274 -15.02 -33.76 17.51
CA PHE B 274 -14.83 -32.43 18.10
C PHE B 274 -15.88 -32.14 19.16
N LYS B 275 -16.45 -33.19 19.75
CA LYS B 275 -17.61 -33.06 20.63
C LYS B 275 -17.39 -32.06 21.75
N THR B 276 -16.15 -31.97 22.26
CA THR B 276 -15.88 -31.16 23.44
C THR B 276 -16.08 -29.67 23.18
N LEU B 277 -15.89 -29.22 21.93
CA LEU B 277 -15.70 -27.80 21.70
C LEU B 277 -16.98 -27.00 21.84
N ARG B 278 -18.14 -27.65 21.87
CA ARG B 278 -19.44 -26.98 21.91
C ARG B 278 -19.62 -25.99 20.77
N LEU B 279 -19.09 -26.30 19.59
CA LEU B 279 -19.30 -25.46 18.44
C LEU B 279 -20.78 -25.35 18.10
N GLY B 280 -21.18 -24.16 17.64
CA GLY B 280 -22.52 -23.92 17.16
C GLY B 280 -22.59 -23.81 15.65
N ASN B 281 -23.78 -23.45 15.17
CA ASN B 281 -23.92 -22.98 13.80
C ASN B 281 -23.32 -21.59 13.68
N ALA B 282 -22.76 -21.29 12.51
CA ALA B 282 -21.72 -20.26 12.41
C ALA B 282 -22.21 -18.89 12.82
N ASN B 283 -23.52 -18.62 12.71
CA ASN B 283 -23.98 -17.30 13.15
C ASN B 283 -24.01 -17.16 14.67
N TYR B 284 -23.74 -18.25 15.39
CA TYR B 284 -23.68 -18.18 16.85
C TYR B 284 -22.56 -17.28 17.35
N PHE B 285 -21.41 -17.32 16.68
CA PHE B 285 -20.19 -16.71 17.19
C PHE B 285 -19.97 -15.32 16.60
N HIS B 286 -19.64 -14.37 17.46
CA HIS B 286 -19.59 -12.95 17.11
C HIS B 286 -18.57 -12.62 16.04
N TYR B 287 -17.47 -13.39 15.95
CA TYR B 287 -16.55 -13.21 14.84
C TYR B 287 -17.03 -13.78 13.51
N THR B 288 -17.77 -14.88 13.51
CA THR B 288 -18.28 -15.39 12.23
C THR B 288 -19.54 -14.71 11.73
N LYS B 289 -20.44 -14.28 12.61
CA LYS B 289 -21.77 -13.90 12.14
C LYS B 289 -21.75 -12.59 11.37
N GLN B 290 -20.87 -11.65 11.73
CA GLN B 290 -21.04 -10.25 11.35
C GLN B 290 -21.25 -10.03 9.86
N GLY B 291 -20.67 -10.88 9.01
CA GLY B 291 -20.89 -10.69 7.58
C GLY B 291 -22.27 -11.07 7.09
N GLY B 292 -23.05 -11.78 7.90
CA GLY B 292 -24.36 -12.23 7.50
C GLY B 292 -24.37 -13.32 6.45
N SER B 293 -23.21 -13.95 6.18
CA SER B 293 -22.99 -14.65 4.91
C SER B 293 -22.32 -15.99 5.17
N PRO B 294 -22.99 -16.90 5.90
CA PRO B 294 -22.28 -18.11 6.35
C PRO B 294 -21.88 -19.04 5.23
N VAL B 295 -22.71 -19.21 4.21
CA VAL B 295 -22.44 -20.19 3.16
C VAL B 295 -21.72 -19.53 1.98
N ILE B 296 -20.61 -20.13 1.57
CA ILE B 296 -20.05 -19.87 0.25
C ILE B 296 -20.90 -20.62 -0.77
N ASP B 297 -21.51 -19.89 -1.69
CA ASP B 297 -22.29 -20.51 -2.75
C ASP B 297 -21.52 -21.66 -3.41
N GLY B 298 -22.22 -22.77 -3.61
CA GLY B 298 -21.71 -23.90 -4.37
C GLY B 298 -20.63 -24.74 -3.73
N ILE B 299 -20.15 -24.41 -2.54
CA ILE B 299 -19.19 -25.26 -1.82
C ILE B 299 -19.84 -25.80 -0.56
N ASP B 300 -19.70 -27.11 -0.34
CA ASP B 300 -19.89 -27.70 0.98
C ASP B 300 -18.63 -27.50 1.82
N ASP B 301 -18.81 -26.94 3.01
CA ASP B 301 -17.70 -26.81 3.95
C ASP B 301 -17.39 -28.13 4.65
N ALA B 302 -18.45 -28.85 5.05
CA ALA B 302 -18.29 -30.01 5.92
C ALA B 302 -17.46 -31.10 5.27
N LYS B 303 -17.56 -31.26 3.95
CA LYS B 303 -16.68 -32.20 3.29
C LYS B 303 -15.26 -31.65 3.23
N GLU B 304 -15.12 -30.36 2.88
CA GLU B 304 -13.81 -29.81 2.63
C GLU B 304 -12.93 -29.90 3.88
N MET B 305 -13.56 -29.85 5.04
CA MET B 305 -12.84 -30.03 6.30
C MET B 305 -11.94 -31.25 6.22
N VAL B 306 -12.50 -32.37 5.76
CA VAL B 306 -11.74 -33.62 5.70
C VAL B 306 -10.55 -33.50 4.77
N ASN B 307 -10.74 -32.81 3.64
CA ASN B 307 -9.60 -32.61 2.73
C ASN B 307 -8.52 -31.76 3.38
N THR B 308 -8.91 -30.83 4.24
CA THR B 308 -7.91 -30.05 4.98
C THR B 308 -7.13 -30.94 5.93
N ARG B 309 -7.84 -31.73 6.74
CA ARG B 309 -7.17 -32.59 7.70
C ARG B 309 -6.25 -33.57 6.99
N GLN B 310 -6.72 -34.14 5.88
CA GLN B 310 -5.89 -35.07 5.12
C GLN B 310 -4.66 -34.37 4.56
N ALA B 311 -4.79 -33.12 4.12
CA ALA B 311 -3.61 -32.40 3.66
C ALA B 311 -2.59 -32.21 4.78
N CYS B 312 -3.07 -31.86 5.97
CA CYS B 312 -2.16 -31.79 7.13
C CYS B 312 -1.49 -33.12 7.41
N THR B 313 -2.25 -34.22 7.30
CA THR B 313 -1.71 -35.54 7.56
C THR B 313 -0.64 -35.91 6.54
N LEU B 314 -0.94 -35.71 5.27
CA LEU B 314 0.03 -35.96 4.21
C LEU B 314 1.28 -35.10 4.36
N LEU B 315 1.13 -33.88 4.86
CA LEU B 315 2.29 -33.02 5.03
C LEU B 315 2.90 -33.16 6.42
N GLY B 316 2.48 -34.16 7.19
CA GLY B 316 3.28 -34.70 8.25
C GLY B 316 2.98 -34.23 9.65
N ILE B 317 1.90 -33.49 9.86
CA ILE B 317 1.49 -33.14 11.21
C ILE B 317 0.79 -34.34 11.84
N SER B 318 1.20 -34.68 13.07
CA SER B 318 0.47 -35.67 13.85
C SER B 318 -0.83 -35.11 14.39
N ASP B 319 -1.88 -35.93 14.38
CA ASP B 319 -3.21 -35.46 14.74
C ASP B 319 -3.29 -35.01 16.20
N SER B 320 -2.27 -35.36 17.00
CA SER B 320 -2.09 -34.75 18.30
C SER B 320 -1.98 -33.23 18.19
N TYR B 321 -1.27 -32.75 17.16
CA TYR B 321 -1.25 -31.32 16.92
C TYR B 321 -2.54 -30.85 16.24
N GLN B 322 -3.09 -31.61 15.30
CA GLN B 322 -4.22 -31.10 14.53
C GLN B 322 -5.42 -30.82 15.43
N MET B 323 -5.69 -31.71 16.38
CA MET B 323 -6.76 -31.45 17.33
C MET B 323 -6.42 -30.33 18.30
N GLY B 324 -5.12 -30.11 18.57
CA GLY B 324 -4.75 -28.91 19.32
C GLY B 324 -5.03 -27.64 18.54
N ILE B 325 -4.73 -27.63 17.25
CA ILE B 325 -5.05 -26.48 16.41
C ILE B 325 -6.54 -26.19 16.50
N PHE B 326 -7.36 -27.23 16.30
CA PHE B 326 -8.79 -26.96 16.30
C PHE B 326 -9.26 -26.54 17.68
N ARG B 327 -8.59 -27.02 18.74
CA ARG B 327 -8.89 -26.54 20.09
C ARG B 327 -8.63 -25.05 20.20
N ILE B 328 -7.52 -24.59 19.60
CA ILE B 328 -7.23 -23.16 19.67
C ILE B 328 -8.31 -22.38 18.96
N LEU B 329 -8.71 -22.85 17.78
CA LEU B 329 -9.65 -22.06 17.00
C LEU B 329 -10.98 -21.95 17.73
N ALA B 330 -11.45 -23.07 18.30
CA ALA B 330 -12.64 -23.03 19.14
C ALA B 330 -12.45 -22.07 20.31
N GLY B 331 -11.24 -22.03 20.87
CA GLY B 331 -10.90 -21.02 21.86
C GLY B 331 -11.12 -19.61 21.35
N ILE B 332 -10.57 -19.31 20.18
CA ILE B 332 -10.70 -17.98 19.58
C ILE B 332 -12.17 -17.60 19.41
N LEU B 333 -13.00 -18.56 19.01
CA LEU B 333 -14.42 -18.24 18.83
C LEU B 333 -15.13 -18.02 20.16
N HIS B 334 -14.86 -18.87 21.16
CA HIS B 334 -15.52 -18.68 22.44
C HIS B 334 -15.04 -17.38 23.10
N LEU B 335 -13.75 -17.08 22.98
CA LEU B 335 -13.25 -15.78 23.38
C LEU B 335 -14.04 -14.67 22.70
N GLY B 336 -14.31 -14.86 21.40
CA GLY B 336 -15.10 -13.89 20.66
C GLY B 336 -16.44 -13.62 21.31
N ASN B 337 -17.14 -14.68 21.73
CA ASN B 337 -18.44 -14.47 22.35
C ASN B 337 -18.37 -13.91 23.76
N VAL B 338 -17.18 -13.78 24.36
CA VAL B 338 -17.08 -13.18 25.69
C VAL B 338 -17.64 -11.77 25.66
N GLU B 339 -18.44 -11.44 26.68
CA GLU B 339 -19.26 -10.24 26.70
C GLU B 339 -19.03 -9.50 28.00
N PHE B 340 -18.76 -8.21 27.90
CA PHE B 340 -18.49 -7.37 29.07
C PHE B 340 -19.71 -6.57 29.47
N ALA B 341 -19.70 -6.07 30.71
CA ALA B 341 -20.59 -5.01 31.13
C ALA B 341 -19.78 -3.93 31.84
N SER B 342 -20.26 -2.69 31.75
CA SER B 342 -19.67 -1.59 32.50
C SER B 342 -20.21 -1.51 33.92
N ARG B 343 -19.31 -1.56 34.90
CA ARG B 343 -19.72 -1.32 36.29
C ARG B 343 -19.86 0.15 36.57
N ASP B 344 -18.99 0.95 35.94
CA ASP B 344 -19.00 2.40 35.92
C ASP B 344 -18.18 2.79 34.70
N SER B 345 -18.27 4.06 34.30
CA SER B 345 -17.80 4.41 32.95
C SER B 345 -16.33 4.07 32.76
N ASP B 346 -15.56 4.07 33.85
CA ASP B 346 -14.12 3.87 33.78
C ASP B 346 -13.70 2.49 34.30
N SER B 347 -14.63 1.54 34.38
CA SER B 347 -14.27 0.15 34.64
C SER B 347 -15.29 -0.77 34.00
N CYS B 348 -14.94 -2.05 33.89
CA CYS B 348 -15.85 -3.07 33.39
C CYS B 348 -15.76 -4.31 34.26
N ALA B 349 -16.69 -5.23 34.04
CA ALA B 349 -16.68 -6.50 34.75
C ALA B 349 -17.30 -7.57 33.86
N ILE B 350 -17.14 -8.82 34.30
CA ILE B 350 -17.71 -9.98 33.62
C ILE B 350 -18.75 -10.60 34.55
N PRO B 351 -19.95 -10.93 34.07
CA PRO B 351 -20.99 -11.44 34.96
C PRO B 351 -20.64 -12.83 35.48
N PRO B 352 -21.33 -13.29 36.54
CA PRO B 352 -20.90 -14.52 37.22
C PRO B 352 -21.25 -15.79 36.46
N LYS B 353 -20.30 -16.73 36.44
CA LYS B 353 -20.42 -17.98 35.69
C LYS B 353 -20.78 -17.72 34.23
N HIS B 354 -20.17 -16.71 33.64
CA HIS B 354 -20.48 -16.34 32.26
C HIS B 354 -20.07 -17.46 31.32
N ASP B 355 -21.05 -17.98 30.56
CA ASP B 355 -20.88 -19.26 29.89
C ASP B 355 -19.69 -19.32 28.95
N PRO B 356 -19.51 -18.41 27.98
CA PRO B 356 -18.44 -18.62 27.01
C PRO B 356 -17.06 -18.57 27.63
N LEU B 357 -16.82 -17.63 28.55
CA LEU B 357 -15.54 -17.61 29.25
C LEU B 357 -15.35 -18.88 30.06
N THR B 358 -16.43 -19.39 30.65
CA THR B 358 -16.38 -20.66 31.37
C THR B 358 -15.88 -21.77 30.47
N ILE B 359 -16.33 -21.80 29.22
CA ILE B 359 -15.88 -22.87 28.33
C ILE B 359 -14.46 -22.61 27.86
N PHE B 360 -14.21 -21.36 27.46
CA PHE B 360 -12.91 -20.94 26.93
C PHE B 360 -11.78 -21.35 27.87
N CYS B 361 -11.98 -21.12 29.16
CA CYS B 361 -10.96 -21.46 30.16
C CYS B 361 -10.74 -22.96 30.29
N ASP B 362 -11.74 -23.77 29.96
CA ASP B 362 -11.55 -25.22 29.90
C ASP B 362 -10.85 -25.65 28.62
N LEU B 363 -11.18 -25.03 27.49
CA LEU B 363 -10.52 -25.38 26.24
C LEU B 363 -9.04 -25.05 26.31
N MET B 364 -8.70 -23.93 26.93
CA MET B 364 -7.31 -23.52 27.08
C MET B 364 -6.64 -24.23 28.25
N GLY B 365 -7.41 -24.61 29.28
CA GLY B 365 -6.83 -25.17 30.48
C GLY B 365 -6.17 -24.15 31.36
N VAL B 366 -6.62 -22.90 31.28
CA VAL B 366 -6.20 -21.83 32.19
C VAL B 366 -7.36 -21.57 33.12
N ASP B 367 -7.05 -21.29 34.38
CA ASP B 367 -8.12 -21.19 35.36
C ASP B 367 -9.01 -19.99 35.07
N TYR B 368 -10.22 -20.03 35.63
CA TYR B 368 -11.21 -18.99 35.35
C TYR B 368 -10.77 -17.66 35.93
N GLU B 369 -10.28 -17.67 37.17
CA GLU B 369 -10.16 -16.42 37.93
C GLU B 369 -9.08 -15.52 37.34
N GLU B 370 -7.99 -16.11 36.85
CA GLU B 370 -6.94 -15.31 36.23
C GLU B 370 -7.44 -14.60 34.98
N MET B 371 -8.10 -15.33 34.08
CA MET B 371 -8.60 -14.67 32.87
C MET B 371 -9.66 -13.63 33.21
N ALA B 372 -10.52 -13.93 34.19
CA ALA B 372 -11.49 -12.93 34.63
C ALA B 372 -10.78 -11.66 35.07
N HIS B 373 -9.73 -11.81 35.88
CA HIS B 373 -9.05 -10.65 36.46
C HIS B 373 -8.32 -9.85 35.41
N TRP B 374 -7.51 -10.50 34.58
CA TRP B 374 -6.68 -9.78 33.61
C TRP B 374 -7.47 -9.22 32.43
N LEU B 375 -8.56 -9.87 32.00
CA LEU B 375 -9.37 -9.26 30.96
C LEU B 375 -9.99 -7.95 31.43
N CYS B 376 -10.49 -7.92 32.67
CA CYS B 376 -11.03 -6.69 33.23
C CYS B 376 -9.96 -5.68 33.64
N HIS B 377 -8.73 -6.10 33.94
CA HIS B 377 -7.73 -5.18 34.47
C HIS B 377 -6.44 -5.19 33.67
N ARG B 378 -5.88 -4.00 33.51
CA ARG B 378 -4.54 -3.81 32.97
C ARG B 378 -3.53 -3.80 34.12
N LYS B 379 -2.30 -4.20 33.81
CA LYS B 379 -1.18 -4.06 34.73
C LYS B 379 -0.16 -3.09 34.18
N LEU B 380 0.22 -2.11 34.99
CA LEU B 380 1.36 -1.24 34.72
C LEU B 380 2.44 -1.56 35.75
N ALA B 381 3.58 -2.03 35.27
CA ALA B 381 4.76 -2.22 36.12
C ALA B 381 5.74 -1.09 35.86
N THR B 382 5.97 -0.27 36.87
CA THR B 382 7.18 0.53 36.90
C THR B 382 8.35 -0.32 37.39
N ALA B 383 9.56 0.26 37.37
CA ALA B 383 10.75 -0.48 37.75
C ALA B 383 10.69 -0.97 39.19
N THR B 384 10.21 -0.12 40.11
CA THR B 384 10.22 -0.46 41.53
C THR B 384 8.96 -1.15 42.02
N GLU B 385 7.87 -1.11 41.27
CA GLU B 385 6.56 -1.27 41.88
C GLU B 385 5.56 -1.65 40.80
N THR B 386 4.39 -2.12 41.23
CA THR B 386 3.34 -2.56 40.33
C THR B 386 2.08 -1.77 40.62
N TYR B 387 1.33 -1.46 39.56
CA TYR B 387 -0.04 -1.01 39.65
C TYR B 387 -0.93 -1.90 38.80
N ILE B 388 -1.98 -2.44 39.42
CA ILE B 388 -3.04 -3.13 38.70
C ILE B 388 -4.22 -2.18 38.53
N LYS B 389 -4.67 -2.02 37.28
CA LYS B 389 -5.40 -0.84 36.85
C LYS B 389 -6.61 -1.26 36.01
N PRO B 390 -7.80 -0.73 36.31
CA PRO B 390 -8.98 -1.10 35.53
C PRO B 390 -9.05 -0.34 34.22
N ILE B 391 -9.83 -0.91 33.29
CA ILE B 391 -9.96 -0.38 31.94
C ILE B 391 -11.43 -0.38 31.54
N SER B 392 -11.80 0.57 30.69
CA SER B 392 -13.17 0.73 30.25
C SER B 392 -13.54 -0.30 29.19
N LYS B 393 -14.85 -0.54 29.07
CA LYS B 393 -15.39 -1.59 28.21
C LYS B 393 -14.83 -1.55 26.80
N LEU B 394 -14.67 -0.34 26.24
CA LEU B 394 -14.07 -0.21 24.92
C LEU B 394 -12.65 -0.77 24.91
N HIS B 395 -11.84 -0.35 25.88
CA HIS B 395 -10.47 -0.85 25.94
C HIS B 395 -10.47 -2.36 26.10
N ALA B 396 -11.37 -2.88 26.93
CA ALA B 396 -11.42 -4.33 27.15
C ALA B 396 -11.68 -5.07 25.85
N ILE B 397 -12.65 -4.59 25.06
CA ILE B 397 -12.96 -5.24 23.79
C ILE B 397 -11.79 -5.15 22.83
N ASN B 398 -11.17 -3.97 22.75
CA ASN B 398 -10.00 -3.80 21.89
C ASN B 398 -8.87 -4.74 22.27
N ALA B 399 -8.70 -4.99 23.57
CA ALA B 399 -7.63 -5.88 24.00
C ALA B 399 -7.98 -7.34 23.76
N ARG B 400 -9.22 -7.72 23.98
CA ARG B 400 -9.66 -9.08 23.64
C ARG B 400 -9.43 -9.37 22.16
N ASP B 401 -9.86 -8.45 21.29
CA ASP B 401 -9.67 -8.68 19.86
C ASP B 401 -8.20 -8.65 19.46
N ALA B 402 -7.38 -7.86 20.15
CA ALA B 402 -5.95 -7.90 19.87
C ALA B 402 -5.33 -9.22 20.30
N LEU B 403 -5.81 -9.79 21.42
CA LEU B 403 -5.35 -11.11 21.82
C LEU B 403 -5.74 -12.15 20.77
N ALA B 404 -6.93 -12.03 20.21
CA ALA B 404 -7.37 -13.00 19.21
C ALA B 404 -6.51 -12.91 17.95
N LYS B 405 -6.29 -11.69 17.47
CA LYS B 405 -5.40 -11.48 16.33
C LYS B 405 -3.98 -11.99 16.59
N HIS B 406 -3.46 -11.81 17.80
CA HIS B 406 -2.11 -12.26 18.11
C HIS B 406 -2.03 -13.79 18.19
N ILE B 407 -3.08 -14.43 18.72
CA ILE B 407 -3.13 -15.89 18.68
C ILE B 407 -3.15 -16.38 17.25
N TYR B 408 -4.04 -15.84 16.43
CA TYR B 408 -4.18 -16.34 15.07
C TYR B 408 -2.88 -16.18 14.28
N ALA B 409 -2.26 -15.00 14.37
CA ALA B 409 -0.98 -14.80 13.67
C ALA B 409 0.13 -15.70 14.18
N ASN B 410 0.08 -16.10 15.45
CA ASN B 410 1.10 -17.02 15.91
C ASN B 410 0.82 -18.46 15.48
N LEU B 411 -0.45 -18.86 15.49
CA LEU B 411 -0.81 -20.16 14.95
C LEU B 411 -0.43 -20.27 13.48
N PHE B 412 -0.68 -19.21 12.72
CA PHE B 412 -0.29 -19.17 11.31
C PHE B 412 1.22 -19.35 11.16
N ASN B 413 2.01 -18.56 11.89
CA ASN B 413 3.46 -18.70 11.76
C ASN B 413 3.94 -20.08 12.19
N TRP B 414 3.26 -20.70 13.16
CA TRP B 414 3.64 -22.04 13.58
C TRP B 414 3.34 -23.09 12.50
N ILE B 415 2.17 -22.98 11.87
CA ILE B 415 1.84 -23.92 10.80
C ILE B 415 2.80 -23.77 9.63
N VAL B 416 3.21 -22.53 9.32
CA VAL B 416 4.25 -22.34 8.32
C VAL B 416 5.58 -22.93 8.75
N ASP B 417 5.90 -22.83 10.06
CA ASP B 417 7.14 -23.40 10.57
C ASP B 417 7.22 -24.92 10.39
N HIS B 418 6.09 -25.61 10.62
CA HIS B 418 6.05 -27.04 10.32
C HIS B 418 5.99 -27.36 8.84
N VAL B 419 5.24 -26.61 8.04
CA VAL B 419 5.27 -26.91 6.61
C VAL B 419 6.69 -26.74 6.06
N ASN B 420 7.45 -25.80 6.60
CA ASN B 420 8.88 -25.78 6.35
C ASN B 420 9.55 -27.04 6.85
N LYS B 421 9.27 -27.43 8.10
CA LYS B 421 9.99 -28.53 8.73
C LYS B 421 9.86 -29.81 7.90
N ALA B 422 8.70 -30.00 7.28
CA ALA B 422 8.53 -31.11 6.34
C ALA B 422 9.26 -30.83 5.03
N LEU B 423 9.20 -29.59 4.54
CA LEU B 423 9.81 -29.30 3.25
C LEU B 423 11.31 -29.08 3.36
N HIS B 424 11.80 -28.63 4.51
CA HIS B 424 13.13 -28.05 4.63
C HIS B 424 14.18 -29.14 4.83
N SER B 425 14.42 -29.88 3.75
CA SER B 425 15.59 -30.75 3.68
C SER B 425 16.81 -29.88 3.94
N THR B 426 17.78 -30.43 4.68
CA THR B 426 19.01 -29.68 4.95
C THR B 426 20.22 -30.36 4.31
N VAL B 427 20.76 -29.68 3.31
CA VAL B 427 22.02 -29.96 2.64
C VAL B 427 22.51 -28.57 2.23
N LYS B 428 23.82 -28.39 2.13
CA LYS B 428 24.33 -27.07 1.77
C LYS B 428 23.58 -26.54 0.54
N GLN B 429 23.11 -25.31 0.63
CA GLN B 429 22.26 -24.71 -0.38
C GLN B 429 23.03 -23.70 -1.21
N HIS B 430 23.39 -24.07 -2.44
CA HIS B 430 24.35 -23.28 -3.18
C HIS B 430 23.76 -21.91 -3.53
N SER B 431 22.57 -21.91 -4.12
CA SER B 431 21.84 -20.70 -4.48
C SER B 431 20.39 -21.10 -4.74
N PHE B 432 19.52 -20.10 -4.83
CA PHE B 432 18.08 -20.39 -4.81
C PHE B 432 17.35 -19.51 -5.82
N ILE B 433 16.20 -20.01 -6.24
CA ILE B 433 15.24 -19.28 -7.05
C ILE B 433 13.95 -19.18 -6.27
N GLY B 434 13.21 -18.11 -6.48
CA GLY B 434 12.03 -17.81 -5.67
C GLY B 434 10.84 -17.55 -6.55
N VAL B 435 9.69 -17.99 -6.07
CA VAL B 435 8.42 -17.84 -6.79
C VAL B 435 7.41 -17.28 -5.79
N LEU B 436 6.80 -16.16 -6.15
CA LEU B 436 6.05 -15.35 -5.20
C LEU B 436 4.66 -15.08 -5.76
N ASP B 437 3.66 -15.19 -4.91
CA ASP B 437 2.31 -14.79 -5.24
C ASP B 437 1.97 -13.56 -4.42
N ILE B 438 1.25 -12.62 -5.03
CA ILE B 438 0.68 -11.52 -4.28
C ILE B 438 -0.66 -11.15 -4.91
N TYR B 439 -1.49 -10.49 -4.14
CA TYR B 439 -2.73 -9.92 -4.64
C TYR B 439 -2.49 -8.66 -5.47
N GLY B 440 -3.34 -8.48 -6.48
CA GLY B 440 -3.29 -7.30 -7.32
C GLY B 440 -3.86 -6.07 -6.67
N PHE B 441 -3.59 -4.93 -7.31
CA PHE B 441 -4.20 -3.67 -6.93
C PHE B 441 -5.72 -3.81 -6.89
N GLU B 442 -6.35 -3.20 -5.89
CA GLU B 442 -7.67 -3.64 -5.48
C GLU B 442 -8.54 -2.46 -5.07
N THR B 443 -9.73 -2.38 -5.67
CA THR B 443 -10.72 -1.35 -5.36
C THR B 443 -12.11 -1.95 -5.48
N PHE B 444 -13.03 -1.49 -4.65
CA PHE B 444 -14.43 -1.88 -4.71
C PHE B 444 -15.28 -0.63 -4.60
N GLU B 445 -16.61 -0.81 -4.66
CA GLU B 445 -17.52 0.30 -4.39
C GLU B 445 -17.21 0.95 -3.05
N ILE B 446 -16.83 0.14 -2.07
CA ILE B 446 -16.31 0.61 -0.78
C ILE B 446 -14.83 0.25 -0.70
N ASN B 447 -14.04 1.15 -0.12
CA ASN B 447 -12.64 0.86 0.14
C ASN B 447 -12.31 1.19 1.59
N SER B 448 -11.46 0.34 2.18
CA SER B 448 -11.27 0.28 3.62
C SER B 448 -9.83 -0.11 3.90
N PHE B 449 -9.48 -0.17 5.19
CA PHE B 449 -8.09 -0.29 5.59
C PHE B 449 -7.40 -1.47 4.93
N GLU B 450 -8.12 -2.59 4.79
CA GLU B 450 -7.59 -3.73 4.07
C GLU B 450 -7.15 -3.36 2.66
N GLN B 451 -8.05 -2.68 1.92
CA GLN B 451 -7.69 -2.21 0.59
C GLN B 451 -6.58 -1.17 0.66
N PHE B 452 -6.55 -0.33 1.68
CA PHE B 452 -5.51 0.69 1.75
C PHE B 452 -4.13 0.06 1.85
N CYS B 453 -3.99 -0.98 2.67
CA CYS B 453 -2.72 -1.67 2.78
C CYS B 453 -2.39 -2.45 1.51
N ILE B 454 -3.37 -3.13 0.94
CA ILE B 454 -3.13 -3.89 -0.29
C ILE B 454 -2.68 -2.97 -1.42
N ASN B 455 -3.25 -1.77 -1.50
CA ASN B 455 -2.85 -0.80 -2.50
C ASN B 455 -1.46 -0.23 -2.24
N TYR B 456 -1.11 -0.03 -0.97
CA TYR B 456 0.25 0.42 -0.66
C TYR B 456 1.30 -0.65 -0.97
N ALA B 457 0.99 -1.92 -0.72
CA ALA B 457 1.89 -3.00 -1.12
C ALA B 457 2.06 -3.10 -2.62
N ASN B 458 0.96 -3.06 -3.37
CA ASN B 458 1.09 -3.08 -4.83
C ASN B 458 1.87 -1.88 -5.34
N GLU B 459 1.62 -0.69 -4.80
CA GLU B 459 2.31 0.50 -5.32
C GLU B 459 3.79 0.50 -5.00
N LYS B 460 4.18 -0.08 -3.87
CA LYS B 460 5.61 -0.16 -3.59
C LYS B 460 6.30 -1.32 -4.29
N LEU B 461 5.59 -2.36 -4.70
CA LEU B 461 6.18 -3.28 -5.67
C LEU B 461 6.32 -2.60 -7.03
N GLN B 462 5.33 -1.80 -7.42
CA GLN B 462 5.38 -1.11 -8.70
C GLN B 462 6.58 -0.18 -8.79
N GLN B 463 6.93 0.50 -7.70
CA GLN B 463 8.15 1.31 -7.68
C GLN B 463 9.38 0.49 -8.02
N GLN B 464 9.45 -0.73 -7.49
CA GLN B 464 10.58 -1.61 -7.77
C GLN B 464 10.61 -2.04 -9.22
N PHE B 465 9.45 -2.43 -9.73
CA PHE B 465 9.34 -2.85 -11.12
C PHE B 465 9.76 -1.73 -12.07
N ASN B 466 9.21 -0.53 -11.90
CA ASN B 466 9.57 0.58 -12.77
C ASN B 466 11.06 0.93 -12.69
N MET B 467 11.64 0.83 -11.49
CA MET B 467 13.08 1.05 -11.37
C MET B 467 13.88 -0.01 -12.12
N HIS B 468 13.46 -1.27 -12.03
CA HIS B 468 14.17 -2.34 -12.71
C HIS B 468 14.07 -2.22 -14.23
N VAL B 469 12.86 -1.99 -14.75
CA VAL B 469 12.69 -1.80 -16.19
C VAL B 469 13.51 -0.61 -16.70
N PHE B 470 13.51 0.50 -15.98
CA PHE B 470 14.34 1.63 -16.36
C PHE B 470 15.82 1.28 -16.39
N LYS B 471 16.32 0.61 -15.35
CA LYS B 471 17.72 0.17 -15.35
C LYS B 471 18.04 -0.77 -16.50
N LEU B 472 17.11 -1.67 -16.83
CA LEU B 472 17.36 -2.64 -17.91
C LEU B 472 17.32 -2.01 -19.30
N GLU B 473 16.48 -1.00 -19.53
CA GLU B 473 16.63 -0.23 -20.76
C GLU B 473 17.88 0.65 -20.77
N GLN B 474 18.26 1.22 -19.62
CA GLN B 474 19.50 1.99 -19.61
C GLN B 474 20.70 1.12 -19.95
N GLU B 475 20.77 -0.08 -19.37
CA GLU B 475 21.77 -1.07 -19.77
C GLU B 475 21.65 -1.52 -21.22
N GLU B 476 20.45 -1.49 -21.79
CA GLU B 476 20.33 -1.82 -23.21
C GLU B 476 20.89 -0.71 -24.09
N TYR B 477 20.53 0.54 -23.79
CA TYR B 477 21.09 1.66 -24.55
C TYR B 477 22.61 1.72 -24.39
N MET B 478 23.12 1.30 -23.23
CA MET B 478 24.56 1.28 -23.01
C MET B 478 25.28 0.50 -24.11
N LYS B 479 24.73 -0.66 -24.46
CA LYS B 479 25.34 -1.53 -25.47
C LYS B 479 25.51 -0.81 -26.81
N GLU B 480 24.55 0.02 -27.20
CA GLU B 480 24.52 0.62 -28.52
C GLU B 480 24.75 2.12 -28.49
N GLN B 481 25.52 2.60 -27.50
CA GLN B 481 26.10 3.94 -27.46
C GLN B 481 25.07 5.03 -27.78
N ILE B 482 23.94 4.96 -27.08
CA ILE B 482 22.87 5.94 -27.20
C ILE B 482 22.91 6.80 -25.94
N PRO B 483 22.72 8.12 -26.02
CA PRO B 483 22.78 8.93 -24.81
C PRO B 483 21.56 8.72 -23.93
N TRP B 484 21.70 9.10 -22.65
CA TRP B 484 20.64 8.85 -21.68
C TRP B 484 19.48 9.83 -21.83
N THR B 485 19.75 11.07 -22.25
CA THR B 485 18.73 12.12 -22.22
C THR B 485 17.47 11.70 -22.96
N LEU B 486 17.63 10.84 -23.97
CA LEU B 486 16.51 10.31 -24.74
C LEU B 486 15.52 9.53 -23.88
N ILE B 487 15.98 8.93 -22.78
CA ILE B 487 15.16 8.03 -21.98
C ILE B 487 15.11 8.53 -20.54
N ASP B 488 13.91 8.56 -19.98
CA ASP B 488 13.57 9.30 -18.77
C ASP B 488 12.88 8.36 -17.80
N PHE B 489 13.36 8.34 -16.56
CA PHE B 489 12.76 7.54 -15.50
C PHE B 489 11.44 8.13 -15.05
N TYR B 490 10.51 7.25 -14.69
CA TYR B 490 9.16 7.60 -14.26
C TYR B 490 8.97 7.07 -12.86
N ASP B 491 8.65 7.95 -11.92
CA ASP B 491 8.92 7.70 -10.51
C ASP B 491 7.68 8.01 -9.70
N ASN B 492 7.20 7.01 -8.95
CA ASN B 492 6.04 7.14 -8.09
C ASN B 492 6.42 7.27 -6.62
N GLN B 493 7.67 7.61 -6.34
CA GLN B 493 8.03 8.21 -5.05
C GLN B 493 7.11 9.32 -4.57
N PRO B 494 6.65 10.26 -5.39
CA PRO B 494 5.72 11.27 -4.87
C PRO B 494 4.49 10.73 -4.16
N CYS B 495 3.93 9.60 -4.62
CA CYS B 495 2.83 8.95 -3.90
C CYS B 495 3.28 8.17 -2.66
N ILE B 496 4.31 7.34 -2.79
CA ILE B 496 4.77 6.59 -1.63
C ILE B 496 5.19 7.53 -0.50
N ASN B 497 5.84 8.64 -0.81
CA ASN B 497 6.10 9.61 0.25
C ASN B 497 4.84 10.17 0.89
N LEU B 498 3.69 10.06 0.21
CA LEU B 498 2.41 10.37 0.85
C LEU B 498 1.95 9.27 1.80
N ILE B 499 2.00 8.02 1.37
CA ILE B 499 1.50 6.93 2.20
C ILE B 499 2.49 6.55 3.31
N GLU B 500 3.74 6.32 2.95
CA GLU B 500 4.74 5.75 3.85
C GLU B 500 5.28 6.77 4.85
N ALA B 501 5.73 7.92 4.36
CA ALA B 501 6.63 8.75 5.14
C ALA B 501 5.92 9.37 6.33
N LYS B 502 6.72 9.83 7.29
CA LYS B 502 6.18 10.51 8.47
C LYS B 502 5.44 11.77 8.06
N MET B 503 4.34 12.05 8.78
CA MET B 503 3.22 12.87 8.28
C MET B 503 2.51 12.22 7.10
N GLY B 504 2.55 10.90 7.02
CA GLY B 504 1.83 10.17 6.00
C GLY B 504 0.39 9.92 6.39
N VAL B 505 -0.31 9.17 5.54
CA VAL B 505 -1.65 8.72 5.88
C VAL B 505 -1.60 7.62 6.94
N LEU B 506 -0.61 6.72 6.86
CA LEU B 506 -0.48 5.69 7.88
C LEU B 506 0.04 6.26 9.18
N ASP B 507 1.03 7.13 9.11
CA ASP B 507 1.58 7.74 10.31
C ASP B 507 0.55 8.57 11.07
N LEU B 508 -0.25 9.37 10.36
CA LEU B 508 -1.30 10.12 11.04
C LEU B 508 -2.37 9.22 11.62
N LEU B 509 -2.53 8.00 11.10
CA LEU B 509 -3.46 7.05 11.69
C LEU B 509 -2.90 6.48 12.99
N ASP B 510 -1.62 6.09 12.95
CA ASP B 510 -0.98 5.60 14.16
C ASP B 510 -0.92 6.66 15.23
N GLU B 511 -0.91 7.94 14.84
CA GLU B 511 -1.01 9.00 15.84
C GLU B 511 -2.40 9.03 16.47
N GLU B 512 -3.45 8.98 15.64
CA GLU B 512 -4.81 8.97 16.17
C GLU B 512 -5.07 7.79 17.09
N CYS B 513 -4.37 6.68 16.89
CA CYS B 513 -4.51 5.56 17.83
C CYS B 513 -4.08 5.97 19.24
N LYS B 514 -2.97 6.69 19.35
CA LYS B 514 -2.46 7.16 20.65
C LYS B 514 -3.26 8.34 21.20
N MET B 515 -3.46 9.37 20.40
CA MET B 515 -4.02 10.62 20.87
C MET B 515 -5.39 10.42 21.50
N PRO B 516 -5.66 11.03 22.66
CA PRO B 516 -6.83 10.66 23.45
C PRO B 516 -8.13 11.10 22.80
N LYS B 517 -9.16 10.28 22.98
CA LYS B 517 -10.46 10.48 22.34
C LYS B 517 -10.30 10.68 20.83
N GLY B 518 -9.40 9.90 20.23
CA GLY B 518 -9.30 9.86 18.79
C GLY B 518 -10.59 9.38 18.14
N SER B 519 -10.78 9.78 16.89
CA SER B 519 -11.96 9.40 16.14
C SER B 519 -11.64 9.48 14.65
N ASP B 520 -12.40 8.73 13.86
CA ASP B 520 -12.23 8.75 12.41
C ASP B 520 -12.47 10.14 11.83
N ASP B 521 -13.39 10.90 12.44
CA ASP B 521 -13.65 12.26 12.00
C ASP B 521 -12.46 13.18 12.24
N THR B 522 -11.90 13.15 13.44
CA THR B 522 -10.74 13.98 13.71
C THR B 522 -9.51 13.51 12.93
N TRP B 523 -9.41 12.20 12.68
CA TRP B 523 -8.34 11.72 11.81
C TRP B 523 -8.46 12.36 10.43
N ALA B 524 -9.63 12.20 9.80
CA ALA B 524 -9.86 12.78 8.48
C ALA B 524 -9.53 14.27 8.48
N GLN B 525 -10.06 14.99 9.46
CA GLN B 525 -9.82 16.43 9.53
C GLN B 525 -8.33 16.75 9.61
N LYS B 526 -7.54 15.89 10.28
CA LYS B 526 -6.09 16.13 10.28
C LYS B 526 -5.46 15.79 8.93
N LEU B 527 -5.99 14.79 8.23
CA LEU B 527 -5.53 14.55 6.86
C LEU B 527 -5.73 15.80 6.02
N TYR B 528 -6.95 16.34 6.03
CA TYR B 528 -7.23 17.49 5.18
C TYR B 528 -6.36 18.67 5.59
N ASN B 529 -6.18 18.89 6.90
CA ASN B 529 -5.30 19.96 7.34
C ASN B 529 -3.89 19.78 6.78
N THR B 530 -3.40 18.53 6.75
CA THR B 530 -2.01 18.30 6.39
C THR B 530 -1.77 18.39 4.88
N HIS B 531 -2.59 17.70 4.08
CA HIS B 531 -2.25 17.43 2.68
C HIS B 531 -3.10 18.18 1.66
N LEU B 532 -4.35 18.52 1.98
CA LEU B 532 -5.38 18.66 0.95
C LEU B 532 -5.04 19.71 -0.08
N ASN B 533 -4.68 20.92 0.37
CA ASN B 533 -4.21 21.93 -0.57
C ASN B 533 -2.79 21.67 -1.06
N LYS B 534 -1.95 21.03 -0.25
CA LYS B 534 -0.53 20.93 -0.58
C LYS B 534 -0.28 20.05 -1.80
N CYS B 535 -0.90 18.88 -1.83
CA CYS B 535 -0.41 17.77 -2.65
C CYS B 535 -1.39 17.41 -3.76
N ALA B 536 -0.85 17.17 -4.95
CA ALA B 536 -1.66 16.89 -6.14
C ALA B 536 -2.31 15.51 -6.09
N LEU B 537 -1.82 14.61 -5.26
CA LEU B 537 -2.25 13.22 -5.28
C LEU B 537 -3.38 12.96 -4.31
N PHE B 538 -3.57 13.85 -3.34
CA PHE B 538 -4.57 13.70 -2.30
C PHE B 538 -5.71 14.66 -2.61
N GLU B 539 -6.95 14.17 -2.54
CA GLU B 539 -8.11 15.00 -2.83
C GLU B 539 -9.22 14.66 -1.84
N LYS B 540 -9.99 15.66 -1.52
CA LYS B 540 -11.21 15.46 -0.73
C LYS B 540 -12.38 15.17 -1.65
N PRO B 541 -13.18 14.14 -1.38
CA PRO B 541 -14.40 13.95 -2.16
C PRO B 541 -15.41 15.03 -1.82
N ARG B 542 -16.13 15.51 -2.84
CA ARG B 542 -16.87 16.76 -2.68
C ARG B 542 -18.00 16.61 -1.67
N LEU B 543 -18.85 15.59 -1.85
CA LEU B 543 -20.07 15.47 -1.06
C LEU B 543 -19.84 15.03 0.38
N SER B 544 -18.62 14.69 0.80
CA SER B 544 -18.45 14.05 2.09
C SER B 544 -17.18 14.52 2.78
N ASN B 545 -17.22 14.51 4.10
CA ASN B 545 -16.04 14.68 4.95
C ASN B 545 -15.63 13.38 5.61
N LYS B 546 -16.24 12.26 5.23
CA LYS B 546 -15.95 10.95 5.80
C LYS B 546 -14.99 10.13 4.95
N ALA B 547 -14.38 10.72 3.93
CA ALA B 547 -13.57 9.95 3.01
C ALA B 547 -12.44 10.82 2.46
N PHE B 548 -11.52 10.18 1.77
CA PHE B 548 -10.45 10.87 1.06
C PHE B 548 -10.07 10.05 -0.16
N ILE B 549 -9.47 10.72 -1.13
CA ILE B 549 -9.08 10.10 -2.39
C ILE B 549 -7.57 10.16 -2.53
N ILE B 550 -6.98 9.09 -3.06
CA ILE B 550 -5.56 9.02 -3.33
C ILE B 550 -5.39 8.61 -4.77
N LYS B 551 -4.61 9.39 -5.51
CA LYS B 551 -4.23 9.00 -6.87
C LYS B 551 -3.17 7.91 -6.83
N HIS B 552 -3.28 6.95 -7.74
CA HIS B 552 -2.32 5.87 -7.87
C HIS B 552 -1.95 5.75 -9.33
N PHE B 553 -1.01 4.86 -9.64
CA PHE B 553 -0.70 4.58 -11.04
C PHE B 553 -1.95 4.15 -11.80
N ALA B 554 -2.78 3.30 -11.19
CA ALA B 554 -3.91 2.73 -11.92
C ALA B 554 -5.10 3.67 -12.01
N ASP B 555 -5.46 4.31 -10.90
CA ASP B 555 -6.76 4.97 -10.75
C ASP B 555 -6.69 5.92 -9.59
N LYS B 556 -7.67 6.84 -9.54
CA LYS B 556 -8.09 7.42 -8.28
C LYS B 556 -8.92 6.42 -7.51
N VAL B 557 -8.72 6.37 -6.19
CA VAL B 557 -9.47 5.50 -5.31
C VAL B 557 -9.95 6.31 -4.12
N GLU B 558 -11.19 6.05 -3.67
CA GLU B 558 -11.77 6.74 -2.53
C GLU B 558 -11.84 5.77 -1.36
N TYR B 559 -11.21 6.12 -0.24
CA TYR B 559 -11.23 5.30 0.96
C TYR B 559 -12.19 5.88 1.98
N GLN B 560 -13.03 5.01 2.56
CA GLN B 560 -13.91 5.44 3.65
C GLN B 560 -13.15 5.47 4.97
N CYS B 561 -13.35 6.54 5.73
CA CYS B 561 -12.84 6.62 7.11
C CYS B 561 -13.55 5.64 8.04
N GLU B 562 -14.79 5.26 7.71
CA GLU B 562 -15.77 4.86 8.70
C GLU B 562 -15.22 3.89 9.74
N GLY B 563 -14.57 2.83 9.30
CA GLY B 563 -14.01 1.83 10.21
C GLY B 563 -12.52 1.89 10.41
N PHE B 564 -11.87 2.96 9.97
CA PHE B 564 -10.47 2.86 9.57
C PHE B 564 -9.52 2.98 10.76
N LEU B 565 -9.95 3.67 11.82
CA LEU B 565 -9.18 3.72 13.06
C LEU B 565 -9.38 2.50 13.95
N GLU B 566 -10.63 2.05 14.10
CA GLU B 566 -10.92 0.81 14.83
C GLU B 566 -10.07 -0.38 14.37
N LYS B 567 -9.88 -0.52 13.06
CA LYS B 567 -9.12 -1.67 12.57
C LYS B 567 -7.63 -1.54 12.81
N ASN B 568 -7.13 -0.33 13.02
CA ASN B 568 -5.70 -0.13 13.14
C ASN B 568 -5.16 -0.52 14.50
N LYS B 569 -5.99 -0.48 15.54
CA LYS B 569 -5.49 -0.71 16.88
C LYS B 569 -5.11 -2.16 17.08
N ASP B 570 -3.85 -2.39 17.42
CA ASP B 570 -3.40 -3.63 18.02
C ASP B 570 -2.58 -3.26 19.25
N THR B 571 -2.98 -3.77 20.40
CA THR B 571 -2.11 -3.76 21.57
C THR B 571 -2.49 -4.92 22.44
N VAL B 572 -1.51 -5.69 22.90
CA VAL B 572 -1.77 -6.93 23.61
C VAL B 572 -1.10 -6.83 24.97
N TYR B 573 -1.89 -7.02 26.02
CA TYR B 573 -1.36 -6.87 27.37
C TYR B 573 -0.56 -8.11 27.75
N GLU B 574 0.69 -7.90 28.17
CA GLU B 574 1.60 -9.03 28.37
C GLU B 574 1.00 -10.05 29.33
N GLU B 575 0.42 -9.56 30.44
CA GLU B 575 -0.06 -10.45 31.47
C GLU B 575 -1.23 -11.29 31.02
N GLN B 576 -1.89 -10.93 29.91
CA GLN B 576 -2.93 -11.81 29.39
C GLN B 576 -2.33 -12.98 28.61
N ILE B 577 -1.28 -12.74 27.82
CA ILE B 577 -0.70 -13.86 27.10
C ILE B 577 0.06 -14.77 28.06
N LYS B 578 0.57 -14.21 29.16
CA LYS B 578 1.25 -15.03 30.16
C LYS B 578 0.32 -16.06 30.78
N VAL B 579 -0.95 -15.71 30.95
CA VAL B 579 -1.95 -16.67 31.43
C VAL B 579 -2.05 -17.87 30.50
N LEU B 580 -2.19 -17.62 29.19
CA LEU B 580 -2.19 -18.72 28.25
C LEU B 580 -0.88 -19.50 28.34
N LYS B 581 0.24 -18.77 28.33
CA LYS B 581 1.56 -19.39 28.30
C LYS B 581 1.78 -20.31 29.49
N SER B 582 1.03 -20.13 30.57
CA SER B 582 1.16 -21.01 31.73
C SER B 582 0.46 -22.35 31.57
N SER B 583 -0.41 -22.52 30.57
CA SER B 583 -1.33 -23.65 30.59
C SER B 583 -0.58 -24.98 30.50
N LYS B 584 -0.90 -25.88 31.44
CA LYS B 584 -0.36 -27.24 31.41
C LYS B 584 -1.03 -28.11 30.35
N LYS B 585 -2.28 -27.80 29.98
CA LYS B 585 -3.19 -28.86 29.52
C LYS B 585 -2.76 -29.49 28.20
N PHE B 586 -2.14 -28.74 27.29
CA PHE B 586 -1.72 -29.37 26.06
C PHE B 586 -0.52 -28.65 25.45
N LYS B 587 0.22 -29.40 24.65
CA LYS B 587 1.60 -29.08 24.29
C LYS B 587 1.71 -27.78 23.52
N LEU B 588 0.75 -27.52 22.62
CA LEU B 588 0.89 -26.50 21.60
C LEU B 588 0.78 -25.07 22.14
N LEU B 589 -0.22 -24.78 22.95
CA LEU B 589 -0.42 -23.39 23.35
C LEU B 589 0.76 -22.82 24.15
N PRO B 590 1.47 -23.57 25.00
CA PRO B 590 2.75 -23.08 25.50
C PRO B 590 3.79 -22.87 24.41
N GLU B 591 3.65 -23.52 23.25
CA GLU B 591 4.64 -23.37 22.20
C GLU B 591 4.44 -22.08 21.42
N LEU B 592 3.17 -21.74 21.11
CA LEU B 592 2.92 -20.72 20.10
C LEU B 592 3.61 -19.41 20.42
N PHE B 593 3.60 -19.00 21.68
CA PHE B 593 4.13 -17.71 22.08
C PHE B 593 5.64 -17.68 22.24
N GLN B 594 6.32 -18.82 22.09
CA GLN B 594 7.76 -18.83 22.31
C GLN B 594 8.47 -17.96 21.27
N ASP B 595 9.67 -17.51 21.64
CA ASP B 595 10.52 -16.75 20.73
C ASP B 595 11.02 -17.62 19.57
N SER B 629 7.66 -8.01 24.91
CA SER B 629 8.51 -7.32 23.96
C SER B 629 7.87 -6.02 23.49
N LYS B 630 8.56 -5.31 22.60
CA LYS B 630 8.08 -4.03 22.13
C LYS B 630 6.99 -4.17 21.07
N GLU B 631 6.99 -5.28 20.31
CA GLU B 631 6.03 -5.45 19.23
C GLU B 631 4.59 -5.37 19.71
N HIS B 632 4.32 -5.78 20.95
CA HIS B 632 2.95 -5.78 21.47
C HIS B 632 2.31 -4.41 21.35
N LYS B 633 3.10 -3.35 21.39
CA LYS B 633 2.62 -2.00 21.17
C LYS B 633 2.33 -1.69 19.70
N LYS B 634 3.03 -2.34 18.77
CA LYS B 634 2.91 -1.95 17.36
C LYS B 634 1.50 -2.18 16.82
N THR B 635 0.92 -1.10 16.30
CA THR B 635 -0.34 -1.12 15.57
C THR B 635 -0.20 -1.89 14.26
N VAL B 636 -1.34 -2.37 13.74
CA VAL B 636 -1.33 -3.26 12.59
C VAL B 636 -0.72 -2.57 11.39
N GLY B 637 -0.96 -1.26 11.25
CA GLY B 637 -0.36 -0.51 10.15
C GLY B 637 1.15 -0.58 10.17
N HIS B 638 1.75 -0.32 11.33
CA HIS B 638 3.20 -0.37 11.49
C HIS B 638 3.75 -1.78 11.29
N GLN B 639 3.06 -2.79 11.82
CA GLN B 639 3.47 -4.17 11.58
C GLN B 639 3.41 -4.54 10.11
N PHE B 640 2.47 -3.95 9.38
CA PHE B 640 2.37 -4.22 7.95
C PHE B 640 3.50 -3.54 7.20
N ARG B 641 3.71 -2.25 7.46
CA ARG B 641 4.80 -1.53 6.83
C ARG B 641 6.15 -2.20 7.09
N ASN B 642 6.33 -2.81 8.26
CA ASN B 642 7.55 -3.54 8.53
C ASN B 642 7.62 -4.82 7.72
N SER B 643 6.55 -5.61 7.71
CA SER B 643 6.57 -6.85 6.94
C SER B 643 6.79 -6.56 5.46
N LEU B 644 6.28 -5.43 4.98
CA LEU B 644 6.51 -5.03 3.59
C LEU B 644 7.96 -4.67 3.33
N HIS B 645 8.61 -3.96 4.25
CA HIS B 645 10.02 -3.68 3.97
C HIS B 645 10.85 -4.93 4.07
N LEU B 646 10.49 -5.86 4.95
CA LEU B 646 11.22 -7.12 5.01
C LEU B 646 11.05 -7.91 3.72
N LEU B 647 9.86 -7.85 3.13
CA LEU B 647 9.62 -8.46 1.82
C LEU B 647 10.51 -7.85 0.74
N MET B 648 10.55 -6.52 0.65
CA MET B 648 11.36 -5.93 -0.42
C MET B 648 12.85 -6.01 -0.17
N GLU B 649 13.31 -5.98 1.08
CA GLU B 649 14.68 -6.41 1.36
C GLU B 649 14.95 -7.86 0.99
N THR B 650 13.95 -8.73 1.01
CA THR B 650 14.11 -10.08 0.45
C THR B 650 14.12 -10.09 -1.07
N LEU B 651 13.47 -9.14 -1.73
CA LEU B 651 13.46 -9.13 -3.19
C LEU B 651 14.60 -8.34 -3.83
N ASN B 652 15.04 -7.24 -3.22
CA ASN B 652 16.12 -6.43 -3.77
C ASN B 652 17.48 -7.12 -3.68
N ALA B 653 17.59 -8.19 -2.90
CA ALA B 653 18.72 -9.09 -3.02
C ALA B 653 18.77 -9.81 -4.35
N THR B 654 17.73 -9.68 -5.18
CA THR B 654 17.46 -10.61 -6.26
C THR B 654 17.11 -9.79 -7.51
N THR B 655 17.16 -10.44 -8.67
CA THR B 655 16.85 -9.80 -9.94
C THR B 655 15.54 -10.36 -10.48
N PRO B 656 14.41 -9.71 -10.22
CA PRO B 656 13.12 -10.35 -10.43
C PRO B 656 12.75 -10.46 -11.89
N HIS B 657 11.97 -11.49 -12.19
CA HIS B 657 11.19 -11.63 -13.41
C HIS B 657 9.73 -11.43 -13.05
N TYR B 658 8.86 -11.30 -14.06
CA TYR B 658 7.48 -10.98 -13.76
C TYR B 658 6.52 -11.82 -14.58
N VAL B 659 5.37 -12.09 -13.98
CA VAL B 659 4.20 -12.66 -14.63
C VAL B 659 3.01 -11.79 -14.24
N ARG B 660 1.98 -11.76 -15.09
CA ARG B 660 0.71 -11.17 -14.72
C ARG B 660 -0.41 -12.09 -15.16
N CYS B 661 -1.46 -12.17 -14.37
CA CYS B 661 -2.58 -13.07 -14.66
C CYS B 661 -3.89 -12.30 -14.62
N ILE B 662 -4.72 -12.49 -15.64
CA ILE B 662 -5.95 -11.74 -15.81
C ILE B 662 -7.09 -12.72 -16.07
N LYS B 663 -8.28 -12.38 -15.59
CA LYS B 663 -9.38 -13.33 -15.50
C LYS B 663 -10.40 -12.96 -16.57
N PRO B 664 -10.33 -13.56 -17.75
CA PRO B 664 -10.91 -12.92 -18.95
C PRO B 664 -12.43 -12.88 -18.95
N ASN B 665 -13.11 -13.62 -18.08
CA ASN B 665 -14.55 -13.42 -17.91
C ASN B 665 -14.94 -13.66 -16.47
N ASP B 666 -16.00 -12.98 -16.05
CA ASP B 666 -16.43 -13.00 -14.66
C ASP B 666 -17.10 -14.31 -14.28
N PHE B 667 -17.44 -15.16 -15.25
CA PHE B 667 -18.31 -16.31 -15.03
C PHE B 667 -17.61 -17.65 -15.14
N LYS B 668 -16.29 -17.68 -15.32
CA LYS B 668 -15.53 -18.92 -15.54
C LYS B 668 -15.95 -19.70 -16.79
N PHE B 669 -16.47 -19.06 -17.83
CA PHE B 669 -16.82 -19.80 -19.04
C PHE B 669 -15.58 -20.45 -19.65
N PRO B 670 -15.69 -21.70 -20.11
CA PRO B 670 -14.50 -22.45 -20.58
C PRO B 670 -13.62 -21.71 -21.57
N PHE B 671 -14.24 -21.06 -22.56
CA PHE B 671 -13.66 -19.89 -23.23
C PHE B 671 -14.77 -18.86 -23.42
N THR B 672 -14.55 -17.69 -22.85
CA THR B 672 -15.10 -16.42 -23.32
C THR B 672 -14.13 -15.32 -22.91
N PHE B 673 -14.27 -14.18 -23.57
CA PHE B 673 -13.53 -12.98 -23.22
C PHE B 673 -14.54 -11.85 -23.10
N ASP B 674 -14.43 -11.07 -22.03
CA ASP B 674 -15.36 -9.97 -21.79
C ASP B 674 -14.56 -8.69 -21.62
N GLU B 675 -14.83 -7.72 -22.47
CA GLU B 675 -13.87 -6.64 -22.71
C GLU B 675 -13.84 -5.65 -21.55
N LYS B 676 -14.95 -5.47 -20.85
CA LYS B 676 -14.95 -4.70 -19.61
C LYS B 676 -14.10 -5.35 -18.54
N ARG B 677 -14.27 -6.66 -18.33
CA ARG B 677 -13.52 -7.33 -17.28
C ARG B 677 -12.04 -7.32 -17.60
N ALA B 678 -11.68 -7.60 -18.86
CA ALA B 678 -10.29 -7.55 -19.26
C ALA B 678 -9.71 -6.15 -19.12
N VAL B 679 -10.53 -5.10 -19.28
CA VAL B 679 -10.03 -3.76 -18.99
C VAL B 679 -9.74 -3.62 -17.51
N GLN B 680 -10.69 -4.02 -16.66
CA GLN B 680 -10.48 -3.78 -15.24
C GLN B 680 -9.27 -4.56 -14.75
N GLN B 681 -9.11 -5.80 -15.21
CA GLN B 681 -7.93 -6.60 -14.86
C GLN B 681 -6.65 -5.97 -15.40
N LEU B 682 -6.70 -5.34 -16.57
CA LEU B 682 -5.46 -4.80 -17.12
C LEU B 682 -5.07 -3.49 -16.47
N ARG B 683 -6.04 -2.77 -15.89
CA ARG B 683 -5.68 -1.68 -14.99
C ARG B 683 -5.08 -2.23 -13.71
N ALA B 684 -5.77 -3.20 -13.08
CA ALA B 684 -5.35 -3.68 -11.77
C ALA B 684 -3.93 -4.19 -11.78
N CYS B 685 -3.60 -5.06 -12.74
CA CYS B 685 -2.25 -5.58 -12.87
C CYS B 685 -1.23 -4.51 -13.21
N GLY B 686 -1.66 -3.36 -13.74
CA GLY B 686 -0.72 -2.31 -14.04
C GLY B 686 0.00 -2.45 -15.36
N VAL B 687 -0.45 -3.37 -16.22
CA VAL B 687 0.12 -3.53 -17.54
C VAL B 687 -0.05 -2.26 -18.36
N LEU B 688 -1.22 -1.62 -18.25
CA LEU B 688 -1.47 -0.39 -18.99
C LEU B 688 -0.58 0.76 -18.53
N GLU B 689 -0.12 0.77 -17.28
CA GLU B 689 0.86 1.78 -16.92
C GLU B 689 2.26 1.44 -17.44
N THR B 690 2.64 0.16 -17.40
CA THR B 690 3.88 -0.27 -18.05
C THR B 690 3.92 0.19 -19.50
N ILE B 691 2.78 0.06 -20.18
CA ILE B 691 2.68 0.46 -21.57
C ILE B 691 2.74 1.98 -21.70
N ARG B 692 1.94 2.71 -20.92
CA ARG B 692 1.95 4.16 -21.04
C ARG B 692 3.34 4.73 -20.78
N ILE B 693 4.09 4.10 -19.87
CA ILE B 693 5.49 4.46 -19.65
C ILE B 693 6.34 4.19 -20.89
N SER B 694 6.21 2.99 -21.47
CA SER B 694 7.03 2.63 -22.61
C SER B 694 6.68 3.41 -23.88
N ALA B 695 5.42 3.81 -24.04
CA ALA B 695 5.00 4.59 -25.19
C ALA B 695 5.51 6.03 -25.17
N ALA B 696 6.03 6.51 -24.05
CA ALA B 696 6.82 7.74 -24.10
C ALA B 696 8.22 7.52 -24.63
N GLY B 697 8.59 6.27 -24.92
CA GLY B 697 9.96 5.82 -24.97
C GLY B 697 10.50 5.80 -26.39
N PHE B 698 11.25 4.73 -26.69
CA PHE B 698 11.53 4.29 -28.05
C PHE B 698 11.04 2.84 -28.22
N PRO B 699 9.72 2.63 -28.11
CA PRO B 699 9.21 1.26 -27.95
C PRO B 699 9.39 0.36 -29.15
N SER B 700 9.89 0.84 -30.29
CA SER B 700 9.94 -0.01 -31.48
C SER B 700 11.31 0.10 -32.13
N ARG B 701 11.89 -1.07 -32.41
CA ARG B 701 13.28 -1.23 -32.81
C ARG B 701 13.35 -2.17 -34.01
N TRP B 702 14.21 -1.83 -34.97
CA TRP B 702 14.40 -2.65 -36.16
C TRP B 702 15.87 -2.89 -36.43
N THR B 703 16.17 -4.11 -36.88
CA THR B 703 17.50 -4.46 -37.37
C THR B 703 17.55 -4.18 -38.87
N TYR B 704 18.60 -3.49 -39.30
CA TYR B 704 18.65 -2.91 -40.65
C TYR B 704 18.36 -3.93 -41.74
N GLN B 705 19.01 -5.10 -41.69
CA GLN B 705 18.73 -6.13 -42.69
C GLN B 705 17.29 -6.64 -42.65
N GLU B 706 16.65 -6.65 -41.48
CA GLU B 706 15.21 -6.90 -41.46
C GLU B 706 14.39 -5.70 -41.95
N PHE B 707 14.87 -4.49 -41.68
CA PHE B 707 14.16 -3.29 -42.10
C PHE B 707 14.08 -3.16 -43.62
N PHE B 708 15.19 -3.44 -44.31
CA PHE B 708 15.23 -3.32 -45.76
C PHE B 708 14.15 -4.12 -46.48
N SER B 709 13.83 -5.32 -45.98
CA SER B 709 12.96 -6.20 -46.74
C SER B 709 11.61 -5.58 -47.09
N ARG B 710 10.96 -4.92 -46.12
CA ARG B 710 9.85 -4.04 -46.44
C ARG B 710 10.26 -2.68 -47.04
N TYR B 711 11.22 -1.99 -46.42
CA TYR B 711 11.35 -0.56 -46.72
C TYR B 711 12.06 -0.23 -48.03
N ARG B 712 12.91 -1.11 -48.56
CA ARG B 712 13.52 -0.85 -49.86
C ARG B 712 12.48 -0.57 -50.94
N VAL B 713 11.25 -1.07 -50.76
CA VAL B 713 10.20 -0.83 -51.75
C VAL B 713 9.94 0.66 -51.90
N LEU B 714 10.06 1.42 -50.82
CA LEU B 714 10.00 2.88 -50.88
C LEU B 714 11.18 3.47 -51.62
N MET B 715 12.28 2.72 -51.70
CA MET B 715 13.64 3.22 -51.81
C MET B 715 14.17 3.03 -53.23
N LYS B 716 14.69 4.10 -53.82
CA LYS B 716 15.17 4.06 -55.20
C LYS B 716 16.53 3.35 -55.24
N GLN B 717 16.57 2.20 -55.92
CA GLN B 717 17.80 1.47 -56.16
C GLN B 717 18.89 2.31 -56.82
N LYS B 718 18.50 3.30 -57.62
CA LYS B 718 19.48 4.14 -58.31
C LYS B 718 20.42 4.85 -57.34
N ASP B 719 19.86 5.40 -56.25
CA ASP B 719 20.69 5.93 -55.17
C ASP B 719 21.33 4.88 -54.27
N VAL B 720 20.67 3.74 -54.00
CA VAL B 720 20.95 3.00 -52.78
C VAL B 720 22.40 2.56 -52.69
N LEU B 721 22.97 2.76 -51.50
CA LEU B 721 24.38 2.61 -51.20
C LEU B 721 24.76 1.13 -51.04
N SER B 722 26.07 0.91 -50.96
CA SER B 722 26.62 -0.39 -50.58
C SER B 722 26.53 -0.68 -49.09
N ASP B 723 26.37 0.34 -48.24
CA ASP B 723 26.52 0.21 -46.80
C ASP B 723 25.20 0.52 -46.12
N ARG B 724 24.68 -0.46 -45.39
CA ARG B 724 23.27 -0.50 -45.01
C ARG B 724 22.92 0.62 -44.03
N LYS B 725 23.75 0.79 -42.99
CA LYS B 725 23.51 1.83 -41.99
C LYS B 725 23.56 3.23 -42.59
N GLN B 726 24.48 3.47 -43.53
CA GLN B 726 24.43 4.73 -44.29
C GLN B 726 23.21 4.78 -45.19
N THR B 727 22.80 3.65 -45.75
CA THR B 727 21.64 3.66 -46.63
C THR B 727 20.43 4.17 -45.87
N CYS B 728 20.12 3.55 -44.73
CA CYS B 728 18.97 3.98 -43.95
C CYS B 728 19.14 5.38 -43.38
N LYS B 729 20.35 5.74 -42.93
CA LYS B 729 20.56 7.11 -42.47
C LYS B 729 20.22 8.13 -43.55
N ASN B 730 20.52 7.80 -44.81
CA ASN B 730 20.16 8.67 -45.91
C ASN B 730 18.66 8.68 -46.16
N VAL B 731 18.06 7.50 -46.26
CA VAL B 731 16.67 7.38 -46.71
C VAL B 731 15.68 7.88 -45.65
N LEU B 732 15.91 7.54 -44.39
CA LEU B 732 14.99 7.95 -43.33
C LEU B 732 14.95 9.46 -43.18
N GLU B 733 16.11 10.12 -43.30
CA GLU B 733 16.18 11.57 -43.28
C GLU B 733 15.34 12.21 -44.37
N LYS B 734 15.12 11.51 -45.48
CA LYS B 734 14.09 11.94 -46.43
C LYS B 734 12.69 11.60 -45.94
N LEU B 735 12.45 10.35 -45.55
CA LEU B 735 11.08 9.89 -45.35
C LEU B 735 10.45 10.50 -44.10
N ILE B 736 11.25 10.81 -43.08
CA ILE B 736 10.74 11.43 -41.86
C ILE B 736 11.32 12.82 -41.74
N LEU B 737 10.51 13.75 -41.20
CA LEU B 737 10.85 15.17 -41.19
C LEU B 737 11.88 15.52 -40.13
N ASP B 738 11.85 14.87 -38.97
CA ASP B 738 12.53 15.40 -37.79
C ASP B 738 13.46 14.36 -37.20
N LYS B 739 14.69 14.78 -36.89
CA LYS B 739 15.75 13.94 -36.37
C LYS B 739 15.60 13.63 -34.88
N ASP B 740 14.64 14.24 -34.20
CA ASP B 740 14.31 13.82 -32.84
C ASP B 740 13.62 12.47 -32.82
N LYS B 741 12.82 12.17 -33.83
CA LYS B 741 11.87 11.06 -33.74
C LYS B 741 12.57 9.71 -33.81
N TYR B 742 13.73 9.63 -34.46
CA TYR B 742 14.47 8.38 -34.59
C TYR B 742 15.89 8.51 -34.04
N GLN B 743 16.49 7.35 -33.75
CA GLN B 743 17.90 7.23 -33.45
C GLN B 743 18.50 6.05 -34.22
N PHE B 744 19.72 6.25 -34.72
CA PHE B 744 20.50 5.16 -35.31
C PHE B 744 21.43 4.57 -34.27
N GLY B 745 21.49 3.24 -34.22
CA GLY B 745 22.46 2.54 -33.40
C GLY B 745 23.17 1.45 -34.17
N LYS B 746 24.05 0.75 -33.45
CA LYS B 746 25.02 -0.15 -34.09
C LYS B 746 24.30 -1.23 -34.89
N THR B 747 23.41 -1.98 -34.24
CA THR B 747 22.65 -3.03 -34.90
C THR B 747 21.16 -2.78 -34.92
N LYS B 748 20.65 -1.85 -34.12
CA LYS B 748 19.22 -1.58 -34.03
C LYS B 748 18.98 -0.11 -34.31
N ILE B 749 17.86 0.17 -34.98
CA ILE B 749 17.36 1.52 -35.18
C ILE B 749 16.10 1.70 -34.34
N PHE B 750 15.97 2.87 -33.73
CA PHE B 750 14.91 3.11 -32.76
C PHE B 750 13.93 4.11 -33.36
N PHE B 751 12.64 3.86 -33.16
CA PHE B 751 11.57 4.75 -33.57
C PHE B 751 10.69 5.09 -32.39
N ARG B 752 10.24 6.34 -32.32
CA ARG B 752 9.19 6.65 -31.36
C ARG B 752 7.86 6.05 -31.80
N ALA B 753 6.87 6.18 -30.91
CA ALA B 753 5.61 5.47 -31.02
C ALA B 753 4.96 5.54 -32.40
N GLY B 754 4.81 6.75 -32.94
CA GLY B 754 3.95 6.90 -34.12
C GLY B 754 4.47 6.45 -35.46
N GLN B 755 5.75 6.12 -35.62
CA GLN B 755 6.35 6.30 -36.94
C GLN B 755 6.55 5.01 -37.73
N VAL B 756 6.50 3.84 -37.12
CA VAL B 756 6.38 2.63 -37.94
C VAL B 756 5.05 2.62 -38.66
N ALA B 757 3.99 3.11 -38.02
CA ALA B 757 2.70 3.18 -38.68
C ALA B 757 2.76 4.14 -39.86
N TYR B 758 3.31 5.32 -39.65
CA TYR B 758 3.40 6.31 -40.72
C TYR B 758 4.19 5.76 -41.90
N LEU B 759 5.35 5.17 -41.60
CA LEU B 759 6.20 4.60 -42.64
C LEU B 759 5.48 3.53 -43.44
N GLU B 760 4.74 2.65 -42.77
CA GLU B 760 4.00 1.64 -43.50
C GLU B 760 2.82 2.24 -44.25
N LYS B 761 2.20 3.29 -43.73
CA LYS B 761 1.12 3.96 -44.47
C LYS B 761 1.64 4.52 -45.79
N ILE B 762 2.76 5.24 -45.76
CA ILE B 762 3.30 5.81 -46.98
C ILE B 762 3.76 4.71 -47.94
N ARG B 763 4.32 3.62 -47.42
CA ARG B 763 4.51 2.42 -48.24
C ARG B 763 3.21 1.97 -48.90
N ALA B 764 2.15 1.84 -48.11
CA ALA B 764 0.91 1.27 -48.62
C ALA B 764 0.32 2.14 -49.71
N ASP B 765 0.34 3.47 -49.51
CA ASP B 765 -0.11 4.39 -50.54
C ASP B 765 0.74 4.28 -51.82
N LYS B 766 2.07 4.30 -51.68
CA LYS B 766 2.91 4.29 -52.87
C LYS B 766 2.73 3.00 -53.68
N LEU B 767 2.66 1.87 -52.96
CA LEU B 767 2.43 0.58 -53.60
C LEU B 767 1.05 0.50 -54.23
N ARG B 768 0.03 0.95 -53.49
CA ARG B 768 -1.35 0.90 -53.99
C ARG B 768 -1.47 1.71 -55.27
N ALA B 769 -0.92 2.92 -55.29
CA ALA B 769 -0.98 3.76 -56.48
C ALA B 769 -0.30 3.10 -57.67
N ALA B 770 0.91 2.57 -57.48
CA ALA B 770 1.53 1.83 -58.57
C ALA B 770 0.67 0.65 -59.04
N CYS B 771 0.04 -0.06 -58.10
CA CYS B 771 -0.83 -1.16 -58.49
C CYS B 771 -2.04 -0.68 -59.27
N ILE B 772 -2.53 0.53 -58.97
CA ILE B 772 -3.56 1.12 -59.81
C ILE B 772 -3.03 1.26 -61.23
N ARG B 773 -1.87 1.87 -61.37
CA ARG B 773 -1.42 2.26 -62.71
C ARG B 773 -1.20 1.03 -63.59
N ILE B 774 -0.62 -0.03 -63.01
CA ILE B 774 -0.51 -1.30 -63.74
C ILE B 774 -1.89 -1.86 -64.09
N GLN B 775 -2.81 -1.90 -63.12
CA GLN B 775 -4.08 -2.57 -63.38
C GLN B 775 -4.84 -1.87 -64.49
N LYS B 776 -4.91 -0.53 -64.44
CA LYS B 776 -5.60 0.20 -65.49
C LYS B 776 -4.91 0.03 -66.84
N THR B 777 -3.58 -0.06 -66.87
CA THR B 777 -2.91 -0.25 -68.15
C THR B 777 -3.26 -1.60 -68.77
N ILE B 778 -3.27 -2.65 -67.93
CA ILE B 778 -3.68 -3.97 -68.41
C ILE B 778 -5.13 -3.98 -68.89
N ARG B 779 -6.02 -3.32 -68.15
CA ARG B 779 -7.42 -3.27 -68.57
C ARG B 779 -7.59 -2.54 -69.90
N GLY B 780 -6.79 -1.50 -70.13
CA GLY B 780 -6.79 -0.86 -71.44
C GLY B 780 -6.29 -1.77 -72.55
N TRP B 781 -5.19 -2.49 -72.30
CA TRP B 781 -4.68 -3.41 -73.30
C TRP B 781 -5.70 -4.47 -73.69
N LEU B 782 -6.31 -5.13 -72.71
CA LEU B 782 -7.31 -6.14 -73.02
C LEU B 782 -8.53 -5.56 -73.71
N MET B 783 -9.00 -4.39 -73.27
CA MET B 783 -10.09 -3.72 -73.98
C MET B 783 -9.73 -3.35 -75.42
N ARG B 784 -8.47 -3.01 -75.70
CA ARG B 784 -8.07 -2.79 -77.10
C ARG B 784 -8.17 -4.09 -77.89
N LYS B 785 -7.71 -5.20 -77.32
CA LYS B 785 -7.81 -6.48 -78.02
C LYS B 785 -9.28 -6.85 -78.27
N LYS B 786 -10.13 -6.65 -77.27
CA LYS B 786 -11.56 -6.87 -77.48
C LYS B 786 -12.11 -5.97 -78.57
N TYR B 787 -11.66 -4.70 -78.63
CA TYR B 787 -12.06 -3.86 -79.74
C TYR B 787 -11.58 -4.42 -81.08
N MET B 788 -10.40 -5.05 -81.12
CA MET B 788 -10.02 -5.75 -82.34
C MET B 788 -10.98 -6.89 -82.67
N ARG B 789 -11.50 -7.56 -81.63
CA ARG B 789 -12.61 -8.51 -81.82
C ARG B 789 -13.82 -7.83 -82.46
N MET B 790 -14.12 -6.61 -82.02
CA MET B 790 -15.24 -5.85 -82.57
C MET B 790 -15.00 -5.45 -84.02
N ARG B 791 -13.75 -5.18 -84.39
CA ARG B 791 -13.44 -4.88 -85.79
C ARG B 791 -13.71 -6.07 -86.70
N ARG B 792 -13.57 -7.29 -86.19
CA ARG B 792 -13.64 -8.49 -87.02
C ARG B 792 -14.97 -8.58 -87.74
N THR C 7 15.28 9.83 15.78
CA THR C 7 15.65 8.71 16.62
C THR C 7 14.49 8.46 17.59
N THR C 8 14.78 8.37 18.89
CA THR C 8 13.78 8.31 19.93
C THR C 8 14.20 9.26 21.04
N ALA C 9 13.22 9.80 21.75
CA ALA C 9 13.36 11.08 22.41
C ALA C 9 13.26 10.91 23.92
N LEU C 10 14.12 11.62 24.63
CA LEU C 10 14.07 11.58 26.08
C LEU C 10 12.85 12.34 26.59
N VAL C 11 12.27 11.83 27.66
CA VAL C 11 11.22 12.53 28.39
C VAL C 11 11.62 12.55 29.85
N CYS C 12 11.57 13.72 30.45
CA CYS C 12 12.18 13.97 31.74
C CYS C 12 11.28 14.88 32.55
N ASP C 13 11.13 14.55 33.82
CA ASP C 13 10.47 15.42 34.77
C ASP C 13 11.47 15.75 35.86
N ASN C 14 11.53 17.01 36.25
CA ASN C 14 11.97 17.35 37.58
C ASN C 14 11.00 18.31 38.26
N GLY C 15 10.42 17.83 39.36
CA GLY C 15 9.88 18.68 40.38
C GLY C 15 10.80 18.68 41.59
N SER C 16 10.33 19.32 42.66
CA SER C 16 11.21 19.42 43.81
C SER C 16 11.30 18.08 44.54
N GLY C 17 10.48 17.11 44.14
CA GLY C 17 10.57 15.75 44.62
C GLY C 17 11.35 14.85 43.70
N LEU C 18 10.82 13.67 43.41
CA LEU C 18 11.52 12.68 42.58
C LEU C 18 11.70 13.18 41.15
N VAL C 19 12.92 13.06 40.63
CA VAL C 19 13.14 13.13 39.18
C VAL C 19 12.57 11.89 38.50
N LYS C 20 11.78 12.11 37.45
CA LYS C 20 11.22 11.04 36.64
C LYS C 20 11.75 11.19 35.23
N ALA C 21 12.49 10.20 34.75
CA ALA C 21 13.00 10.25 33.38
C ALA C 21 12.98 8.88 32.74
N GLY C 22 12.91 8.87 31.42
CA GLY C 22 12.89 7.63 30.66
C GLY C 22 12.86 7.93 29.18
N PHE C 23 12.74 6.88 28.38
CA PHE C 23 12.61 7.03 26.94
C PHE C 23 11.14 7.15 26.56
N ALA C 24 10.86 8.03 25.59
CA ALA C 24 9.50 8.22 25.13
C ALA C 24 8.97 6.97 24.43
N GLY C 25 7.70 6.65 24.69
CA GLY C 25 7.12 5.41 24.22
C GLY C 25 7.16 4.27 25.21
N ASP C 26 7.96 4.37 26.26
CA ASP C 26 7.83 3.44 27.37
C ASP C 26 6.58 3.75 28.18
N ASP C 27 6.17 2.78 29.00
CA ASP C 27 4.98 2.93 29.81
C ASP C 27 5.27 3.46 31.21
N ALA C 28 6.51 3.37 31.67
CA ALA C 28 6.87 3.92 32.96
C ALA C 28 8.34 4.33 32.96
N PRO C 29 8.72 5.31 33.79
CA PRO C 29 10.08 5.86 33.71
C PRO C 29 11.15 4.81 34.00
N ARG C 30 12.22 4.85 33.21
CA ARG C 30 13.32 3.90 33.37
C ARG C 30 14.22 4.25 34.55
N ALA C 31 14.28 5.52 34.95
CA ALA C 31 15.08 5.95 36.08
C ALA C 31 14.27 6.87 36.97
N VAL C 32 14.15 6.51 38.25
CA VAL C 32 13.49 7.35 39.24
C VAL C 32 14.40 7.44 40.45
N PHE C 33 14.72 8.66 40.86
CA PHE C 33 15.61 8.87 41.99
C PHE C 33 15.29 10.23 42.60
N PRO C 34 15.48 10.40 43.90
CA PRO C 34 15.22 11.71 44.51
C PRO C 34 16.15 12.78 43.98
N SER C 35 15.62 13.98 43.82
CA SER C 35 16.33 15.12 43.25
C SER C 35 17.19 15.81 44.30
N ILE C 36 18.24 15.12 44.74
CA ILE C 36 19.02 15.59 45.88
C ILE C 36 20.50 15.58 45.54
N VAL C 37 21.18 16.62 46.01
CA VAL C 37 22.62 16.79 45.86
C VAL C 37 23.19 16.95 47.25
N GLY C 38 24.21 16.19 47.59
CA GLY C 38 24.64 16.10 48.97
C GLY C 38 26.15 16.18 49.07
N ARG C 39 26.59 16.79 50.15
CA ARG C 39 27.98 17.10 50.44
C ARG C 39 28.33 16.58 51.83
N PRO C 40 29.55 16.09 52.02
CA PRO C 40 29.99 15.72 53.37
C PRO C 40 30.14 16.95 54.25
N ARG C 41 29.67 16.82 55.48
CA ARG C 41 29.81 17.88 56.49
C ARG C 41 30.77 17.50 57.59
N HIS C 42 31.34 16.31 57.55
CA HIS C 42 32.37 15.88 58.48
C HIS C 42 33.73 15.94 57.81
N GLN C 43 34.76 16.18 58.62
CA GLN C 43 36.12 15.94 58.18
C GLN C 43 36.27 14.51 57.67
N GLY C 44 36.83 14.38 56.47
CA GLY C 44 37.32 13.10 56.03
C GLY C 44 38.48 12.64 56.87
N VAL C 45 38.31 11.52 57.57
CA VAL C 45 39.36 10.98 58.43
C VAL C 45 40.20 9.94 57.70
N MET C 46 39.54 8.95 57.13
CA MET C 46 40.23 7.83 56.49
C MET C 46 40.99 8.29 55.26
N VAL C 47 42.16 7.68 55.06
CA VAL C 47 43.04 7.97 53.93
C VAL C 47 42.83 6.86 52.91
N GLY C 48 42.58 7.24 51.66
CA GLY C 48 42.05 6.31 50.70
C GLY C 48 40.58 6.02 50.86
N MET C 49 39.87 6.84 51.64
CA MET C 49 38.42 6.71 51.79
C MET C 49 37.71 6.68 50.46
N GLY C 50 38.22 7.42 49.48
CA GLY C 50 37.55 7.56 48.20
C GLY C 50 36.56 8.70 48.28
N GLN C 51 36.99 9.77 48.92
CA GLN C 51 36.16 10.96 49.08
C GLN C 51 35.69 11.48 47.72
N LYS C 52 34.47 12.00 47.71
CA LYS C 52 33.78 12.43 46.50
C LYS C 52 33.19 13.81 46.77
N ASP C 53 33.29 14.70 45.78
CA ASP C 53 32.93 16.08 46.04
C ASP C 53 31.43 16.28 46.23
N SER C 54 30.62 15.34 45.75
CA SER C 54 29.17 15.41 45.94
C SER C 54 28.56 14.08 45.55
N TYR C 55 27.34 13.85 46.01
CA TYR C 55 26.56 12.66 45.66
C TYR C 55 25.20 13.10 45.14
N VAL C 56 24.62 12.28 44.27
CA VAL C 56 23.35 12.58 43.63
C VAL C 56 22.44 11.37 43.73
N GLY C 57 21.18 11.61 44.09
CA GLY C 57 20.16 10.58 44.09
C GLY C 57 20.45 9.46 45.06
N ASP C 58 20.19 8.23 44.60
CA ASP C 58 20.11 7.08 45.50
C ASP C 58 21.33 6.96 46.41
N GLU C 59 22.50 7.29 45.89
CA GLU C 59 23.71 7.22 46.70
C GLU C 59 23.60 8.15 47.90
N ALA C 60 23.15 9.38 47.68
CA ALA C 60 22.89 10.29 48.79
C ALA C 60 21.85 9.74 49.75
N GLN C 61 20.92 8.91 49.27
CA GLN C 61 19.97 8.28 50.20
C GLN C 61 20.64 7.24 51.07
N SER C 62 21.58 6.47 50.53
CA SER C 62 22.30 5.54 51.39
C SER C 62 23.23 6.26 52.35
N LYS C 63 24.07 7.14 51.80
CA LYS C 63 25.12 7.84 52.55
C LYS C 63 24.60 8.85 53.56
N ARG C 64 23.28 9.12 53.59
CA ARG C 64 22.81 10.43 54.04
C ARG C 64 23.25 10.76 55.46
N GLY C 65 23.41 9.76 56.33
CA GLY C 65 23.85 10.07 57.69
C GLY C 65 25.10 10.92 57.70
N ILE C 66 26.08 10.56 56.85
CA ILE C 66 27.35 11.26 56.78
C ILE C 66 27.22 12.60 56.07
N LEU C 67 26.09 12.82 55.40
CA LEU C 67 25.91 13.93 54.46
C LEU C 67 24.96 14.99 55.01
N THR C 68 24.95 16.11 54.31
CA THR C 68 23.89 17.10 54.38
C THR C 68 23.28 17.26 53.01
N LEU C 69 21.97 17.48 52.97
CA LEU C 69 21.16 17.24 51.78
C LEU C 69 20.36 18.49 51.46
N LYS C 70 20.38 18.89 50.20
CA LYS C 70 19.82 20.15 49.76
C LYS C 70 19.15 19.93 48.41
N TYR C 71 17.90 20.38 48.29
CA TYR C 71 17.17 20.21 47.04
C TYR C 71 17.37 21.42 46.16
N PRO C 72 17.86 21.26 44.93
CA PRO C 72 18.13 22.43 44.08
C PRO C 72 16.88 23.10 43.58
N ILE C 73 15.71 22.55 43.86
CA ILE C 73 14.44 23.05 43.37
C ILE C 73 13.53 23.30 44.56
N GLU C 74 13.07 24.54 44.69
CA GLU C 74 12.15 24.90 45.74
C GLU C 74 10.89 25.50 45.13
N HIC C 75 9.74 25.00 45.56
CA HIC C 75 8.48 25.23 44.89
C HIC C 75 8.55 24.71 43.46
O HIC C 75 8.58 23.51 43.20
CB HIC C 75 8.09 26.71 44.93
CG HIC C 75 8.13 27.03 46.36
ND1 HIC C 75 7.65 26.16 47.36
CD2 HIC C 75 8.69 28.17 46.97
CE1 HIC C 75 7.87 26.78 48.53
NE2 HIC C 75 8.51 28.02 48.35
CZ HIC C 75 8.91 28.94 49.35
N GLY C 76 8.60 25.62 42.50
CA GLY C 76 8.82 25.16 41.13
C GLY C 76 10.19 25.50 40.59
N ILE C 77 10.93 26.29 41.36
CA ILE C 77 11.99 27.12 40.82
C ILE C 77 13.33 26.47 41.12
N ILE C 78 14.18 26.34 40.10
CA ILE C 78 15.58 26.05 40.36
C ILE C 78 16.22 27.27 41.02
N THR C 79 16.80 27.07 42.20
CA THR C 79 17.41 28.17 42.93
C THR C 79 18.91 28.27 42.72
N ASN C 80 19.60 27.14 42.58
CA ASN C 80 21.06 27.11 42.53
C ASN C 80 21.48 26.15 41.42
N TRP C 81 22.10 26.71 40.39
CA TRP C 81 22.06 26.09 39.07
C TRP C 81 23.14 25.03 38.88
N ASP C 82 24.36 25.28 39.37
CA ASP C 82 25.44 24.32 39.19
C ASP C 82 25.18 23.02 39.93
N ASP C 83 24.46 23.05 41.05
CA ASP C 83 23.99 21.80 41.64
C ASP C 83 23.01 21.07 40.73
N MET C 84 22.01 21.79 40.21
CA MET C 84 21.04 21.18 39.32
C MET C 84 21.71 20.52 38.12
N GLU C 85 22.74 21.18 37.58
CA GLU C 85 23.43 20.67 36.42
C GLU C 85 24.03 19.31 36.70
N LYS C 86 24.50 19.09 37.94
CA LYS C 86 24.96 17.77 38.32
C LYS C 86 23.83 16.75 38.24
N ILE C 87 22.61 17.16 38.63
CA ILE C 87 21.49 16.22 38.59
C ILE C 87 21.20 15.81 37.15
N TRP C 88 21.19 16.78 36.24
CA TRP C 88 21.01 16.39 34.83
C TRP C 88 22.16 15.52 34.34
N HIS C 89 23.40 15.85 34.73
CA HIS C 89 24.53 15.06 34.28
C HIS C 89 24.39 13.62 34.73
N HIS C 90 23.99 13.43 35.99
CA HIS C 90 23.75 12.10 36.52
C HIS C 90 22.61 11.42 35.79
N THR C 91 21.61 12.20 35.38
CA THR C 91 20.43 11.62 34.76
C THR C 91 20.78 11.03 33.41
N PHE C 92 21.40 11.82 32.55
CA PHE C 92 21.72 11.29 31.22
C PHE C 92 22.87 10.28 31.27
N TYR C 93 24.01 10.65 31.87
CA TYR C 93 25.16 9.78 31.80
C TYR C 93 25.11 8.55 32.72
N ASN C 94 24.78 8.71 34.01
CA ASN C 94 24.85 7.54 34.88
C ASN C 94 23.64 6.62 34.81
N GLU C 95 22.44 7.15 34.99
CA GLU C 95 21.28 6.27 35.08
C GLU C 95 20.74 5.82 33.73
N LEU C 96 20.54 6.76 32.80
CA LEU C 96 20.14 6.34 31.46
C LEU C 96 21.31 5.72 30.71
N ARG C 97 22.52 6.24 30.92
CA ARG C 97 23.70 5.84 30.14
C ARG C 97 23.48 6.03 28.65
N VAL C 98 23.01 7.22 28.29
CA VAL C 98 22.74 7.58 26.91
C VAL C 98 23.27 8.98 26.66
N ALA C 99 23.98 9.16 25.56
CA ALA C 99 24.59 10.46 25.27
C ALA C 99 23.52 11.43 24.77
N PRO C 100 23.41 12.62 25.38
CA PRO C 100 22.29 13.52 25.05
C PRO C 100 22.44 14.20 23.72
N GLU C 101 23.55 14.00 23.01
CA GLU C 101 23.74 14.60 21.69
C GLU C 101 22.80 14.02 20.63
N GLU C 102 22.31 12.80 20.84
CA GLU C 102 21.57 12.07 19.81
C GLU C 102 20.08 12.02 20.08
N HIS C 103 19.60 12.70 21.13
CA HIS C 103 18.26 12.44 21.63
C HIS C 103 17.52 13.74 21.95
N PRO C 104 16.45 14.05 21.21
CA PRO C 104 15.63 15.21 21.58
C PRO C 104 15.03 15.02 22.96
N THR C 105 14.90 16.13 23.68
CA THR C 105 14.62 16.09 25.11
C THR C 105 13.40 16.94 25.42
N LEU C 106 12.60 16.49 26.40
CA LEU C 106 11.33 17.12 26.73
C LEU C 106 11.30 17.37 28.23
N LEU C 107 10.95 18.60 28.61
CA LEU C 107 11.08 19.06 29.98
C LEU C 107 9.76 19.67 30.42
N THR C 108 9.46 19.55 31.71
CA THR C 108 8.17 19.96 32.24
C THR C 108 8.37 20.96 33.37
N GLU C 109 7.44 21.91 33.46
CA GLU C 109 7.53 23.05 34.36
C GLU C 109 6.17 23.24 35.01
N ALA C 110 6.14 24.00 36.08
CA ALA C 110 4.83 24.40 36.58
C ALA C 110 4.41 25.73 35.95
N PRO C 111 3.12 25.94 35.70
CA PRO C 111 2.70 27.20 35.08
C PRO C 111 2.85 28.36 36.04
N LEU C 112 2.96 29.56 35.46
CA LEU C 112 3.24 30.79 36.19
C LEU C 112 4.54 30.65 37.00
N ASN C 113 5.55 30.04 36.39
CA ASN C 113 6.90 30.13 36.90
C ASN C 113 7.62 31.36 36.34
N PRO C 114 8.60 31.85 37.09
CA PRO C 114 9.51 32.88 36.56
C PRO C 114 10.13 32.50 35.23
N LYS C 115 10.33 33.52 34.39
CA LYS C 115 10.68 33.35 33.00
C LYS C 115 12.14 32.96 32.84
N ALA C 116 12.97 33.44 33.76
CA ALA C 116 14.37 33.02 33.81
C ALA C 116 14.48 31.52 33.93
N ASN C 117 13.61 30.90 34.74
CA ASN C 117 13.74 29.46 34.97
C ASN C 117 13.65 28.69 33.67
N ARG C 118 12.72 29.08 32.79
CA ARG C 118 12.60 28.43 31.49
C ARG C 118 13.76 28.80 30.57
N GLU C 119 14.24 30.04 30.67
CA GLU C 119 15.30 30.46 29.77
C GLU C 119 16.60 29.73 30.09
N LYS C 120 17.03 29.75 31.34
CA LYS C 120 18.34 29.21 31.66
C LYS C 120 18.32 27.70 31.45
N MET C 121 17.18 27.08 31.75
CA MET C 121 16.97 25.66 31.48
C MET C 121 17.15 25.34 30.01
N THR C 122 16.77 26.26 29.12
CA THR C 122 17.09 26.07 27.70
C THR C 122 18.58 26.24 27.44
N GLN C 123 19.13 27.34 27.94
CA GLN C 123 20.50 27.73 27.63
C GLN C 123 21.48 26.63 28.01
N ILE C 124 21.29 26.05 29.20
CA ILE C 124 22.10 24.91 29.63
C ILE C 124 21.98 23.75 28.65
N MET C 125 20.75 23.43 28.25
CA MET C 125 20.54 22.22 27.44
C MET C 125 21.26 22.34 26.11
N PHE C 126 21.12 23.47 25.44
CA PHE C 126 21.82 23.63 24.17
C PHE C 126 23.32 23.80 24.35
N GLU C 127 23.74 24.69 25.25
CA GLU C 127 25.17 25.01 25.38
C GLU C 127 25.96 23.89 26.04
N THR C 128 25.44 23.32 27.13
CA THR C 128 26.25 22.46 27.99
C THR C 128 26.06 20.97 27.72
N PHE C 129 24.89 20.56 27.25
CA PHE C 129 24.66 19.17 26.85
C PHE C 129 24.53 18.97 25.35
N ASN C 130 24.51 20.06 24.57
CA ASN C 130 24.50 20.00 23.12
C ASN C 130 23.32 19.18 22.60
N VAL C 131 22.21 19.28 23.32
CA VAL C 131 20.98 18.54 23.01
C VAL C 131 20.47 18.94 21.63
N PRO C 132 20.13 17.99 20.75
CA PRO C 132 19.76 18.36 19.38
C PRO C 132 18.51 19.23 19.33
N ALA C 133 17.55 19.00 20.22
CA ALA C 133 16.30 19.75 20.19
C ALA C 133 15.60 19.60 21.52
N MET C 134 14.67 20.54 21.79
CA MET C 134 14.14 20.67 23.13
C MET C 134 12.72 21.18 23.05
N TYR C 135 11.91 20.87 24.07
CA TYR C 135 10.64 21.53 24.27
C TYR C 135 10.30 21.53 25.75
N VAL C 136 9.40 22.42 26.15
CA VAL C 136 8.99 22.57 27.53
C VAL C 136 7.47 22.58 27.59
N ALA C 137 6.90 21.85 28.55
CA ALA C 137 5.47 21.61 28.60
C ALA C 137 4.96 21.79 30.02
N ILE C 138 3.77 22.35 30.16
CA ILE C 138 3.19 22.54 31.48
C ILE C 138 2.74 21.18 32.01
N GLN C 139 3.02 20.93 33.29
CA GLN C 139 2.78 19.60 33.84
C GLN C 139 1.29 19.27 33.91
N ALA C 140 0.43 20.28 34.05
CA ALA C 140 -1.01 20.01 34.09
C ALA C 140 -1.48 19.38 32.78
N VAL C 141 -1.09 19.98 31.66
CA VAL C 141 -1.59 19.54 30.35
C VAL C 141 -1.31 18.05 30.14
N LEU C 142 -0.10 17.61 30.47
CA LEU C 142 0.28 16.21 30.28
C LEU C 142 -0.66 15.26 31.00
N SER C 143 -1.20 15.69 32.15
CA SER C 143 -2.08 14.80 32.90
C SER C 143 -3.31 14.43 32.09
N LEU C 144 -3.75 15.30 31.18
CA LEU C 144 -4.91 14.95 30.37
C LEU C 144 -4.56 13.88 29.36
N TYR C 145 -3.38 13.96 28.74
CA TYR C 145 -2.95 12.88 27.86
C TYR C 145 -2.86 11.59 28.63
N ALA C 146 -2.43 11.66 29.89
CA ALA C 146 -2.28 10.43 30.67
C ALA C 146 -3.63 9.84 31.02
N SER C 147 -4.58 10.68 31.42
CA SER C 147 -5.92 10.23 31.81
C SER C 147 -6.84 10.06 30.63
N GLY C 148 -6.36 10.24 29.40
CA GLY C 148 -7.11 9.85 28.22
C GLY C 148 -8.20 10.81 27.82
N ARG C 149 -8.07 12.09 28.15
CA ARG C 149 -9.15 13.05 27.99
C ARG C 149 -8.64 14.28 27.26
N THR C 150 -9.55 15.07 26.72
CA THR C 150 -9.24 16.42 26.29
C THR C 150 -10.10 17.47 26.99
N THR C 151 -10.82 17.10 28.04
CA THR C 151 -11.63 18.06 28.77
C THR C 151 -11.58 17.71 30.25
N GLY C 152 -11.33 18.70 31.09
CA GLY C 152 -11.31 18.50 32.52
C GLY C 152 -10.55 19.61 33.20
N ILE C 153 -10.73 19.68 34.51
CA ILE C 153 -9.96 20.58 35.34
C ILE C 153 -8.93 19.73 36.10
N VAL C 154 -7.66 20.05 35.89
CA VAL C 154 -6.57 19.21 36.35
C VAL C 154 -6.05 19.78 37.66
N LEU C 155 -6.30 19.08 38.75
CA LEU C 155 -5.62 19.34 40.01
C LEU C 155 -4.30 18.58 40.01
N ASP C 156 -3.20 19.31 40.18
CA ASP C 156 -1.87 18.71 40.17
C ASP C 156 -1.17 19.18 41.43
N SER C 157 -0.63 18.23 42.19
CA SER C 157 -0.01 18.56 43.47
C SER C 157 1.06 17.53 43.79
N GLY C 158 2.27 17.99 44.04
CA GLY C 158 3.35 17.11 44.45
C GLY C 158 4.09 17.76 45.61
N ASP C 159 5.41 17.59 45.62
CA ASP C 159 6.26 18.57 46.24
C ASP C 159 6.19 19.87 45.44
N GLY C 160 6.64 20.95 46.06
CA GLY C 160 6.71 22.19 45.31
C GLY C 160 5.32 22.76 45.11
N VAL C 161 4.98 23.03 43.88
CA VAL C 161 3.80 23.83 43.57
C VAL C 161 2.58 22.92 43.54
N THR C 162 1.42 23.49 43.83
CA THR C 162 0.15 22.83 43.59
C THR C 162 -0.71 23.78 42.78
N HIS C 163 -1.30 23.28 41.70
CA HIS C 163 -2.01 24.19 40.82
C HIS C 163 -3.20 23.52 40.17
N ASN C 164 -4.20 24.32 39.85
CA ASN C 164 -5.34 23.91 39.05
C ASN C 164 -5.21 24.56 37.68
N VAL C 165 -5.31 23.77 36.63
CA VAL C 165 -5.49 24.32 35.29
C VAL C 165 -6.76 23.73 34.69
N PRO C 166 -7.71 24.55 34.26
CA PRO C 166 -8.85 24.02 33.50
C PRO C 166 -8.48 23.92 32.03
N ILE C 167 -8.94 22.86 31.39
CA ILE C 167 -8.86 22.74 29.93
C ILE C 167 -10.18 22.24 29.41
N TYR C 168 -10.66 22.84 28.32
CA TYR C 168 -11.90 22.44 27.68
C TYR C 168 -11.64 22.13 26.21
N GLU C 169 -11.82 20.87 25.84
CA GLU C 169 -11.71 20.39 24.47
C GLU C 169 -10.47 20.92 23.76
N GLY C 170 -9.33 20.76 24.42
CA GLY C 170 -8.05 21.11 23.84
C GLY C 170 -7.56 22.52 24.09
N TYR C 171 -8.38 23.39 24.67
CA TYR C 171 -7.95 24.75 24.94
C TYR C 171 -7.75 24.96 26.43
N ALA C 172 -6.64 25.59 26.80
CA ALA C 172 -6.46 26.11 28.14
C ALA C 172 -7.33 27.35 28.34
N LEU C 173 -7.38 27.81 29.58
CA LEU C 173 -8.03 29.09 29.93
C LEU C 173 -7.08 29.87 30.82
N PRO C 174 -6.11 30.56 30.22
CA PRO C 174 -5.07 31.23 31.01
C PRO C 174 -5.58 32.13 32.13
N HIS C 175 -6.73 32.76 31.95
CA HIS C 175 -7.27 33.63 32.99
C HIS C 175 -7.72 32.84 34.22
N ALA C 176 -7.83 31.52 34.13
CA ALA C 176 -8.39 30.71 35.21
C ALA C 176 -7.37 29.78 35.85
N ILE C 177 -6.12 29.79 35.40
CA ILE C 177 -5.07 29.06 36.08
C ILE C 177 -4.88 29.58 37.49
N MET C 178 -4.90 28.66 38.46
CA MET C 178 -4.71 28.99 39.87
C MET C 178 -3.50 28.22 40.36
N ARG C 179 -2.67 28.88 41.18
CA ARG C 179 -1.45 28.27 41.69
C ARG C 179 -1.31 28.48 43.18
N LEU C 180 -0.79 27.45 43.85
CA LEU C 180 -0.75 27.37 45.30
C LEU C 180 0.55 26.67 45.66
N ASP C 181 0.97 26.78 46.92
CA ASP C 181 2.26 26.23 47.33
C ASP C 181 2.20 25.22 48.47
N LEU C 182 1.03 24.94 49.03
CA LEU C 182 0.93 23.85 49.99
C LEU C 182 1.12 22.51 49.31
N ALA C 183 2.01 21.70 49.86
CA ALA C 183 2.65 20.62 49.12
C ALA C 183 3.30 19.66 50.09
N GLY C 184 3.74 18.51 49.55
CA GLY C 184 4.34 17.47 50.37
C GLY C 184 5.47 17.97 51.23
N ARG C 185 6.23 18.97 50.77
CA ARG C 185 7.30 19.51 51.59
C ARG C 185 6.75 20.30 52.77
N ASP C 186 5.68 21.06 52.55
CA ASP C 186 5.17 21.87 53.65
C ASP C 186 4.23 21.09 54.54
N LEU C 187 3.52 20.10 53.99
CA LEU C 187 2.98 19.04 54.81
C LEU C 187 4.05 18.35 55.65
N THR C 188 5.26 18.20 55.13
CA THR C 188 6.32 17.54 55.88
C THR C 188 6.78 18.40 57.05
N ASP C 189 7.03 19.69 56.79
CA ASP C 189 7.41 20.58 57.88
C ASP C 189 6.31 20.68 58.93
N TYR C 190 5.05 20.79 58.50
CA TYR C 190 3.97 20.73 59.48
C TYR C 190 3.99 19.42 60.26
N LEU C 191 4.24 18.30 59.58
CA LEU C 191 4.28 17.02 60.26
C LEU C 191 5.36 16.97 61.32
N MET C 192 6.49 17.63 61.09
CA MET C 192 7.49 17.73 62.15
C MET C 192 6.97 18.57 63.31
N LYS C 193 6.42 19.75 63.00
CA LYS C 193 6.02 20.67 64.04
C LYS C 193 4.89 20.13 64.91
N ILE C 194 4.00 19.33 64.32
CA ILE C 194 3.02 18.59 65.10
C ILE C 194 3.63 17.38 65.83
N LEU C 195 4.53 16.63 65.20
CA LEU C 195 5.10 15.48 65.91
C LEU C 195 5.83 15.92 67.18
N THR C 196 6.39 17.13 67.16
CA THR C 196 7.03 17.68 68.34
C THR C 196 6.11 17.63 69.56
N GLU C 197 4.80 17.78 69.34
CA GLU C 197 3.85 17.78 70.46
C GLU C 197 3.71 16.43 71.14
N ARG C 198 3.97 15.33 70.45
CA ARG C 198 4.07 14.05 71.13
C ARG C 198 5.47 13.76 71.67
N GLY C 199 6.34 14.76 71.68
CA GLY C 199 7.67 14.59 72.26
C GLY C 199 8.67 13.86 71.39
N TYR C 200 8.57 14.02 70.07
CA TYR C 200 9.52 13.45 69.12
C TYR C 200 10.01 14.60 68.26
N SER C 201 11.28 14.60 67.90
CA SER C 201 11.79 15.75 67.18
C SER C 201 12.74 15.30 66.08
N PHE C 202 12.66 15.98 64.94
CA PHE C 202 13.58 15.78 63.84
C PHE C 202 14.01 17.15 63.34
N VAL C 203 15.31 17.40 63.33
CA VAL C 203 15.84 18.73 63.04
C VAL C 203 16.59 18.74 61.72
N THR C 204 17.49 17.78 61.51
CA THR C 204 18.37 17.79 60.36
C THR C 204 17.64 17.31 59.10
N THR C 205 18.24 17.61 57.95
CA THR C 205 17.67 17.22 56.67
C THR C 205 17.44 15.71 56.61
N ALA C 206 18.43 14.92 57.04
CA ALA C 206 18.27 13.48 56.98
C ALA C 206 17.13 13.02 57.88
N GLU C 207 16.89 13.74 58.97
CA GLU C 207 15.76 13.35 59.81
C GLU C 207 14.46 13.74 59.11
N ARG C 208 14.48 14.85 58.38
CA ARG C 208 13.31 15.25 57.60
C ARG C 208 12.93 14.16 56.61
N GLU C 209 13.92 13.53 55.98
CA GLU C 209 13.57 12.41 55.10
C GLU C 209 13.14 11.14 55.83
N ILE C 210 13.31 11.05 57.15
CA ILE C 210 12.56 10.05 57.89
C ILE C 210 11.11 10.51 58.04
N VAL C 211 10.92 11.79 58.37
CA VAL C 211 9.56 12.31 58.53
C VAL C 211 8.77 12.03 57.27
N ARG C 212 9.35 12.34 56.12
CA ARG C 212 8.66 12.13 54.85
C ARG C 212 8.20 10.69 54.72
N ASP C 213 9.04 9.73 55.10
CA ASP C 213 8.63 8.34 54.96
C ASP C 213 7.51 8.00 55.93
N ILE C 214 7.46 8.70 57.07
CA ILE C 214 6.30 8.58 57.94
C ILE C 214 5.07 9.07 57.20
N LYS C 215 5.20 10.26 56.59
CA LYS C 215 4.08 10.90 55.91
C LYS C 215 3.51 9.96 54.86
N GLU C 216 4.39 9.30 54.11
CA GLU C 216 3.96 8.41 53.05
C GLU C 216 3.34 7.14 53.62
N LYS C 217 3.86 6.63 54.72
CA LYS C 217 3.41 5.32 55.18
C LYS C 217 2.15 5.36 56.04
N LEU C 218 2.00 6.35 56.92
CA LEU C 218 0.98 6.28 57.96
C LEU C 218 -0.19 7.24 57.78
N CYS C 219 0.01 8.37 57.12
CA CYS C 219 -1.07 9.35 57.02
C CYS C 219 -2.24 8.84 56.20
N TYR C 220 -3.38 9.49 56.39
CA TYR C 220 -4.61 9.26 55.64
C TYR C 220 -5.53 10.43 55.94
N VAL C 221 -6.54 10.62 55.10
CA VAL C 221 -7.44 11.77 55.21
C VAL C 221 -8.80 11.30 55.68
N ALA C 222 -9.33 12.00 56.68
CA ALA C 222 -10.62 11.67 57.29
C ALA C 222 -11.77 12.14 56.42
N LEU C 223 -12.74 11.25 56.21
CA LEU C 223 -13.92 11.60 55.43
C LEU C 223 -14.66 12.76 56.07
N ASP C 224 -14.68 12.82 57.39
CA ASP C 224 -15.02 14.03 58.12
C ASP C 224 -14.10 14.17 59.33
N PHE C 225 -13.70 15.41 59.62
CA PHE C 225 -12.50 15.68 60.38
C PHE C 225 -12.77 15.82 61.88
N GLU C 226 -13.84 16.51 62.26
CA GLU C 226 -14.15 16.65 63.67
C GLU C 226 -14.63 15.36 64.31
N ASN C 227 -15.30 14.49 63.56
CA ASN C 227 -15.68 13.19 64.12
C ASN C 227 -14.46 12.35 64.47
N GLU C 228 -13.50 12.24 63.55
CA GLU C 228 -12.31 11.46 63.87
C GLU C 228 -11.42 12.14 64.89
N MET C 229 -11.36 13.48 64.86
CA MET C 229 -10.66 14.20 65.92
C MET C 229 -11.21 13.84 67.30
N ALA C 230 -12.53 13.87 67.46
CA ALA C 230 -13.12 13.48 68.74
C ALA C 230 -12.86 12.00 69.03
N THR C 231 -13.05 11.14 68.03
CA THR C 231 -13.01 9.70 68.24
C THR C 231 -11.63 9.23 68.66
N ALA C 232 -10.57 9.79 68.06
CA ALA C 232 -9.23 9.38 68.43
C ALA C 232 -8.90 9.78 69.86
N ALA C 233 -9.42 10.91 70.34
CA ALA C 233 -9.32 11.18 71.76
C ALA C 233 -10.09 10.15 72.56
N SER C 234 -11.27 9.77 72.06
CA SER C 234 -12.12 8.80 72.74
C SER C 234 -11.62 7.36 72.67
N SER C 235 -10.63 7.04 71.83
CA SER C 235 -10.17 5.67 71.78
C SER C 235 -8.76 5.58 71.19
N SER C 236 -8.04 4.54 71.61
CA SER C 236 -6.72 4.23 71.05
C SER C 236 -6.76 3.77 69.60
N SER C 237 -7.87 3.13 69.19
CA SER C 237 -7.86 2.26 68.01
C SER C 237 -7.32 2.92 66.76
N LEU C 238 -7.46 4.24 66.65
CA LEU C 238 -6.85 4.99 65.56
C LEU C 238 -5.33 5.05 65.63
N GLU C 239 -4.72 4.84 66.80
CA GLU C 239 -3.27 4.86 66.90
C GLU C 239 -2.62 3.78 66.04
N LYS C 240 -1.40 4.06 65.60
CA LYS C 240 -0.56 3.11 64.88
C LYS C 240 0.89 3.45 65.20
N SER C 241 1.78 2.48 64.93
CA SER C 241 3.17 2.63 65.30
C SER C 241 4.08 2.13 64.19
N TYR C 242 5.33 2.62 64.23
CA TYR C 242 6.25 2.53 63.10
C TYR C 242 7.67 2.49 63.65
N GLU C 243 8.59 1.98 62.84
CA GLU C 243 9.96 1.75 63.28
C GLU C 243 10.91 2.73 62.62
N LEU C 244 11.77 3.35 63.41
CA LEU C 244 12.89 4.11 62.89
C LEU C 244 13.95 3.15 62.35
N PRO C 245 14.92 3.65 61.56
CA PRO C 245 15.94 2.75 61.00
C PRO C 245 16.63 1.86 62.02
N ASP C 246 16.89 2.39 63.22
CA ASP C 246 17.62 1.67 64.26
C ASP C 246 16.73 0.76 65.11
N GLY C 247 15.47 0.61 64.74
CA GLY C 247 14.58 -0.32 65.42
C GLY C 247 13.91 0.21 66.66
N GLN C 248 14.20 1.45 67.06
CA GLN C 248 13.31 2.14 67.99
C GLN C 248 11.95 2.34 67.35
N VAL C 249 10.92 2.45 68.19
CA VAL C 249 9.54 2.40 67.74
C VAL C 249 8.79 3.61 68.28
N ILE C 250 7.91 4.17 67.47
CA ILE C 250 7.18 5.40 67.79
C ILE C 250 5.71 5.14 67.58
N THR C 251 4.87 5.67 68.47
CA THR C 251 3.43 5.58 68.35
C THR C 251 2.86 6.91 67.85
N ILE C 252 1.95 6.82 66.88
CA ILE C 252 1.43 8.00 66.20
C ILE C 252 -0.09 7.95 66.21
N GLY C 253 -0.71 9.12 66.30
CA GLY C 253 -2.01 9.27 66.92
C GLY C 253 -3.18 9.65 66.02
N ASN C 254 -4.08 10.43 66.61
CA ASN C 254 -4.97 11.31 65.86
C ASN C 254 -4.24 12.21 64.89
N GLU C 255 -3.00 12.57 65.22
CA GLU C 255 -2.22 13.44 64.35
C GLU C 255 -2.05 12.89 62.94
N ARG C 256 -1.98 11.56 62.77
CA ARG C 256 -1.65 11.06 61.45
C ARG C 256 -2.67 11.44 60.39
N PHE C 257 -3.96 11.55 60.76
CA PHE C 257 -4.89 12.20 59.84
C PHE C 257 -4.83 13.72 59.92
N ARG C 258 -4.52 14.27 61.10
CA ARG C 258 -4.50 15.72 61.27
C ARG C 258 -3.56 16.41 60.30
N CYS C 259 -2.47 15.73 59.91
CA CYS C 259 -1.49 16.38 59.04
C CYS C 259 -2.00 16.68 57.64
N PRO C 260 -2.51 15.72 56.86
CA PRO C 260 -3.01 16.06 55.51
C PRO C 260 -4.24 16.95 55.48
N GLU C 261 -4.91 17.18 56.61
CA GLU C 261 -5.97 18.18 56.67
C GLU C 261 -5.53 19.57 56.24
N THR C 262 -4.25 19.92 56.44
CA THR C 262 -3.79 21.25 56.02
C THR C 262 -4.06 21.55 54.55
N LEU C 263 -4.11 20.53 53.69
CA LEU C 263 -4.49 20.76 52.31
C LEU C 263 -5.89 21.35 52.22
N PHE C 264 -6.83 20.76 52.97
CA PHE C 264 -8.21 21.24 53.03
C PHE C 264 -8.35 22.51 53.86
N GLN C 265 -7.51 22.69 54.88
CA GLN C 265 -7.49 23.96 55.62
C GLN C 265 -6.08 24.52 55.70
N PRO C 266 -5.74 25.47 54.83
CA PRO C 266 -4.41 26.10 54.89
C PRO C 266 -4.17 26.91 56.14
N SER C 267 -5.21 27.23 56.91
CA SER C 267 -5.05 28.08 58.08
C SER C 267 -4.07 27.46 59.09
N PHE C 268 -4.09 26.13 59.24
CA PHE C 268 -3.22 25.48 60.21
C PHE C 268 -1.75 25.82 60.00
N ILE C 269 -1.26 25.69 58.77
CA ILE C 269 0.14 26.03 58.49
C ILE C 269 0.40 27.52 58.62
N GLY C 270 -0.64 28.34 58.55
CA GLY C 270 -0.53 29.77 58.79
C GLY C 270 -0.79 30.61 57.57
N MET C 271 -1.28 29.99 56.49
CA MET C 271 -1.70 30.68 55.29
C MET C 271 -3.12 31.21 55.49
N GLU C 272 -3.40 32.36 54.90
CA GLU C 272 -4.79 32.64 54.51
C GLU C 272 -4.93 32.27 53.05
N SER C 273 -5.65 31.18 52.82
CA SER C 273 -5.93 30.56 51.55
C SER C 273 -7.15 29.68 51.78
N ALA C 274 -7.70 29.16 50.70
CA ALA C 274 -8.72 28.14 50.85
C ALA C 274 -8.22 26.85 50.21
N GLY C 275 -8.66 25.74 50.79
CA GLY C 275 -8.09 24.46 50.40
C GLY C 275 -8.38 24.09 48.97
N ILE C 276 -7.70 23.03 48.55
CA ILE C 276 -7.72 22.61 47.15
C ILE C 276 -9.13 22.38 46.61
N HIS C 277 -10.07 22.01 47.48
CA HIS C 277 -11.48 21.97 47.07
C HIS C 277 -11.97 23.34 46.65
N GLU C 278 -11.80 24.35 47.50
CA GLU C 278 -12.35 25.66 47.20
C GLU C 278 -11.57 26.35 46.09
N THR C 279 -10.27 26.11 46.00
CA THR C 279 -9.53 26.68 44.88
C THR C 279 -9.88 26.01 43.56
N THR C 280 -10.29 24.74 43.60
CA THR C 280 -10.88 24.13 42.42
C THR C 280 -12.20 24.79 42.06
N TYR C 281 -13.08 24.97 43.04
CA TYR C 281 -14.36 25.62 42.79
C TYR C 281 -14.19 27.04 42.25
N ASN C 282 -13.34 27.82 42.90
CA ASN C 282 -12.99 29.17 42.41
C ASN C 282 -12.34 29.18 41.03
N SER C 283 -11.67 28.09 40.64
CA SER C 283 -11.24 27.99 39.25
C SER C 283 -12.40 27.72 38.30
N ILE C 284 -13.29 26.82 38.69
CA ILE C 284 -14.49 26.57 37.89
C ILE C 284 -15.32 27.84 37.70
N MET C 285 -15.42 28.67 38.73
CA MET C 285 -16.18 29.92 38.62
C MET C 285 -15.65 30.83 37.53
N LYS C 286 -14.33 31.01 37.46
CA LYS C 286 -13.75 31.92 36.48
C LYS C 286 -14.07 31.52 35.03
N CYS C 287 -14.35 30.26 34.77
CA CYS C 287 -14.63 29.78 33.42
C CYS C 287 -16.14 29.59 33.23
N ASP C 288 -16.60 29.82 32.00
CA ASP C 288 -18.00 30.15 31.76
C ASP C 288 -18.88 28.91 31.90
N ILE C 289 -20.17 29.15 32.19
CA ILE C 289 -21.17 28.10 32.30
C ILE C 289 -21.29 27.26 31.03
N ASP C 290 -20.88 27.76 29.87
CA ASP C 290 -20.73 26.93 28.69
C ASP C 290 -19.90 25.68 29.00
N ILE C 291 -18.75 25.90 29.62
CA ILE C 291 -17.84 24.83 30.01
C ILE C 291 -18.31 24.09 31.26
N ARG C 292 -18.71 24.84 32.29
CA ARG C 292 -18.61 24.40 33.68
C ARG C 292 -19.10 22.97 33.93
N LYS C 293 -20.23 22.60 33.32
CA LYS C 293 -20.79 21.28 33.59
C LYS C 293 -19.78 20.16 33.34
N ASP C 294 -18.92 20.33 32.34
CA ASP C 294 -18.01 19.25 31.97
C ASP C 294 -16.75 19.25 32.81
N LEU C 295 -16.42 20.37 33.47
CA LEU C 295 -15.38 20.33 34.49
C LEU C 295 -15.90 19.69 35.77
N TYR C 296 -17.13 20.03 36.17
CA TYR C 296 -17.76 19.29 37.25
C TYR C 296 -17.82 17.80 36.94
N ALA C 297 -17.94 17.45 35.66
CA ALA C 297 -17.95 16.04 35.26
C ALA C 297 -16.56 15.42 35.14
N ASN C 298 -15.47 16.19 35.19
CA ASN C 298 -14.14 15.60 35.21
C ASN C 298 -13.19 16.37 36.12
N ASN C 299 -12.66 15.68 37.14
CA ASN C 299 -11.55 16.16 37.93
C ASN C 299 -10.48 15.08 37.91
N VAL C 300 -9.27 15.46 37.50
CA VAL C 300 -8.15 14.53 37.37
C VAL C 300 -7.04 14.98 38.31
N MET C 301 -6.48 14.04 39.05
CA MET C 301 -5.51 14.32 40.09
C MET C 301 -4.14 13.84 39.66
N SER C 302 -3.11 14.66 39.88
CA SER C 302 -1.75 14.31 39.50
C SER C 302 -0.81 14.54 40.67
N GLY C 303 0.28 13.78 40.68
CA GLY C 303 1.39 14.05 41.55
C GLY C 303 1.20 13.50 42.95
N GLY C 304 2.33 13.39 43.66
CA GLY C 304 2.42 12.45 44.77
C GLY C 304 1.39 12.71 45.86
N THR C 305 1.26 13.96 46.29
CA THR C 305 0.42 14.29 47.45
C THR C 305 -1.01 13.82 47.28
N THR C 306 -1.52 13.78 46.04
CA THR C 306 -2.87 13.25 45.82
C THR C 306 -3.04 11.83 46.31
N MET C 307 -1.96 11.09 46.54
CA MET C 307 -2.09 9.67 46.84
C MET C 307 -2.53 9.36 48.26
N TYR C 308 -2.70 10.35 49.15
CA TYR C 308 -3.21 10.04 50.48
C TYR C 308 -4.52 9.27 50.40
N PRO C 309 -4.61 8.08 50.97
CA PRO C 309 -5.85 7.29 50.92
C PRO C 309 -7.09 8.05 51.39
N GLY C 310 -8.11 8.14 50.54
CA GLY C 310 -9.32 8.84 50.89
C GLY C 310 -9.38 10.33 50.55
N ILE C 311 -8.35 10.88 49.91
CA ILE C 311 -8.45 12.26 49.46
C ILE C 311 -9.53 12.42 48.40
N ALA C 312 -9.72 11.40 47.55
CA ALA C 312 -10.72 11.49 46.50
C ALA C 312 -12.12 11.58 47.07
N ASP C 313 -12.45 10.71 48.02
CA ASP C 313 -13.81 10.72 48.56
C ASP C 313 -14.08 11.99 49.36
N ARG C 314 -13.07 12.47 50.09
CA ARG C 314 -13.20 13.74 50.79
C ARG C 314 -13.44 14.89 49.82
N MET C 315 -12.81 14.90 48.65
CA MET C 315 -13.15 15.95 47.70
C MET C 315 -14.53 15.77 47.11
N GLN C 316 -14.90 14.55 46.72
CA GLN C 316 -16.21 14.39 46.12
C GLN C 316 -17.32 14.83 47.07
N LYS C 317 -17.15 14.54 48.36
CA LYS C 317 -18.05 15.11 49.37
C LYS C 317 -17.97 16.63 49.42
N GLU C 318 -16.76 17.19 49.54
CA GLU C 318 -16.69 18.59 49.93
C GLU C 318 -16.93 19.53 48.76
N ILE C 319 -16.73 19.06 47.53
CA ILE C 319 -17.27 19.77 46.37
C ILE C 319 -18.78 19.61 46.30
N THR C 320 -19.29 18.36 46.31
CA THR C 320 -20.70 18.16 46.05
C THR C 320 -21.56 18.95 47.02
N ALA C 321 -21.17 18.99 48.29
CA ALA C 321 -21.90 19.80 49.26
C ALA C 321 -21.77 21.28 48.97
N LEU C 322 -20.61 21.71 48.46
CA LEU C 322 -20.45 23.08 47.99
C LEU C 322 -21.17 23.32 46.68
N ALA C 323 -21.12 22.37 45.76
CA ALA C 323 -21.57 22.59 44.40
C ALA C 323 -23.09 22.81 44.33
N PRO C 324 -23.59 23.32 43.20
CA PRO C 324 -25.01 23.21 42.90
C PRO C 324 -25.52 21.78 42.95
N SER C 325 -26.71 21.62 43.54
CA SER C 325 -27.14 20.37 44.15
C SER C 325 -27.48 19.30 43.13
N THR C 326 -27.81 19.68 41.90
CA THR C 326 -28.56 18.82 40.99
C THR C 326 -27.65 18.09 40.02
N MET C 327 -26.35 18.34 40.08
CA MET C 327 -25.44 18.18 38.96
C MET C 327 -24.29 17.28 39.40
N LYS C 328 -24.14 16.14 38.73
CA LYS C 328 -23.27 15.09 39.24
C LYS C 328 -21.81 15.54 39.27
N ILE C 329 -21.12 15.20 40.36
CA ILE C 329 -19.71 15.51 40.55
C ILE C 329 -18.94 14.20 40.54
N LYS C 330 -17.85 14.15 39.76
CA LYS C 330 -17.07 12.94 39.63
C LYS C 330 -15.59 13.27 39.68
N ILE C 331 -14.82 12.41 40.36
CA ILE C 331 -13.41 12.65 40.65
C ILE C 331 -12.67 11.39 40.23
N ILE C 332 -11.57 11.57 39.49
CA ILE C 332 -10.98 10.46 38.76
C ILE C 332 -9.51 10.35 39.15
N ALA C 333 -9.15 9.23 39.75
CA ALA C 333 -7.87 9.04 40.42
C ALA C 333 -7.29 7.72 39.94
N PRO C 334 -6.54 7.73 38.84
CA PRO C 334 -5.79 6.53 38.47
C PRO C 334 -4.70 6.27 39.49
N PRO C 335 -4.47 5.00 39.86
CA PRO C 335 -3.34 4.71 40.75
C PRO C 335 -2.01 5.15 40.20
N GLU C 336 -1.85 5.20 38.87
CA GLU C 336 -0.61 5.66 38.27
C GLU C 336 -0.25 7.08 38.65
N ARG C 337 -1.22 7.86 39.16
CA ARG C 337 -1.18 9.31 39.00
C ARG C 337 0.12 9.93 39.47
N LYS C 338 0.84 9.29 40.40
CA LYS C 338 2.18 9.75 40.71
C LYS C 338 3.06 9.84 39.48
N TYR C 339 2.85 8.96 38.50
CA TYR C 339 3.61 8.95 37.26
C TYR C 339 2.89 9.57 36.06
N SER C 340 1.62 9.96 36.22
CA SER C 340 0.83 10.35 35.06
C SER C 340 1.46 11.54 34.33
N VAL C 341 2.07 12.47 35.07
CA VAL C 341 2.73 13.61 34.45
C VAL C 341 3.88 13.20 33.55
N TRP C 342 4.58 12.11 33.89
CA TRP C 342 5.55 11.54 32.95
C TRP C 342 4.88 10.78 31.81
N ILE C 343 3.90 9.93 32.13
CA ILE C 343 3.25 9.13 31.09
C ILE C 343 2.69 10.01 29.98
N GLY C 344 2.07 11.13 30.34
CA GLY C 344 1.60 12.05 29.32
C GLY C 344 2.70 12.69 28.51
N GLY C 345 3.92 12.78 29.05
CA GLY C 345 5.04 13.19 28.24
C GLY C 345 5.50 12.10 27.30
N SER C 346 5.47 10.85 27.77
CA SER C 346 5.75 9.71 26.91
C SER C 346 4.80 9.67 25.73
N ILE C 347 3.54 10.04 25.94
CA ILE C 347 2.59 10.15 24.84
C ILE C 347 2.92 11.34 23.95
N LEU C 348 3.04 12.53 24.53
CA LEU C 348 3.19 13.75 23.74
C LEU C 348 4.48 13.76 22.91
N ALA C 349 5.56 13.16 23.41
CA ALA C 349 6.80 13.12 22.63
C ALA C 349 6.74 12.11 21.50
N SER C 350 5.73 11.26 21.44
CA SER C 350 5.62 10.25 20.40
C SER C 350 4.48 10.51 19.43
N LEU C 351 3.75 11.61 19.59
CA LEU C 351 2.87 12.07 18.53
C LEU C 351 3.68 12.60 17.37
N SER C 352 3.19 12.37 16.15
CA SER C 352 3.94 12.75 14.96
C SER C 352 3.77 14.23 14.66
N THR C 353 2.57 14.76 14.86
CA THR C 353 2.34 16.19 14.72
C THR C 353 3.37 17.00 15.49
N PHE C 354 3.70 16.55 16.70
CA PHE C 354 4.59 17.30 17.58
C PHE C 354 6.00 17.45 17.02
N GLN C 355 6.43 16.57 16.12
CA GLN C 355 7.77 16.66 15.56
C GLN C 355 8.04 18.01 14.88
N GLN C 356 6.99 18.67 14.37
CA GLN C 356 7.16 20.03 13.90
C GLN C 356 7.55 20.99 15.01
N MET C 357 7.11 20.72 16.24
CA MET C 357 7.14 21.73 17.31
C MET C 357 8.46 21.82 18.05
N TRP C 358 9.33 20.82 17.95
CA TRP C 358 10.60 20.89 18.68
C TRP C 358 11.38 22.15 18.32
N ILE C 359 11.77 22.90 19.34
CA ILE C 359 12.80 23.92 19.13
C ILE C 359 14.07 23.21 18.72
N THR C 360 14.76 23.73 17.72
CA THR C 360 15.98 23.07 17.29
C THR C 360 17.16 24.03 17.34
N LYS C 361 18.36 23.42 17.38
CA LYS C 361 19.59 24.18 17.60
C LYS C 361 19.70 25.35 16.66
N GLN C 362 19.32 25.14 15.40
CA GLN C 362 19.42 26.17 14.37
C GLN C 362 18.62 27.41 14.75
N GLU C 363 17.36 27.20 15.15
CA GLU C 363 16.46 28.30 15.48
C GLU C 363 16.87 29.00 16.76
N TYR C 364 17.41 28.25 17.73
CA TYR C 364 17.97 28.87 18.92
C TYR C 364 19.18 29.74 18.58
N ASP C 365 20.11 29.20 17.80
CA ASP C 365 21.28 29.98 17.40
C ASP C 365 20.89 31.21 16.58
N GLU C 366 19.80 31.13 15.82
CA GLU C 366 19.30 32.32 15.15
C GLU C 366 18.78 33.34 16.14
N ALA C 367 17.88 32.93 17.04
CA ALA C 367 17.02 33.87 17.75
C ALA C 367 17.36 33.99 19.22
N GLY C 368 18.37 33.26 19.69
CA GLY C 368 18.74 33.28 21.10
C GLY C 368 17.76 32.47 21.92
N PRO C 369 17.98 32.41 23.24
CA PRO C 369 17.06 31.68 24.11
C PRO C 369 15.64 32.21 24.07
N SER C 370 15.43 33.47 23.70
CA SER C 370 14.11 34.08 23.77
C SER C 370 13.05 33.30 22.99
N ILE C 371 13.47 32.55 21.98
CA ILE C 371 12.54 31.76 21.16
C ILE C 371 11.63 30.87 22.02
N VAL C 372 12.14 30.36 23.13
CA VAL C 372 11.43 29.32 23.89
C VAL C 372 10.07 29.78 24.36
N HIS C 373 9.94 31.05 24.72
CA HIS C 373 8.64 31.58 25.11
C HIS C 373 7.70 31.67 23.92
N ARG C 374 8.23 32.02 22.75
CA ARG C 374 7.40 32.17 21.56
C ARG C 374 6.88 30.82 21.07
N LYS C 375 7.77 29.83 20.91
CA LYS C 375 7.28 28.53 20.46
C LYS C 375 6.50 27.80 21.54
N CYS C 376 6.98 27.78 22.78
CA CYS C 376 6.51 26.77 23.72
C CYS C 376 5.10 27.06 24.18
N PHE C 377 4.84 28.31 24.57
CA PHE C 377 3.62 28.65 25.27
C PHE C 377 3.25 30.10 25.02
PB ADP D . 7.22 15.62 41.41
O1B ADP D . 8.70 15.88 41.36
O2B ADP D . 6.71 14.66 40.36
O3B ADP D . 6.39 16.86 41.57
PA ADP D . 5.61 14.15 43.13
O1A ADP D . 5.73 12.66 42.93
O2A ADP D . 4.54 14.91 42.39
O3A ADP D . 7.02 14.84 42.79
O5' ADP D . 5.46 14.47 44.69
C5' ADP D . 6.41 13.99 45.64
C4' ADP D . 5.78 14.13 47.00
O4' ADP D . 4.78 13.12 47.13
C3' ADP D . 6.75 13.90 48.15
O3' ADP D . 6.44 14.80 49.22
C2' ADP D . 6.45 12.49 48.59
O2' ADP D . 6.77 12.31 49.96
C1' ADP D . 4.95 12.46 48.39
N9 ADP D . 4.48 11.07 48.31
C8 ADP D . 5.05 10.08 47.61
N7 ADP D . 4.36 8.92 47.76
C5 ADP D . 3.34 9.17 48.59
C6 ADP D . 2.23 8.38 49.18
N6 ADP D . 2.09 7.07 48.90
N1 ADP D . 1.38 9.02 50.00
C2 ADP D . 1.52 10.33 50.29
N3 ADP D . 2.49 11.10 49.79
C4 ADP D . 3.43 10.59 48.97
P PO4 E . 5.73 20.07 40.78
O1 PO4 E . 6.90 19.70 41.66
O2 PO4 E . 6.15 21.11 39.78
O3 PO4 E . 5.25 18.84 40.04
O4 PO4 E . 4.60 20.60 41.63
MG MG F . 5.38 16.57 39.78
C35 9UE G . 14.38 39.99 43.88
C34 9UE G . 14.24 33.02 41.59
C33 9UE G . 14.65 32.47 40.39
C32 9UE G . 14.61 33.21 39.23
C31 9UE G . 14.14 34.53 39.26
C30 9UE G . 13.72 35.07 40.47
C29 9UE G . 13.77 34.32 41.65
C28 9UE G . 7.41 31.68 45.16
C27 9UE G . 6.34 32.03 43.27
C26 9UE G . 5.39 32.10 42.26
C25 9UE G . 5.78 32.63 41.05
C24 9UE G . 7.08 33.06 40.84
O2 9UE G . 12.42 34.27 45.47
C1 9UE G . 11.83 38.46 46.42
O1 9UE G . 13.84 37.83 41.61
C2 9UE G . 12.61 39.49 45.58
C3 9UE G . 13.56 38.92 44.56
O3 9UE G . 8.81 36.28 45.68
C4 9UE G . 13.53 37.50 42.71
C5 9UE G . 13.95 36.24 43.40
O4 9UE G . 8.08 37.74 50.16
C6 9UE G . 13.32 34.86 43.01
C23 9UE G . 8.02 32.98 41.86
C22 9UE G . 7.65 32.45 43.09
C21 9UE G . 8.35 32.22 44.32
C20 9UE G . 9.81 32.56 44.51
C19 9UE G . 10.05 33.28 47.26
C18 9UE G . 7.36 35.01 48.41
C17 9UE G . 7.39 40.29 50.06
N3 9UE G . 6.20 31.55 44.55
C16 9UE G . 10.71 40.34 48.92
C15 9UE G . 10.47 39.05 46.76
N2 9UE G . 8.19 37.26 47.94
C14 9UE G . 9.95 39.78 47.74
C13 9UE G . 8.48 40.18 47.71
C12 9UE G . 7.55 39.52 48.74
N1 9UE G . 9.67 34.32 46.29
C11 9UE G . 7.97 38.08 48.99
C10 9UE G . 8.57 35.86 47.99
C9 9UE G . 9.06 35.49 46.58
C8 9UE G . 10.11 34.02 44.91
C7 9UE G . 11.57 34.33 44.58
O5 9UE G . 15.03 32.64 38.07
BR 9UE G . 7.53 31.11 46.92
N 9UE G . 11.91 34.63 43.32
O 9UE G . 12.77 38.24 43.52
C 9UE G . 12.64 37.91 47.60
#